data_3OEB
# 
_entry.id   3OEB 
# 
_audit_conform.dict_name       mmcif_pdbx.dic 
_audit_conform.dict_version    5.379 
_audit_conform.dict_location   http://mmcif.pdb.org/dictionaries/ascii/mmcif_pdbx.dic 
# 
loop_
_database_2.database_id 
_database_2.database_code 
_database_2.pdbx_database_accession 
_database_2.pdbx_DOI 
PDB   3OEB         pdb_00003oeb 10.2210/pdb3oeb/pdb 
RCSB  RCSB061007   ?            ?                   
WWPDB D_1000061007 ?            ?                   
# 
_pdbx_database_related.db_name        PDB 
_pdbx_database_related.db_id          3OEA 
_pdbx_database_related.details        . 
_pdbx_database_related.content_type   unspecified 
# 
_pdbx_database_status.status_code                     REL 
_pdbx_database_status.entry_id                        3OEB 
_pdbx_database_status.recvd_initial_deposition_date   2010-08-12 
_pdbx_database_status.deposit_site                    RCSB 
_pdbx_database_status.process_site                    RCSB 
_pdbx_database_status.status_code_sf                  REL 
_pdbx_database_status.status_code_mr                  ? 
_pdbx_database_status.SG_entry                        ? 
_pdbx_database_status.status_code_cs                  ? 
_pdbx_database_status.pdb_format_compatible           Y 
_pdbx_database_status.status_code_nmr_data            ? 
_pdbx_database_status.methods_development_category    ? 
# 
loop_
_audit_author.name 
_audit_author.pdbx_ordinal 
'Agarwal, V.' 1 
'Nair, S.K.'  2 
# 
_citation.id                        primary 
_citation.title                     
;Mutational insights into the roles of amino acid residues in ligand binding for two closely related family 16 carbohydrate binding modules.
;
_citation.journal_abbrev            J.Biol.Chem. 
_citation.journal_volume            285 
_citation.page_first                34665 
_citation.page_last                 34676 
_citation.year                      2010 
_citation.journal_id_ASTM           JBCHA3 
_citation.country                   US 
_citation.journal_id_ISSN           0021-9258 
_citation.journal_id_CSD            0071 
_citation.book_publisher            ? 
_citation.pdbx_database_id_PubMed   20739280 
_citation.pdbx_database_id_DOI      10.1074/jbc.M110.168302 
# 
loop_
_citation_author.citation_id 
_citation_author.name 
_citation_author.ordinal 
_citation_author.identifier_ORCID 
primary 'Su, X.'       1 ? 
primary 'Agarwal, V.'  2 ? 
primary 'Dodd, D.'     3 ? 
primary 'Bae, B.'      4 ? 
primary 'Mackie, R.I.' 5 ? 
primary 'Nair, S.K.'   6 ? 
primary 'Cann, I.K.'   7 ? 
# 
_cell.entry_id           3OEB 
_cell.length_a           56.440 
_cell.length_b           96.516 
_cell.length_c           72.935 
_cell.angle_alpha        90.00 
_cell.angle_beta         90.00 
_cell.angle_gamma        90.00 
_cell.Z_PDB              8 
_cell.pdbx_unique_axis   ? 
_cell.length_a_esd       ? 
_cell.length_b_esd       ? 
_cell.length_c_esd       ? 
_cell.angle_alpha_esd    ? 
_cell.angle_beta_esd     ? 
_cell.angle_gamma_esd    ? 
# 
_symmetry.entry_id                         3OEB 
_symmetry.space_group_name_H-M             'C 2 2 21' 
_symmetry.pdbx_full_space_group_name_H-M   ? 
_symmetry.cell_setting                     ? 
_symmetry.Int_Tables_number                20 
_symmetry.space_group_name_Hall            ? 
# 
loop_
_entity.id 
_entity.type 
_entity.src_method 
_entity.pdbx_description 
_entity.formula_weight 
_entity.pdbx_number_of_molecules 
_entity.pdbx_ec 
_entity.pdbx_mutation 
_entity.pdbx_fragment 
_entity.details 
1 polymer     man 'S-layer associated multidomain endoglucanase' 15825.557 1   ? Q121E 'UNP residues 614-756' ? 
2 branched    man 
'beta-D-mannopyranose-(1-4)-beta-D-mannopyranose-(1-4)-beta-D-mannopyranose-(1-4)-beta-D-mannopyranose-(1-4)-alpha-D-mannopyranose' 
828.719   1   ? ?     ?                      ? 
3 non-polymer syn 'CALCIUM ION' 40.078    1   ? ?     ?                      ? 
4 non-polymer syn 'SULFATE ION' 96.063    2   ? ?     ?                      ? 
5 water       nat water 18.015    142 ? ?     ?                      ? 
# 
_entity_poly.entity_id                      1 
_entity_poly.type                           'polypeptide(L)' 
_entity_poly.nstd_linkage                   no 
_entity_poly.nstd_monomer                   no 
_entity_poly.pdbx_seq_one_letter_code       
;MVNMVSNPGFEDGLDSWQDWQQDMSAVPEAAHNGALGLKIGGGKAAGGGQDIPLKPNTTYILGAWAKFDSKPAGTFDVVV
QYHLKDANNTYVQHILNFNETDWTYKQLLFTTPDVFGSTPELALWKGDTSKANLYVDDVYLVEV
;
_entity_poly.pdbx_seq_one_letter_code_can   
;MVNMVSNPGFEDGLDSWQDWQQDMSAVPEAAHNGALGLKIGGGKAAGGGQDIPLKPNTTYILGAWAKFDSKPAGTFDVVV
QYHLKDANNTYVQHILNFNETDWTYKQLLFTTPDVFGSTPELALWKGDTSKANLYVDDVYLVEV
;
_entity_poly.pdbx_strand_id                 A 
_entity_poly.pdbx_target_identifier         ? 
# 
loop_
_entity_poly_seq.entity_id 
_entity_poly_seq.num 
_entity_poly_seq.mon_id 
_entity_poly_seq.hetero 
1 1   MET n 
1 2   VAL n 
1 3   ASN n 
1 4   MET n 
1 5   VAL n 
1 6   SER n 
1 7   ASN n 
1 8   PRO n 
1 9   GLY n 
1 10  PHE n 
1 11  GLU n 
1 12  ASP n 
1 13  GLY n 
1 14  LEU n 
1 15  ASP n 
1 16  SER n 
1 17  TRP n 
1 18  GLN n 
1 19  ASP n 
1 20  TRP n 
1 21  GLN n 
1 22  GLN n 
1 23  ASP n 
1 24  MET n 
1 25  SER n 
1 26  ALA n 
1 27  VAL n 
1 28  PRO n 
1 29  GLU n 
1 30  ALA n 
1 31  ALA n 
1 32  HIS n 
1 33  ASN n 
1 34  GLY n 
1 35  ALA n 
1 36  LEU n 
1 37  GLY n 
1 38  LEU n 
1 39  LYS n 
1 40  ILE n 
1 41  GLY n 
1 42  GLY n 
1 43  GLY n 
1 44  LYS n 
1 45  ALA n 
1 46  ALA n 
1 47  GLY n 
1 48  GLY n 
1 49  GLY n 
1 50  GLN n 
1 51  ASP n 
1 52  ILE n 
1 53  PRO n 
1 54  LEU n 
1 55  LYS n 
1 56  PRO n 
1 57  ASN n 
1 58  THR n 
1 59  THR n 
1 60  TYR n 
1 61  ILE n 
1 62  LEU n 
1 63  GLY n 
1 64  ALA n 
1 65  TRP n 
1 66  ALA n 
1 67  LYS n 
1 68  PHE n 
1 69  ASP n 
1 70  SER n 
1 71  LYS n 
1 72  PRO n 
1 73  ALA n 
1 74  GLY n 
1 75  THR n 
1 76  PHE n 
1 77  ASP n 
1 78  VAL n 
1 79  VAL n 
1 80  VAL n 
1 81  GLN n 
1 82  TYR n 
1 83  HIS n 
1 84  LEU n 
1 85  LYS n 
1 86  ASP n 
1 87  ALA n 
1 88  ASN n 
1 89  ASN n 
1 90  THR n 
1 91  TYR n 
1 92  VAL n 
1 93  GLN n 
1 94  HIS n 
1 95  ILE n 
1 96  LEU n 
1 97  ASN n 
1 98  PHE n 
1 99  ASN n 
1 100 GLU n 
1 101 THR n 
1 102 ASP n 
1 103 TRP n 
1 104 THR n 
1 105 TYR n 
1 106 LYS n 
1 107 GLN n 
1 108 LEU n 
1 109 LEU n 
1 110 PHE n 
1 111 THR n 
1 112 THR n 
1 113 PRO n 
1 114 ASP n 
1 115 VAL n 
1 116 PHE n 
1 117 GLY n 
1 118 SER n 
1 119 THR n 
1 120 PRO n 
1 121 GLU n 
1 122 LEU n 
1 123 ALA n 
1 124 LEU n 
1 125 TRP n 
1 126 LYS n 
1 127 GLY n 
1 128 ASP n 
1 129 THR n 
1 130 SER n 
1 131 LYS n 
1 132 ALA n 
1 133 ASN n 
1 134 LEU n 
1 135 TYR n 
1 136 VAL n 
1 137 ASP n 
1 138 ASP n 
1 139 VAL n 
1 140 TYR n 
1 141 LEU n 
1 142 VAL n 
1 143 GLU n 
1 144 VAL n 
# 
_entity_src_gen.entity_id                          1 
_entity_src_gen.pdbx_src_id                        1 
_entity_src_gen.pdbx_alt_source_flag               sample 
_entity_src_gen.pdbx_seq_type                      ? 
_entity_src_gen.pdbx_beg_seq_num                   ? 
_entity_src_gen.pdbx_end_seq_num                   ? 
_entity_src_gen.gene_src_common_name               ? 
_entity_src_gen.gene_src_genus                     ? 
_entity_src_gen.pdbx_gene_src_gene                 celA 
_entity_src_gen.gene_src_species                   ? 
_entity_src_gen.gene_src_strain                    ? 
_entity_src_gen.gene_src_tissue                    ? 
_entity_src_gen.gene_src_tissue_fraction           ? 
_entity_src_gen.gene_src_details                   ? 
_entity_src_gen.pdbx_gene_src_fragment             ? 
_entity_src_gen.pdbx_gene_src_scientific_name      'Caldanaerobius polysaccharolyticus' 
_entity_src_gen.pdbx_gene_src_ncbi_taxonomy_id     44256 
_entity_src_gen.pdbx_gene_src_variant              ? 
_entity_src_gen.pdbx_gene_src_cell_line            ? 
_entity_src_gen.pdbx_gene_src_atcc                 ? 
_entity_src_gen.pdbx_gene_src_organ                ? 
_entity_src_gen.pdbx_gene_src_organelle            ? 
_entity_src_gen.pdbx_gene_src_cell                 ? 
_entity_src_gen.pdbx_gene_src_cellular_location    ? 
_entity_src_gen.host_org_common_name               ? 
_entity_src_gen.pdbx_host_org_scientific_name      'Escherichia coli' 
_entity_src_gen.pdbx_host_org_ncbi_taxonomy_id     469008 
_entity_src_gen.host_org_genus                     ? 
_entity_src_gen.pdbx_host_org_gene                 ? 
_entity_src_gen.pdbx_host_org_organ                ? 
_entity_src_gen.host_org_species                   ? 
_entity_src_gen.pdbx_host_org_tissue               ? 
_entity_src_gen.pdbx_host_org_tissue_fraction      ? 
_entity_src_gen.pdbx_host_org_strain               'BL21(DE3)' 
_entity_src_gen.pdbx_host_org_variant              ? 
_entity_src_gen.pdbx_host_org_cell_line            ? 
_entity_src_gen.pdbx_host_org_atcc                 ? 
_entity_src_gen.pdbx_host_org_culture_collection   ? 
_entity_src_gen.pdbx_host_org_cell                 ? 
_entity_src_gen.pdbx_host_org_organelle            ? 
_entity_src_gen.pdbx_host_org_cellular_location    ? 
_entity_src_gen.pdbx_host_org_vector_type          pET-28 
_entity_src_gen.pdbx_host_org_vector               ? 
_entity_src_gen.host_org_details                   ? 
_entity_src_gen.expression_system_id               ? 
_entity_src_gen.plasmid_name                       ? 
_entity_src_gen.plasmid_details                    ? 
_entity_src_gen.pdbx_description                   ? 
# 
_struct_ref.id                         1 
_struct_ref.db_name                    UNP 
_struct_ref.db_code                    Q9ZA17_9FIRM 
_struct_ref.pdbx_db_accession          Q9ZA17 
_struct_ref.entity_id                  1 
_struct_ref.pdbx_seq_one_letter_code   
;VNMVSNPGFEDGLDSWQDWQQDMSAVPEAAHNGALGLKIGGGKAAGGGQDIPLKPNTTYILGAWAKFDSKPAGTFDVVVQ
YHLKDANNTYVQHILNFNETDWTYKQLLFTTPDVFGSTPQLALWKGDTSKANLYVDDVYLVEV
;
_struct_ref.pdbx_align_begin           614 
_struct_ref.pdbx_db_isoform            ? 
# 
_struct_ref_seq.align_id                      1 
_struct_ref_seq.ref_id                        1 
_struct_ref_seq.pdbx_PDB_id_code              3OEB 
_struct_ref_seq.pdbx_strand_id                A 
_struct_ref_seq.seq_align_beg                 2 
_struct_ref_seq.pdbx_seq_align_beg_ins_code   ? 
_struct_ref_seq.seq_align_end                 144 
_struct_ref_seq.pdbx_seq_align_end_ins_code   ? 
_struct_ref_seq.pdbx_db_accession             Q9ZA17 
_struct_ref_seq.db_align_beg                  614 
_struct_ref_seq.pdbx_db_align_beg_ins_code    ? 
_struct_ref_seq.db_align_end                  756 
_struct_ref_seq.pdbx_db_align_end_ins_code    ? 
_struct_ref_seq.pdbx_auth_seq_align_beg       2 
_struct_ref_seq.pdbx_auth_seq_align_end       144 
# 
loop_
_struct_ref_seq_dif.align_id 
_struct_ref_seq_dif.pdbx_pdb_id_code 
_struct_ref_seq_dif.mon_id 
_struct_ref_seq_dif.pdbx_pdb_strand_id 
_struct_ref_seq_dif.seq_num 
_struct_ref_seq_dif.pdbx_pdb_ins_code 
_struct_ref_seq_dif.pdbx_seq_db_name 
_struct_ref_seq_dif.pdbx_seq_db_accession_code 
_struct_ref_seq_dif.db_mon_id 
_struct_ref_seq_dif.pdbx_seq_db_seq_num 
_struct_ref_seq_dif.details 
_struct_ref_seq_dif.pdbx_auth_seq_num 
_struct_ref_seq_dif.pdbx_ordinal 
1 3OEB MET A 1   ? UNP Q9ZA17 ?   ?   'expression tag'      1   1 
1 3OEB GLU A 121 ? UNP Q9ZA17 GLN 733 'engineered mutation' 121 2 
# 
loop_
_chem_comp.id 
_chem_comp.type 
_chem_comp.mon_nstd_flag 
_chem_comp.name 
_chem_comp.pdbx_synonyms 
_chem_comp.formula 
_chem_comp.formula_weight 
ALA 'L-peptide linking'           y ALANINE               ?                                     'C3 H7 N O2'     89.093  
ASN 'L-peptide linking'           y ASPARAGINE            ?                                     'C4 H8 N2 O3'    132.118 
ASP 'L-peptide linking'           y 'ASPARTIC ACID'       ?                                     'C4 H7 N O4'     133.103 
BMA 'D-saccharide, beta linking'  . beta-D-mannopyranose  'beta-D-mannose; D-mannose; mannose'  'C6 H12 O6'      180.156 
CA  non-polymer                   . 'CALCIUM ION'         ?                                     'Ca 2'           40.078  
GLN 'L-peptide linking'           y GLUTAMINE             ?                                     'C5 H10 N2 O3'   146.144 
GLU 'L-peptide linking'           y 'GLUTAMIC ACID'       ?                                     'C5 H9 N O4'     147.129 
GLY 'peptide linking'             y GLYCINE               ?                                     'C2 H5 N O2'     75.067  
HIS 'L-peptide linking'           y HISTIDINE             ?                                     'C6 H10 N3 O2 1' 156.162 
HOH non-polymer                   . WATER                 ?                                     'H2 O'           18.015  
ILE 'L-peptide linking'           y ISOLEUCINE            ?                                     'C6 H13 N O2'    131.173 
LEU 'L-peptide linking'           y LEUCINE               ?                                     'C6 H13 N O2'    131.173 
LYS 'L-peptide linking'           y LYSINE                ?                                     'C6 H15 N2 O2 1' 147.195 
MAN 'D-saccharide, alpha linking' . alpha-D-mannopyranose 'alpha-D-mannose; D-mannose; mannose' 'C6 H12 O6'      180.156 
MET 'L-peptide linking'           y METHIONINE            ?                                     'C5 H11 N O2 S'  149.211 
PHE 'L-peptide linking'           y PHENYLALANINE         ?                                     'C9 H11 N O2'    165.189 
PRO 'L-peptide linking'           y PROLINE               ?                                     'C5 H9 N O2'     115.130 
SER 'L-peptide linking'           y SERINE                ?                                     'C3 H7 N O3'     105.093 
SO4 non-polymer                   . 'SULFATE ION'         ?                                     'O4 S -2'        96.063  
THR 'L-peptide linking'           y THREONINE             ?                                     'C4 H9 N O3'     119.119 
TRP 'L-peptide linking'           y TRYPTOPHAN            ?                                     'C11 H12 N2 O2'  204.225 
TYR 'L-peptide linking'           y TYROSINE              ?                                     'C9 H11 N O3'    181.189 
VAL 'L-peptide linking'           y VALINE                ?                                     'C5 H11 N O2'    117.146 
# 
_exptl.entry_id          3OEB 
_exptl.method            'X-RAY DIFFRACTION' 
_exptl.crystals_number   1 
# 
_exptl_crystal.id                    1 
_exptl_crystal.density_meas          ? 
_exptl_crystal.density_Matthews      3.14 
_exptl_crystal.density_percent_sol   60.80 
_exptl_crystal.description           ? 
_exptl_crystal.F_000                 ? 
_exptl_crystal.preparation           ? 
# 
_exptl_crystal_grow.crystal_id      1 
_exptl_crystal_grow.method          'VAPOR DIFFUSION, HANGING DROP' 
_exptl_crystal_grow.temp            288 
_exptl_crystal_grow.temp_details    ? 
_exptl_crystal_grow.pH              6.5 
_exptl_crystal_grow.pdbx_details    
'1.6 M ammonium sulfate, 100 mM MES, pH 6.5, 10% dioxane, VAPOR DIFFUSION, HANGING DROP, temperature 288K' 
_exptl_crystal_grow.pdbx_pH_range   ? 
# 
_diffrn.id                     1 
_diffrn.ambient_temp           100 
_diffrn.ambient_temp_details   ? 
_diffrn.crystal_id             1 
# 
_diffrn_detector.diffrn_id              1 
_diffrn_detector.detector               'IMAGE PLATE' 
_diffrn_detector.type                   'MAR scanner 300 mm plate' 
_diffrn_detector.pdbx_collection_date   2010-07-15 
_diffrn_detector.details                ? 
# 
_diffrn_radiation.diffrn_id                        1 
_diffrn_radiation.wavelength_id                    1 
_diffrn_radiation.pdbx_monochromatic_or_laue_m_l   M 
_diffrn_radiation.monochromator                    ? 
_diffrn_radiation.pdbx_diffrn_protocol             'SINGLE WAVELENGTH' 
_diffrn_radiation.pdbx_scattering_type             x-ray 
# 
_diffrn_radiation_wavelength.id           1 
_diffrn_radiation_wavelength.wavelength   . 
_diffrn_radiation_wavelength.wt           1.0 
# 
_diffrn_source.diffrn_id                   1 
_diffrn_source.source                      SYNCHROTRON 
_diffrn_source.type                        'APS BEAMLINE 21-ID-D' 
_diffrn_source.pdbx_synchrotron_site       APS 
_diffrn_source.pdbx_synchrotron_beamline   21-ID-D 
_diffrn_source.pdbx_wavelength             ? 
_diffrn_source.pdbx_wavelength_list        ? 
# 
_reflns.entry_id                     3OEB 
_reflns.observed_criterion_sigma_I   ? 
_reflns.observed_criterion_sigma_F   0 
_reflns.d_resolution_low             25 
_reflns.d_resolution_high            1.55 
_reflns.number_obs                   29267 
_reflns.number_all                   29267 
_reflns.percent_possible_obs         99.8 
_reflns.pdbx_Rmerge_I_obs            0.072 
_reflns.pdbx_netI_over_sigmaI        41.4 
_reflns.B_iso_Wilson_estimate        ? 
_reflns.pdbx_redundancy              7.7 
_reflns.R_free_details               ? 
_reflns.limit_h_max                  ? 
_reflns.limit_h_min                  ? 
_reflns.limit_k_max                  ? 
_reflns.limit_k_min                  ? 
_reflns.limit_l_max                  ? 
_reflns.limit_l_min                  ? 
_reflns.observed_criterion_F_max     ? 
_reflns.observed_criterion_F_min     ? 
_reflns.pdbx_chi_squared             ? 
_reflns.pdbx_scaling_rejects         ? 
_reflns.pdbx_Rsym_value              ? 
_reflns.pdbx_diffrn_id               1 
_reflns.pdbx_ordinal                 1 
# 
_reflns_shell.d_res_high             1.55 
_reflns_shell.d_res_low              1.58 
_reflns_shell.percent_possible_all   96.6 
_reflns_shell.Rmerge_I_obs           0.30 
_reflns_shell.pdbx_Rsym_value        ? 
_reflns_shell.meanI_over_sigI_obs    3.7 
_reflns_shell.pdbx_redundancy        5.9 
_reflns_shell.percent_possible_obs   ? 
_reflns_shell.number_unique_all      1392 
_reflns_shell.number_measured_all    ? 
_reflns_shell.number_measured_obs    ? 
_reflns_shell.number_unique_obs      ? 
_reflns_shell.pdbx_chi_squared       ? 
_reflns_shell.pdbx_diffrn_id         ? 
_reflns_shell.pdbx_ordinal           1 
# 
_refine.entry_id                                 3OEB 
_refine.ls_number_reflns_obs                     27723 
_refine.ls_number_reflns_all                     ? 
_refine.pdbx_ls_sigma_I                          ? 
_refine.pdbx_ls_sigma_F                          ? 
_refine.pdbx_data_cutoff_high_absF               ? 
_refine.pdbx_data_cutoff_low_absF                ? 
_refine.pdbx_data_cutoff_high_rms_absF           ? 
_refine.ls_d_res_low                             25.00 
_refine.ls_d_res_high                            1.55 
_refine.ls_percent_reflns_obs                    99.77 
_refine.ls_R_factor_obs                          0.20074 
_refine.ls_R_factor_R_work                       0.19986 
_refine.ls_R_factor_R_free                       0.21790 
_refine.ls_R_factor_R_free_error                 ? 
_refine.ls_R_factor_R_free_error_details         ? 
_refine.ls_percent_reflns_R_free                 5.1 
_refine.ls_number_reflns_R_free                  1484 
_refine.ls_number_parameters                     ? 
_refine.ls_number_restraints                     ? 
_refine.occupancy_min                            ? 
_refine.occupancy_max                            ? 
_refine.correlation_coeff_Fo_to_Fc               0.955 
_refine.correlation_coeff_Fo_to_Fc_free          0.948 
_refine.B_iso_mean                               19.511 
_refine.aniso_B[1][1]                            0.38 
_refine.aniso_B[2][2]                            -0.95 
_refine.aniso_B[3][3]                            0.57 
_refine.aniso_B[1][2]                            0.00 
_refine.aniso_B[1][3]                            0.00 
_refine.aniso_B[2][3]                            0.00 
_refine.solvent_model_details                    'BABINET MODEL WITH MASK' 
_refine.solvent_model_param_ksol                 ? 
_refine.solvent_model_param_bsol                 ? 
_refine.pdbx_solvent_vdw_probe_radii             1.40 
_refine.pdbx_solvent_ion_probe_radii             0.80 
_refine.pdbx_solvent_shrinkage_radii             0.80 
_refine.pdbx_ls_cross_valid_method               THROUGHOUT 
_refine.details                                  'HYDROGENS HAVE BEEN ADDED IN THE RIDING POSITIONS' 
_refine.pdbx_starting_model                      'pdb entry 2ZEY' 
_refine.pdbx_method_to_determine_struct          'MOLECULAR REPLACEMENT' 
_refine.pdbx_isotropic_thermal_model             ? 
_refine.pdbx_stereochemistry_target_values       'MAXIMUM LIKELIHOOD' 
_refine.pdbx_stereochem_target_val_spec_case     ? 
_refine.pdbx_R_Free_selection_details            RANDOM 
_refine.pdbx_overall_ESU_R_Free                  0.076 
_refine.overall_SU_ML                            0.047 
_refine.overall_SU_B                             1.257 
_refine.overall_SU_R_Cruickshank_DPI             ? 
_refine.ls_redundancy_reflns_obs                 ? 
_refine.B_iso_min                                ? 
_refine.B_iso_max                                ? 
_refine.overall_SU_R_free                        ? 
_refine.ls_wR_factor_R_free                      ? 
_refine.ls_wR_factor_R_work                      ? 
_refine.overall_FOM_free_R_set                   ? 
_refine.overall_FOM_work_R_set                   ? 
_refine.pdbx_overall_phase_error                 ? 
_refine.pdbx_refine_id                           'X-RAY DIFFRACTION' 
_refine.ls_R_factor_all                          ? 
_refine.pdbx_overall_ESU_R                       ? 
_refine.pdbx_diffrn_id                           1 
_refine.pdbx_TLS_residual_ADP_flag               ? 
_refine.pdbx_overall_SU_R_free_Cruickshank_DPI   ? 
_refine.pdbx_overall_SU_R_Blow_DPI               ? 
_refine.pdbx_overall_SU_R_free_Blow_DPI          ? 
# 
_refine_hist.pdbx_refine_id                   'X-RAY DIFFRACTION' 
_refine_hist.cycle_id                         LAST 
_refine_hist.pdbx_number_atoms_protein        1119 
_refine_hist.pdbx_number_atoms_nucleic_acid   0 
_refine_hist.pdbx_number_atoms_ligand         67 
_refine_hist.number_atoms_solvent             142 
_refine_hist.number_atoms_total               1328 
_refine_hist.d_res_high                       1.55 
_refine_hist.d_res_low                        25.00 
# 
loop_
_refine_ls_restr.type 
_refine_ls_restr.dev_ideal 
_refine_ls_restr.dev_ideal_target 
_refine_ls_restr.weight 
_refine_ls_restr.number 
_refine_ls_restr.pdbx_refine_id 
_refine_ls_restr.pdbx_restraint_function 
r_bond_refined_d             0.006  0.022  ? 1241 'X-RAY DIFFRACTION' ? 
r_bond_other_d               ?      ?      ? ?    'X-RAY DIFFRACTION' ? 
r_angle_refined_deg          1.003  1.996  ? 1709 'X-RAY DIFFRACTION' ? 
r_angle_other_deg            ?      ?      ? ?    'X-RAY DIFFRACTION' ? 
r_dihedral_angle_1_deg       6.616  5.000  ? 149  'X-RAY DIFFRACTION' ? 
r_dihedral_angle_2_deg       37.749 26.250 ? 56   'X-RAY DIFFRACTION' ? 
r_dihedral_angle_3_deg       10.315 15.000 ? 177  'X-RAY DIFFRACTION' ? 
r_dihedral_angle_4_deg       ?      ?      ? ?    'X-RAY DIFFRACTION' ? 
r_chiral_restr               0.065  0.200  ? 198  'X-RAY DIFFRACTION' ? 
r_gen_planes_refined         0.004  0.021  ? 922  'X-RAY DIFFRACTION' ? 
r_gen_planes_other           ?      ?      ? ?    'X-RAY DIFFRACTION' ? 
r_nbd_refined                ?      ?      ? ?    'X-RAY DIFFRACTION' ? 
r_nbd_other                  ?      ?      ? ?    'X-RAY DIFFRACTION' ? 
r_nbtor_refined              ?      ?      ? ?    'X-RAY DIFFRACTION' ? 
r_nbtor_other                ?      ?      ? ?    'X-RAY DIFFRACTION' ? 
r_xyhbond_nbd_refined        ?      ?      ? ?    'X-RAY DIFFRACTION' ? 
r_xyhbond_nbd_other          ?      ?      ? ?    'X-RAY DIFFRACTION' ? 
r_metal_ion_refined          ?      ?      ? ?    'X-RAY DIFFRACTION' ? 
r_metal_ion_other            ?      ?      ? ?    'X-RAY DIFFRACTION' ? 
r_symmetry_vdw_refined       ?      ?      ? ?    'X-RAY DIFFRACTION' ? 
r_symmetry_vdw_other         ?      ?      ? ?    'X-RAY DIFFRACTION' ? 
r_symmetry_hbond_refined     ?      ?      ? ?    'X-RAY DIFFRACTION' ? 
r_symmetry_hbond_other       ?      ?      ? ?    'X-RAY DIFFRACTION' ? 
r_symmetry_metal_ion_refined ?      ?      ? ?    'X-RAY DIFFRACTION' ? 
r_symmetry_metal_ion_other   ?      ?      ? ?    'X-RAY DIFFRACTION' ? 
r_mcbond_it                  0.552  1.500  ? 722  'X-RAY DIFFRACTION' ? 
r_mcbond_other               ?      ?      ? ?    'X-RAY DIFFRACTION' ? 
r_mcangle_it                 1.054  2.000  ? 1163 'X-RAY DIFFRACTION' ? 
r_scbond_it                  1.299  3.000  ? 519  'X-RAY DIFFRACTION' ? 
r_scangle_it                 2.048  4.500  ? 543  'X-RAY DIFFRACTION' ? 
r_rigid_bond_restr           ?      ?      ? ?    'X-RAY DIFFRACTION' ? 
r_sphericity_free            ?      ?      ? ?    'X-RAY DIFFRACTION' ? 
r_sphericity_bonded          ?      ?      ? ?    'X-RAY DIFFRACTION' ? 
# 
_refine_ls_shell.pdbx_total_number_of_bins_used   20 
_refine_ls_shell.d_res_high                       1.550 
_refine_ls_shell.d_res_low                        1.590 
_refine_ls_shell.number_reflns_R_work             1966 
_refine_ls_shell.R_factor_R_work                  0.244 
_refine_ls_shell.percent_reflns_obs               97.61 
_refine_ls_shell.R_factor_R_free                  0.269 
_refine_ls_shell.R_factor_R_free_error            ? 
_refine_ls_shell.percent_reflns_R_free            ? 
_refine_ls_shell.number_reflns_R_free             115 
_refine_ls_shell.number_reflns_all                ? 
_refine_ls_shell.R_factor_all                     ? 
_refine_ls_shell.number_reflns_obs                ? 
_refine_ls_shell.redundancy_reflns_obs            ? 
_refine_ls_shell.pdbx_refine_id                   'X-RAY DIFFRACTION' 
# 
_struct.entry_id                  3OEB 
_struct.title                     'Crystal structure of the Q121E mutant of C.polysaccharolyticus CBM16-1 bound to mannopentaose' 
_struct.pdbx_model_details        ? 
_struct.pdbx_CASP_flag            ? 
_struct.pdbx_model_type_details   ? 
# 
_struct_keywords.entry_id        3OEB 
_struct_keywords.pdbx_keywords   HYDROLASE 
_struct_keywords.text            'Family 16 CBM-1, Carbohydrate Binding Module, Mannopentaose, HYDROLASE' 
# 
loop_
_struct_asym.id 
_struct_asym.pdbx_blank_PDB_chainid_flag 
_struct_asym.pdbx_modified 
_struct_asym.entity_id 
_struct_asym.details 
A N N 1 ? 
B N N 2 ? 
C N N 3 ? 
D N N 4 ? 
E N N 4 ? 
F N N 5 ? 
# 
_struct_biol.id        1 
_struct_biol.details   ? 
# 
_struct_conf.conf_type_id            HELX_P 
_struct_conf.id                      HELX_P1 
_struct_conf.pdbx_PDB_helix_id       1 
_struct_conf.beg_label_comp_id       PRO 
_struct_conf.beg_label_asym_id       A 
_struct_conf.beg_label_seq_id        28 
_struct_conf.pdbx_beg_PDB_ins_code   ? 
_struct_conf.end_label_comp_id       ALA 
_struct_conf.end_label_asym_id       A 
_struct_conf.end_label_seq_id        31 
_struct_conf.pdbx_end_PDB_ins_code   ? 
_struct_conf.beg_auth_comp_id        PRO 
_struct_conf.beg_auth_asym_id        A 
_struct_conf.beg_auth_seq_id         28 
_struct_conf.end_auth_comp_id        ALA 
_struct_conf.end_auth_asym_id        A 
_struct_conf.end_auth_seq_id         31 
_struct_conf.pdbx_PDB_helix_class    5 
_struct_conf.details                 ? 
_struct_conf.pdbx_PDB_helix_length   4 
# 
_struct_conf_type.id          HELX_P 
_struct_conf_type.criteria    ? 
_struct_conf_type.reference   ? 
# 
loop_
_struct_conn.id 
_struct_conn.conn_type_id 
_struct_conn.pdbx_leaving_atom_flag 
_struct_conn.pdbx_PDB_id 
_struct_conn.ptnr1_label_asym_id 
_struct_conn.ptnr1_label_comp_id 
_struct_conn.ptnr1_label_seq_id 
_struct_conn.ptnr1_label_atom_id 
_struct_conn.pdbx_ptnr1_label_alt_id 
_struct_conn.pdbx_ptnr1_PDB_ins_code 
_struct_conn.pdbx_ptnr1_standard_comp_id 
_struct_conn.ptnr1_symmetry 
_struct_conn.ptnr2_label_asym_id 
_struct_conn.ptnr2_label_comp_id 
_struct_conn.ptnr2_label_seq_id 
_struct_conn.ptnr2_label_atom_id 
_struct_conn.pdbx_ptnr2_label_alt_id 
_struct_conn.pdbx_ptnr2_PDB_ins_code 
_struct_conn.ptnr1_auth_asym_id 
_struct_conn.ptnr1_auth_comp_id 
_struct_conn.ptnr1_auth_seq_id 
_struct_conn.ptnr2_auth_asym_id 
_struct_conn.ptnr2_auth_comp_id 
_struct_conn.ptnr2_auth_seq_id 
_struct_conn.ptnr2_symmetry 
_struct_conn.pdbx_ptnr3_label_atom_id 
_struct_conn.pdbx_ptnr3_label_seq_id 
_struct_conn.pdbx_ptnr3_label_comp_id 
_struct_conn.pdbx_ptnr3_label_asym_id 
_struct_conn.pdbx_ptnr3_label_alt_id 
_struct_conn.pdbx_ptnr3_PDB_ins_code 
_struct_conn.details 
_struct_conn.pdbx_dist_value 
_struct_conn.pdbx_value_order 
_struct_conn.pdbx_role 
covale1 covale both ? B MAN .   O4  ? ? ? 1_555 B BMA . C1 ? ? B MAN 1   B BMA 2   1_555 ? ? ? ? ? ? ? 1.432 ? ? 
covale2 covale both ? B BMA .   O4  ? ? ? 1_555 B BMA . C1 ? ? B BMA 2   B BMA 3   1_555 ? ? ? ? ? ? ? 1.432 ? ? 
covale3 covale both ? B BMA .   O4  ? ? ? 1_555 B BMA . C1 ? ? B BMA 3   B BMA 4   1_555 ? ? ? ? ? ? ? 1.433 ? ? 
covale4 covale both ? B BMA .   O4  ? ? ? 1_555 B BMA . C1 ? ? B BMA 4   B BMA 5   1_555 ? ? ? ? ? ? ? 1.437 ? ? 
metalc1 metalc ?    ? A GLY 9   O   ? ? ? 1_555 C CA  . CA ? ? A GLY 9   A CA  200 1_555 ? ? ? ? ? ? ? 2.395 ? ? 
metalc2 metalc ?    ? A GLU 11  OE2 ? ? ? 1_555 C CA  . CA ? ? A GLU 11  A CA  200 1_555 ? ? ? ? ? ? ? 2.397 ? ? 
metalc3 metalc ?    ? A ASN 33  O   ? ? ? 1_555 C CA  . CA ? ? A ASN 33  A CA  200 1_555 ? ? ? ? ? ? ? 2.427 ? ? 
metalc4 metalc ?    ? A LEU 36  O   ? ? ? 1_555 C CA  . CA ? ? A LEU 36  A CA  200 1_555 ? ? ? ? ? ? ? 2.286 ? ? 
metalc5 metalc ?    ? A ASP 137 OD2 ? ? ? 1_555 C CA  . CA ? ? A ASP 137 A CA  200 1_555 ? ? ? ? ? ? ? 2.520 ? ? 
metalc6 metalc ?    ? A ASP 137 OD1 ? ? ? 1_555 C CA  . CA ? ? A ASP 137 A CA  200 1_555 ? ? ? ? ? ? ? 2.546 ? ? 
metalc7 metalc ?    ? C CA  .   CA  ? ? ? 1_555 F HOH . O  ? ? A CA  200 A HOH 605 1_555 ? ? ? ? ? ? ? 2.399 ? ? 
# 
loop_
_struct_conn_type.id 
_struct_conn_type.criteria 
_struct_conn_type.reference 
covale ? ? 
metalc ? ? 
# 
loop_
_struct_sheet.id 
_struct_sheet.type 
_struct_sheet.number_strands 
_struct_sheet.details 
A ? 5 ? 
B ? 5 ? 
# 
loop_
_struct_sheet_order.sheet_id 
_struct_sheet_order.range_id_1 
_struct_sheet_order.range_id_2 
_struct_sheet_order.offset 
_struct_sheet_order.sense 
A 1 2 ? anti-parallel 
A 2 3 ? anti-parallel 
A 3 4 ? anti-parallel 
A 4 5 ? anti-parallel 
B 1 2 ? anti-parallel 
B 2 3 ? anti-parallel 
B 3 4 ? anti-parallel 
B 4 5 ? anti-parallel 
# 
loop_
_struct_sheet_range.sheet_id 
_struct_sheet_range.id 
_struct_sheet_range.beg_label_comp_id 
_struct_sheet_range.beg_label_asym_id 
_struct_sheet_range.beg_label_seq_id 
_struct_sheet_range.pdbx_beg_PDB_ins_code 
_struct_sheet_range.end_label_comp_id 
_struct_sheet_range.end_label_asym_id 
_struct_sheet_range.end_label_seq_id 
_struct_sheet_range.pdbx_end_PDB_ins_code 
_struct_sheet_range.beg_auth_comp_id 
_struct_sheet_range.beg_auth_asym_id 
_struct_sheet_range.beg_auth_seq_id 
_struct_sheet_range.end_auth_comp_id 
_struct_sheet_range.end_auth_asym_id 
_struct_sheet_range.end_auth_seq_id 
A 1 GLN A 18  ? ASP A 19  ? GLN A 18  ASP A 19  
A 2 ALA A 46  ? ASP A 51  ? ALA A 46  ASP A 51  
A 3 GLU A 121 ? LYS A 126 ? GLU A 121 LYS A 126 
A 4 PHE A 76  ? HIS A 83  ? PHE A 76  HIS A 83  
A 5 TYR A 91  ? PHE A 98  ? TYR A 91  PHE A 98  
B 1 MET A 24  ? VAL A 27  ? MET A 24  VAL A 27  
B 2 GLY A 37  ? ILE A 40  ? GLY A 37  ILE A 40  
B 3 LEU A 134 ? GLU A 143 ? LEU A 134 GLU A 143 
B 4 THR A 59  ? PHE A 68  ? THR A 59  PHE A 68  
B 5 THR A 104 ? THR A 111 ? THR A 104 THR A 111 
# 
loop_
_pdbx_struct_sheet_hbond.sheet_id 
_pdbx_struct_sheet_hbond.range_id_1 
_pdbx_struct_sheet_hbond.range_id_2 
_pdbx_struct_sheet_hbond.range_1_label_atom_id 
_pdbx_struct_sheet_hbond.range_1_label_comp_id 
_pdbx_struct_sheet_hbond.range_1_label_asym_id 
_pdbx_struct_sheet_hbond.range_1_label_seq_id 
_pdbx_struct_sheet_hbond.range_1_PDB_ins_code 
_pdbx_struct_sheet_hbond.range_1_auth_atom_id 
_pdbx_struct_sheet_hbond.range_1_auth_comp_id 
_pdbx_struct_sheet_hbond.range_1_auth_asym_id 
_pdbx_struct_sheet_hbond.range_1_auth_seq_id 
_pdbx_struct_sheet_hbond.range_2_label_atom_id 
_pdbx_struct_sheet_hbond.range_2_label_comp_id 
_pdbx_struct_sheet_hbond.range_2_label_asym_id 
_pdbx_struct_sheet_hbond.range_2_label_seq_id 
_pdbx_struct_sheet_hbond.range_2_PDB_ins_code 
_pdbx_struct_sheet_hbond.range_2_auth_atom_id 
_pdbx_struct_sheet_hbond.range_2_auth_comp_id 
_pdbx_struct_sheet_hbond.range_2_auth_asym_id 
_pdbx_struct_sheet_hbond.range_2_auth_seq_id 
A 1 2 N GLN A 18  ? N GLN A 18  O GLY A 49  ? O GLY A 49  
A 2 3 N GLY A 48  ? N GLY A 48  O LEU A 124 ? O LEU A 124 
A 3 4 O TRP A 125 ? O TRP A 125 N ASP A 77  ? N ASP A 77  
A 4 5 N VAL A 80  ? N VAL A 80  O HIS A 94  ? O HIS A 94  
B 1 2 N SER A 25  ? N SER A 25  O LYS A 39  ? O LYS A 39  
B 2 3 N LEU A 38  ? N LEU A 38  O VAL A 136 ? O VAL A 136 
B 3 4 O TYR A 135 ? O TYR A 135 N LYS A 67  ? N LYS A 67  
B 4 5 N TYR A 60  ? N TYR A 60  O PHE A 110 ? O PHE A 110 
# 
_atom_sites.entry_id                    3OEB 
_atom_sites.fract_transf_matrix[1][1]   0.00823528 
_atom_sites.fract_transf_matrix[1][2]   -0.01007370 
_atom_sites.fract_transf_matrix[1][3]   -0.01202615 
_atom_sites.fract_transf_matrix[2][1]   0.00747892 
_atom_sites.fract_transf_matrix[2][2]   -0.00207866 
_atom_sites.fract_transf_matrix[2][3]   0.00686260 
_atom_sites.fract_transf_matrix[3][1]   -0.00703042 
_atom_sites.fract_transf_matrix[3][2]   -0.01093871 
_atom_sites.fract_transf_matrix[3][3]   0.00434850 
_atom_sites.fract_transf_vector[1]      -0.175432 
_atom_sites.fract_transf_vector[2]      0.128547 
_atom_sites.fract_transf_vector[3]      0.107867 
# 
loop_
_atom_type.symbol 
C  
CA 
N  
O  
S  
# 
loop_
_atom_site.group_PDB 
_atom_site.id 
_atom_site.type_symbol 
_atom_site.label_atom_id 
_atom_site.label_alt_id 
_atom_site.label_comp_id 
_atom_site.label_asym_id 
_atom_site.label_entity_id 
_atom_site.label_seq_id 
_atom_site.pdbx_PDB_ins_code 
_atom_site.Cartn_x 
_atom_site.Cartn_y 
_atom_site.Cartn_z 
_atom_site.occupancy 
_atom_site.B_iso_or_equiv 
_atom_site.pdbx_formal_charge 
_atom_site.auth_seq_id 
_atom_site.auth_comp_id 
_atom_site.auth_asym_id 
_atom_site.auth_atom_id 
_atom_site.pdbx_PDB_model_num 
ATOM   1    N  N   . MET A 1 1   ? -14.012 15.067  -3.395  1.00 28.89 ? 1   MET A N   1 
ATOM   2    C  CA  . MET A 1 1   ? -13.059 13.930  -3.561  1.00 28.59 ? 1   MET A CA  1 
ATOM   3    C  C   . MET A 1 1   ? -12.643 13.369  -2.212  1.00 27.61 ? 1   MET A C   1 
ATOM   4    O  O   . MET A 1 1   ? -12.260 14.118  -1.310  1.00 28.08 ? 1   MET A O   1 
ATOM   5    C  CB  . MET A 1 1   ? -11.819 14.366  -4.335  1.00 29.14 ? 1   MET A CB  1 
ATOM   6    C  CG  . MET A 1 1   ? -12.093 14.755  -5.773  1.00 30.64 ? 1   MET A CG  1 
ATOM   7    S  SD  . MET A 1 1   ? -10.571 14.835  -6.719  1.00 34.15 ? 1   MET A SD  1 
ATOM   8    C  CE  . MET A 1 1   ? -10.265 13.097  -7.005  1.00 33.93 ? 1   MET A CE  1 
ATOM   9    N  N   . VAL A 1 2   ? -12.715 12.047  -2.084  1.00 26.13 ? 2   VAL A N   1 
ATOM   10   C  CA  . VAL A 1 2   ? -12.458 11.386  -0.809  1.00 24.25 ? 2   VAL A CA  1 
ATOM   11   C  C   . VAL A 1 2   ? -11.369 10.322  -0.951  1.00 22.83 ? 2   VAL A C   1 
ATOM   12   O  O   . VAL A 1 2   ? -11.444 9.453   -1.821  1.00 22.66 ? 2   VAL A O   1 
ATOM   13   C  CB  . VAL A 1 2   ? -13.748 10.744  -0.223  1.00 24.47 ? 2   VAL A CB  1 
ATOM   14   C  CG1 . VAL A 1 2   ? -13.472 10.111  1.131   1.00 24.57 ? 2   VAL A CG1 1 
ATOM   15   C  CG2 . VAL A 1 2   ? -14.870 11.776  -0.107  1.00 24.56 ? 2   VAL A CG2 1 
ATOM   16   N  N   . ASN A 1 3   ? -10.358 10.408  -0.093  1.00 20.96 ? 3   ASN A N   1 
ATOM   17   C  CA  . ASN A 1 3   ? -9.369  9.346   0.023   1.00 19.33 ? 3   ASN A CA  1 
ATOM   18   C  C   . ASN A 1 3   ? -9.896  8.315   1.016   1.00 18.89 ? 3   ASN A C   1 
ATOM   19   O  O   . ASN A 1 3   ? -10.194 8.649   2.166   1.00 19.04 ? 3   ASN A O   1 
ATOM   20   C  CB  . ASN A 1 3   ? -8.020  9.919   0.469   1.00 18.86 ? 3   ASN A CB  1 
ATOM   21   C  CG  . ASN A 1 3   ? -6.880  8.918   0.341   1.00 16.91 ? 3   ASN A CG  1 
ATOM   22   O  OD1 . ASN A 1 3   ? -7.093  7.730   0.091   1.00 14.40 ? 3   ASN A OD1 1 
ATOM   23   N  ND2 . ASN A 1 3   ? -5.658  9.403   0.519   1.00 15.80 ? 3   ASN A ND2 1 
ATOM   24   N  N   . MET A 1 4   ? -10.033 7.072   0.562   1.00 18.12 ? 4   MET A N   1 
ATOM   25   C  CA  . MET A 1 4   ? -10.567 5.989   1.391   1.00 18.19 ? 4   MET A CA  1 
ATOM   26   C  C   . MET A 1 4   ? -9.571  5.494   2.438   1.00 16.96 ? 4   MET A C   1 
ATOM   27   O  O   . MET A 1 4   ? -9.952  4.821   3.397   1.00 17.36 ? 4   MET A O   1 
ATOM   28   C  CB  . MET A 1 4   ? -11.020 4.813   0.516   1.00 18.63 ? 4   MET A CB  1 
ATOM   29   C  CG  . MET A 1 4   ? -12.150 5.137   -0.447  1.00 21.85 ? 4   MET A CG  1 
ATOM   30   S  SD  . MET A 1 4   ? -13.707 5.512   0.381   1.00 27.95 ? 4   MET A SD  1 
ATOM   31   C  CE  . MET A 1 4   ? -14.127 3.920   1.093   1.00 26.64 ? 4   MET A CE  1 
ATOM   32   N  N   . VAL A 1 5   ? -8.296  5.818   2.242   1.00 16.00 ? 5   VAL A N   1 
ATOM   33   C  CA  . VAL A 1 5   ? -7.235  5.381   3.142   1.00 15.22 ? 5   VAL A CA  1 
ATOM   34   C  C   . VAL A 1 5   ? -7.205  6.248   4.397   1.00 14.99 ? 5   VAL A C   1 
ATOM   35   O  O   . VAL A 1 5   ? -7.143  7.472   4.311   1.00 15.61 ? 5   VAL A O   1 
ATOM   36   C  CB  . VAL A 1 5   ? -5.855  5.445   2.451   1.00 14.71 ? 5   VAL A CB  1 
ATOM   37   C  CG1 . VAL A 1 5   ? -4.763  4.901   3.369   1.00 14.45 ? 5   VAL A CG1 1 
ATOM   38   C  CG2 . VAL A 1 5   ? -5.874  4.664   1.141   1.00 14.54 ? 5   VAL A CG2 1 
ATOM   39   N  N   . SER A 1 6   ? -7.243  5.597   5.556   1.00 15.03 ? 6   SER A N   1 
ATOM   40   C  CA  . SER A 1 6   ? -7.120  6.270   6.847   1.00 14.99 ? 6   SER A CA  1 
ATOM   41   C  C   . SER A 1 6   ? -5.663  6.580   7.144   1.00 14.21 ? 6   SER A C   1 
ATOM   42   O  O   . SER A 1 6   ? -4.795  5.734   6.922   1.00 14.24 ? 6   SER A O   1 
ATOM   43   C  CB  . SER A 1 6   ? -7.679  5.379   7.951   1.00 15.24 ? 6   SER A CB  1 
ATOM   44   O  OG  . SER A 1 6   ? -9.062  5.163   7.767   1.00 17.62 ? 6   SER A OG  1 
ATOM   45   N  N   . ASN A 1 7   ? -5.404  7.785   7.655   1.00 13.68 ? 7   ASN A N   1 
ATOM   46   C  CA  . ASN A 1 7   ? -4.040  8.233   7.967   1.00 13.08 ? 7   ASN A CA  1 
ATOM   47   C  C   . ASN A 1 7   ? -3.095  7.996   6.772   1.00 12.88 ? 7   ASN A C   1 
ATOM   48   O  O   . ASN A 1 7   ? -2.057  7.351   6.913   1.00 12.39 ? 7   ASN A O   1 
ATOM   49   C  CB  . ASN A 1 7   ? -3.542  7.526   9.242   1.00 13.19 ? 7   ASN A CB  1 
ATOM   50   C  CG  . ASN A 1 7   ? -2.209  8.066   9.755   1.00 12.85 ? 7   ASN A CG  1 
ATOM   51   O  OD1 . ASN A 1 7   ? -1.838  9.214   9.501   1.00 13.70 ? 7   ASN A OD1 1 
ATOM   52   N  ND2 . ASN A 1 7   ? -1.486  7.225   10.494  1.00 13.19 ? 7   ASN A ND2 1 
ATOM   53   N  N   . PRO A 1 8   ? -3.464  8.532   5.589   1.00 12.60 ? 8   PRO A N   1 
ATOM   54   C  CA  . PRO A 1 8   ? -2.794  8.153   4.340   1.00 12.63 ? 8   PRO A CA  1 
ATOM   55   C  C   . PRO A 1 8   ? -1.383  8.716   4.192   1.00 12.53 ? 8   PRO A C   1 
ATOM   56   O  O   . PRO A 1 8   ? -0.619  8.248   3.336   1.00 12.31 ? 8   PRO A O   1 
ATOM   57   C  CB  . PRO A 1 8   ? -3.709  8.747   3.270   1.00 12.75 ? 8   PRO A CB  1 
ATOM   58   C  CG  . PRO A 1 8   ? -4.307  9.939   3.919   1.00 12.58 ? 8   PRO A CG  1 
ATOM   59   C  CD  . PRO A 1 8   ? -4.529  9.526   5.349   1.00 12.96 ? 8   PRO A CD  1 
ATOM   60   N  N   . GLY A 1 9   ? -1.050  9.716   5.006   1.00 12.50 ? 9   GLY A N   1 
ATOM   61   C  CA  . GLY A 1 9   ? 0.270   10.336  4.969   1.00 12.46 ? 9   GLY A CA  1 
ATOM   62   C  C   . GLY A 1 9   ? 1.083   10.063  6.219   1.00 12.32 ? 9   GLY A C   1 
ATOM   63   O  O   . GLY A 1 9   ? 2.138   10.666  6.422   1.00 12.21 ? 9   GLY A O   1 
ATOM   64   N  N   . PHE A 1 10  ? 0.591   9.156   7.061   1.00 12.32 ? 10  PHE A N   1 
ATOM   65   C  CA  . PHE A 1 10  ? 1.277   8.794   8.313   1.00 12.52 ? 10  PHE A CA  1 
ATOM   66   C  C   . PHE A 1 10  ? 1.524   9.987   9.238   1.00 13.26 ? 10  PHE A C   1 
ATOM   67   O  O   . PHE A 1 10  ? 2.384   9.932   10.118  1.00 13.55 ? 10  PHE A O   1 
ATOM   68   C  CB  . PHE A 1 10  ? 2.568   8.015   8.014   1.00 12.45 ? 10  PHE A CB  1 
ATOM   69   C  CG  . PHE A 1 10  ? 2.331   6.833   7.134   1.00 11.81 ? 10  PHE A CG  1 
ATOM   70   C  CD1 . PHE A 1 10  ? 1.843   5.648   7.673   1.00 11.91 ? 10  PHE A CD1 1 
ATOM   71   C  CD2 . PHE A 1 10  ? 2.516   6.924   5.756   1.00 12.94 ? 10  PHE A CD2 1 
ATOM   72   C  CE1 . PHE A 1 10  ? 1.575   4.559   6.860   1.00 12.28 ? 10  PHE A CE1 1 
ATOM   73   C  CE2 . PHE A 1 10  ? 2.244   5.834   4.929   1.00 11.88 ? 10  PHE A CE2 1 
ATOM   74   C  CZ  . PHE A 1 10  ? 1.774   4.655   5.483   1.00 11.87 ? 10  PHE A CZ  1 
ATOM   75   N  N   . GLU A 1 11  ? 0.749   11.052  9.045   1.00 13.56 ? 11  GLU A N   1 
ATOM   76   C  CA  . GLU A 1 11  ? 0.900   12.251  9.866   1.00 14.04 ? 11  GLU A CA  1 
ATOM   77   C  C   . GLU A 1 11  ? 0.392   12.018  11.288  1.00 14.47 ? 11  GLU A C   1 
ATOM   78   O  O   . GLU A 1 11  ? 0.798   12.723  12.213  1.00 14.68 ? 11  GLU A O   1 
ATOM   79   C  CB  . GLU A 1 11  ? 0.222   13.453  9.211   1.00 14.11 ? 11  GLU A CB  1 
ATOM   80   C  CG  . GLU A 1 11  ? 0.838   13.847  7.858   1.00 13.82 ? 11  GLU A CG  1 
ATOM   81   C  CD  . GLU A 1 11  ? 2.327   14.168  7.946   1.00 14.95 ? 11  GLU A CD  1 
ATOM   82   O  OE1 . GLU A 1 11  ? 2.712   15.015  8.782   1.00 14.59 ? 11  GLU A OE1 1 
ATOM   83   O  OE2 . GLU A 1 11  ? 3.118   13.574  7.171   1.00 13.73 ? 11  GLU A OE2 1 
ATOM   84   N  N   . ASP A 1 12  ? -0.482  11.027  11.448  1.00 15.05 ? 12  ASP A N   1 
ATOM   85   C  CA  . ASP A 1 12  ? -0.905  10.551  12.770  1.00 15.93 ? 12  ASP A CA  1 
ATOM   86   C  C   . ASP A 1 12  ? -0.068  9.358   13.242  1.00 15.98 ? 12  ASP A C   1 
ATOM   87   O  O   . ASP A 1 12  ? -0.516  8.564   14.072  1.00 16.51 ? 12  ASP A O   1 
ATOM   88   C  CB  . ASP A 1 12  ? -2.388  10.172  12.750  1.00 16.40 ? 12  ASP A CB  1 
ATOM   89   C  CG  . ASP A 1 12  ? -3.298  11.374  12.611  1.00 18.32 ? 12  ASP A CG  1 
ATOM   90   O  OD1 . ASP A 1 12  ? -3.158  12.327  13.407  1.00 22.25 ? 12  ASP A OD1 1 
ATOM   91   O  OD2 . ASP A 1 12  ? -4.168  11.356  11.719  1.00 22.18 ? 12  ASP A OD2 1 
ATOM   92   N  N   . GLY A 1 13  ? 1.150   9.234   12.721  1.00 15.86 ? 13  GLY A N   1 
ATOM   93   C  CA  . GLY A 1 13  ? 2.013   8.108   13.068  1.00 15.58 ? 13  GLY A CA  1 
ATOM   94   C  C   . GLY A 1 13  ? 1.529   6.828   12.417  1.00 15.72 ? 13  GLY A C   1 
ATOM   95   O  O   . GLY A 1 13  ? 1.221   6.817   11.224  1.00 15.74 ? 13  GLY A O   1 
ATOM   96   N  N   . LEU A 1 14  ? 1.438   5.757   13.204  1.00 15.88 ? 14  LEU A N   1 
ATOM   97   C  CA  . LEU A 1 14  ? 0.978   4.465   12.686  1.00 16.14 ? 14  LEU A CA  1 
ATOM   98   C  C   . LEU A 1 14  ? -0.510  4.199   12.931  1.00 16.39 ? 14  LEU A C   1 
ATOM   99   O  O   . LEU A 1 14  ? -0.991  3.085   12.703  1.00 16.15 ? 14  LEU A O   1 
ATOM   100  C  CB  . LEU A 1 14  ? 1.825   3.311   13.243  1.00 16.47 ? 14  LEU A CB  1 
ATOM   101  C  CG  . LEU A 1 14  ? 3.317   3.285   12.908  1.00 17.04 ? 14  LEU A CG  1 
ATOM   102  C  CD1 . LEU A 1 14  ? 3.983   2.092   13.574  1.00 17.41 ? 14  LEU A CD1 1 
ATOM   103  C  CD2 . LEU A 1 14  ? 3.546   3.268   11.397  1.00 17.51 ? 14  LEU A CD2 1 
ATOM   104  N  N   . ASP A 1 15  ? -1.238  5.223   13.382  1.00 16.88 ? 15  ASP A N   1 
ATOM   105  C  CA  . ASP A 1 15  ? -2.683  5.106   13.604  1.00 17.62 ? 15  ASP A CA  1 
ATOM   106  C  C   . ASP A 1 15  ? -3.388  4.516   12.380  1.00 17.66 ? 15  ASP A C   1 
ATOM   107  O  O   . ASP A 1 15  ? -3.116  4.921   11.247  1.00 17.59 ? 15  ASP A O   1 
ATOM   108  C  CB  . ASP A 1 15  ? -3.294  6.471   13.932  1.00 17.90 ? 15  ASP A CB  1 
ATOM   109  C  CG  . ASP A 1 15  ? -2.984  6.935   15.349  1.00 19.44 ? 15  ASP A CG  1 
ATOM   110  O  OD1 . ASP A 1 15  ? -2.237  6.243   16.069  1.00 21.29 ? 15  ASP A OD1 1 
ATOM   111  O  OD2 . ASP A 1 15  ? -3.494  8.009   15.735  1.00 22.00 ? 15  ASP A OD2 1 
ATOM   112  N  N   . SER A 1 16  ? -4.273  3.549   12.622  1.00 17.92 ? 16  SER A N   1 
ATOM   113  C  CA  . SER A 1 16  ? -5.097  2.919   11.575  1.00 18.44 ? 16  SER A CA  1 
ATOM   114  C  C   . SER A 1 16  ? -4.358  1.907   10.687  1.00 18.40 ? 16  SER A C   1 
ATOM   115  O  O   . SER A 1 16  ? -4.973  1.259   9.833   1.00 18.69 ? 16  SER A O   1 
ATOM   116  C  CB  . SER A 1 16  ? -5.799  3.978   10.715  1.00 18.58 ? 16  SER A CB  1 
ATOM   117  O  OG  . SER A 1 16  ? -6.666  4.773   11.501  1.00 20.31 ? 16  SER A OG  1 
ATOM   118  N  N   . TRP A 1 17  ? -3.053  1.760   10.898  1.00 18.32 ? 17  TRP A N   1 
ATOM   119  C  CA  . TRP A 1 17  ? -2.250  0.810   10.131  1.00 18.57 ? 17  TRP A CA  1 
ATOM   120  C  C   . TRP A 1 17  ? -1.868  -0.403  10.970  1.00 19.36 ? 17  TRP A C   1 
ATOM   121  O  O   . TRP A 1 17  ? -1.328  -0.256  12.066  1.00 19.67 ? 17  TRP A O   1 
ATOM   122  C  CB  . TRP A 1 17  ? -0.981  1.481   9.596   1.00 17.99 ? 17  TRP A CB  1 
ATOM   123  C  CG  . TRP A 1 17  ? -1.249  2.549   8.579   1.00 16.80 ? 17  TRP A CG  1 
ATOM   124  C  CD1 . TRP A 1 17  ? -1.314  3.891   8.802   1.00 15.43 ? 17  TRP A CD1 1 
ATOM   125  C  CD2 . TRP A 1 17  ? -1.491  2.361   7.178   1.00 15.19 ? 17  TRP A CD2 1 
ATOM   126  N  NE1 . TRP A 1 17  ? -1.580  4.557   7.631   1.00 14.24 ? 17  TRP A NE1 1 
ATOM   127  C  CE2 . TRP A 1 17  ? -1.691  3.641   6.617   1.00 14.38 ? 17  TRP A CE2 1 
ATOM   128  C  CE3 . TRP A 1 17  ? -1.556  1.236   6.343   1.00 14.88 ? 17  TRP A CE3 1 
ATOM   129  C  CZ2 . TRP A 1 17  ? -1.953  3.834   5.256   1.00 14.54 ? 17  TRP A CZ2 1 
ATOM   130  C  CZ3 . TRP A 1 17  ? -1.817  1.427   4.984   1.00 14.11 ? 17  TRP A CZ3 1 
ATOM   131  C  CH2 . TRP A 1 17  ? -2.010  2.720   4.458   1.00 13.66 ? 17  TRP A CH2 1 
ATOM   132  N  N   . GLN A 1 18  ? -2.148  -1.595  10.445  1.00 20.26 ? 18  GLN A N   1 
ATOM   133  C  CA  . GLN A 1 18  ? -1.709  -2.842  11.071  1.00 21.14 ? 18  GLN A CA  1 
ATOM   134  C  C   . GLN A 1 18  ? -0.234  -3.074  10.760  1.00 21.41 ? 18  GLN A C   1 
ATOM   135  O  O   . GLN A 1 18  ? 0.212   -2.832  9.639   1.00 21.28 ? 18  GLN A O   1 
ATOM   136  C  CB  . GLN A 1 18  ? -2.518  -4.031  10.551  1.00 21.29 ? 18  GLN A CB  1 
ATOM   137  C  CG  . GLN A 1 18  ? -4.030  -3.904  10.659  1.00 22.98 ? 18  GLN A CG  1 
ATOM   138  C  CD  . GLN A 1 18  ? -4.761  -4.972  9.857   1.00 25.19 ? 18  GLN A CD  1 
ATOM   139  O  OE1 . GLN A 1 18  ? -4.333  -6.129  9.795   1.00 27.13 ? 18  GLN A OE1 1 
ATOM   140  N  NE2 . GLN A 1 18  ? -5.869  -4.586  9.238   1.00 25.99 ? 18  GLN A NE2 1 
ATOM   141  N  N   . ASP A 1 19  ? 0.514   -3.542  11.755  1.00 21.68 ? 19  ASP A N   1 
ATOM   142  C  CA  . ASP A 1 19  ? 1.936   -3.831  11.610  1.00 22.23 ? 19  ASP A CA  1 
ATOM   143  C  C   . ASP A 1 19  ? 2.133   -5.339  11.731  1.00 22.40 ? 19  ASP A C   1 
ATOM   144  O  O   . ASP A 1 19  ? 2.120   -5.887  12.836  1.00 22.73 ? 19  ASP A O   1 
ATOM   145  C  CB  . ASP A 1 19  ? 2.729   -3.080  12.691  1.00 22.50 ? 19  ASP A CB  1 
ATOM   146  C  CG  . ASP A 1 19  ? 4.241   -3.183  12.514  1.00 23.11 ? 19  ASP A CG  1 
ATOM   147  O  OD1 . ASP A 1 19  ? 4.963   -2.407  13.175  1.00 25.13 ? 19  ASP A OD1 1 
ATOM   148  O  OD2 . ASP A 1 19  ? 4.722   -4.027  11.732  1.00 23.87 ? 19  ASP A OD2 1 
ATOM   149  N  N   . TRP A 1 20  ? 2.313   -6.009  10.596  1.00 22.24 ? 20  TRP A N   1 
ATOM   150  C  CA  . TRP A 1 20  ? 2.279   -7.474  10.564  1.00 22.12 ? 20  TRP A CA  1 
ATOM   151  C  C   . TRP A 1 20  ? 3.563   -8.173  11.005  1.00 22.54 ? 20  TRP A C   1 
ATOM   152  O  O   . TRP A 1 20  ? 3.508   -9.296  11.515  1.00 22.61 ? 20  TRP A O   1 
ATOM   153  C  CB  . TRP A 1 20  ? 1.844   -7.983  9.185   1.00 21.96 ? 20  TRP A CB  1 
ATOM   154  C  CG  . TRP A 1 20  ? 0.485   -7.498  8.759   1.00 21.50 ? 20  TRP A CG  1 
ATOM   155  C  CD1 . TRP A 1 20  ? -0.608  -7.309  9.558   1.00 21.26 ? 20  TRP A CD1 1 
ATOM   156  C  CD2 . TRP A 1 20  ? 0.071   -7.165  7.429   1.00 20.83 ? 20  TRP A CD2 1 
ATOM   157  N  NE1 . TRP A 1 20  ? -1.670  -6.867  8.811   1.00 21.08 ? 20  TRP A NE1 1 
ATOM   158  C  CE2 . TRP A 1 20  ? -1.284  -6.772  7.500   1.00 20.68 ? 20  TRP A CE2 1 
ATOM   159  C  CE3 . TRP A 1 20  ? 0.715   -7.158  6.182   1.00 20.80 ? 20  TRP A CE3 1 
ATOM   160  C  CZ2 . TRP A 1 20  ? -2.011  -6.371  6.375   1.00 21.00 ? 20  TRP A CZ2 1 
ATOM   161  C  CZ3 . TRP A 1 20  ? -0.010  -6.761  5.061   1.00 20.88 ? 20  TRP A CZ3 1 
ATOM   162  C  CH2 . TRP A 1 20  ? -1.358  -6.373  5.168   1.00 20.72 ? 20  TRP A CH2 1 
ATOM   163  N  N   . GLN A 1 21  ? 4.707   -7.522  10.813  1.00 22.54 ? 21  GLN A N   1 
ATOM   164  C  CA  . GLN A 1 21  ? 6.002   -8.128  11.146  1.00 22.79 ? 21  GLN A CA  1 
ATOM   165  C  C   . GLN A 1 21  ? 6.823   -7.290  12.132  1.00 22.97 ? 21  GLN A C   1 
ATOM   166  O  O   . GLN A 1 21  ? 8.034   -7.496  12.272  1.00 23.24 ? 21  GLN A O   1 
ATOM   167  C  CB  . GLN A 1 21  ? 6.816   -8.414  9.875   1.00 22.78 ? 21  GLN A CB  1 
ATOM   168  C  CG  . GLN A 1 21  ? 6.344   -9.623  9.060   1.00 22.72 ? 21  GLN A CG  1 
ATOM   169  C  CD  . GLN A 1 21  ? 5.093   -9.352  8.233   1.00 22.80 ? 21  GLN A CD  1 
ATOM   170  O  OE1 . GLN A 1 21  ? 4.881   -8.239  7.748   1.00 21.96 ? 21  GLN A OE1 1 
ATOM   171  N  NE2 . GLN A 1 21  ? 4.262   -10.377 8.066   1.00 22.17 ? 21  GLN A NE2 1 
ATOM   172  N  N   . GLN A 1 22  ? 6.158   -6.353  12.810  1.00 23.10 ? 22  GLN A N   1 
ATOM   173  C  CA  . GLN A 1 22  ? 6.796   -5.458  13.791  1.00 23.32 ? 22  GLN A CA  1 
ATOM   174  C  C   . GLN A 1 22  ? 8.050   -4.791  13.214  1.00 22.81 ? 22  GLN A C   1 
ATOM   175  O  O   . GLN A 1 22  ? 9.121   -4.795  13.823  1.00 23.05 ? 22  GLN A O   1 
ATOM   176  C  CB  . GLN A 1 22  ? 7.105   -6.199  15.104  1.00 23.88 ? 22  GLN A CB  1 
ATOM   177  C  CG  . GLN A 1 22  ? 5.873   -6.724  15.844  1.00 26.09 ? 22  GLN A CG  1 
ATOM   178  C  CD  . GLN A 1 22  ? 5.321   -8.012  15.250  1.00 28.79 ? 22  GLN A CD  1 
ATOM   179  O  OE1 . GLN A 1 22  ? 4.165   -8.067  14.827  1.00 30.55 ? 22  GLN A OE1 1 
ATOM   180  N  NE2 . GLN A 1 22  ? 6.148   -9.054  15.212  1.00 30.12 ? 22  GLN A NE2 1 
ATOM   181  N  N   . ASP A 1 23  ? 7.895   -4.209  12.028  1.00 21.77 ? 23  ASP A N   1 
ATOM   182  C  CA  . ASP A 1 23  ? 9.021   -3.685  11.271  1.00 20.83 ? 23  ASP A CA  1 
ATOM   183  C  C   . ASP A 1 23  ? 8.667   -2.335  10.645  1.00 20.01 ? 23  ASP A C   1 
ATOM   184  O  O   . ASP A 1 23  ? 9.277   -1.915  9.658   1.00 19.86 ? 23  ASP A O   1 
ATOM   185  C  CB  . ASP A 1 23  ? 9.422   -4.705  10.198  1.00 21.01 ? 23  ASP A CB  1 
ATOM   186  C  CG  . ASP A 1 23  ? 10.707  -4.341  9.475   1.00 21.62 ? 23  ASP A CG  1 
ATOM   187  O  OD1 . ASP A 1 23  ? 11.665  -3.867  10.119  1.00 22.73 ? 23  ASP A OD1 1 
ATOM   188  O  OD2 . ASP A 1 23  ? 10.757  -4.546  8.247   1.00 22.20 ? 23  ASP A OD2 1 
ATOM   189  N  N   . MET A 1 24  ? 7.689   -1.657  11.242  1.00 19.08 ? 24  MET A N   1 
ATOM   190  C  CA  . MET A 1 24  ? 7.202   -0.370  10.744  1.00 18.39 ? 24  MET A CA  1 
ATOM   191  C  C   . MET A 1 24  ? 7.406   0.736   11.765  1.00 17.93 ? 24  MET A C   1 
ATOM   192  O  O   . MET A 1 24  ? 7.232   0.523   12.967  1.00 17.97 ? 24  MET A O   1 
ATOM   193  C  CB  . MET A 1 24  ? 5.714   -0.461  10.416  1.00 18.40 ? 24  MET A CB  1 
ATOM   194  C  CG  . MET A 1 24  ? 5.394   -1.139  9.095   1.00 18.91 ? 24  MET A CG  1 
ATOM   195  S  SD  . MET A 1 24  ? 3.696   -1.730  8.998   1.00 19.91 ? 24  MET A SD  1 
ATOM   196  C  CE  . MET A 1 24  ? 2.746   -0.238  9.278   1.00 19.51 ? 24  MET A CE  1 
ATOM   197  N  N   . SER A 1 25  ? 7.759   1.920   11.280  1.00 17.13 ? 25  SER A N   1 
ATOM   198  C  CA  . SER A 1 25  ? 7.847   3.110   12.129  1.00 17.01 ? 25  SER A CA  1 
ATOM   199  C  C   . SER A 1 25  ? 7.521   4.354   11.322  1.00 16.42 ? 25  SER A C   1 
ATOM   200  O  O   . SER A 1 25  ? 7.871   4.443   10.142  1.00 15.77 ? 25  SER A O   1 
ATOM   201  C  CB  . SER A 1 25  ? 9.235   3.232   12.769  1.00 17.18 ? 25  SER A CB  1 
ATOM   202  O  OG  . SER A 1 25  ? 10.249  3.403   11.794  1.00 19.41 ? 25  SER A OG  1 
ATOM   203  N  N   . ALA A 1 26  ? 6.831   5.299   11.958  1.00 15.62 ? 26  ALA A N   1 
ATOM   204  C  CA  . ALA A 1 26  ? 6.538   6.587   11.348  1.00 15.39 ? 26  ALA A CA  1 
ATOM   205  C  C   . ALA A 1 26  ? 7.631   7.565   11.738  1.00 15.42 ? 26  ALA A C   1 
ATOM   206  O  O   . ALA A 1 26  ? 7.761   7.947   12.907  1.00 15.41 ? 26  ALA A O   1 
ATOM   207  C  CB  . ALA A 1 26  ? 5.176   7.092   11.773  1.00 15.30 ? 26  ALA A CB  1 
ATOM   208  N  N   . VAL A 1 27  ? 8.431   7.941   10.750  1.00 15.40 ? 27  VAL A N   1 
ATOM   209  C  CA  . VAL A 1 27  ? 9.650   8.739   10.974  1.00 15.16 ? 27  VAL A CA  1 
ATOM   210  C  C   . VAL A 1 27  ? 9.817   9.844   9.924   1.00 15.39 ? 27  VAL A C   1 
ATOM   211  O  O   . VAL A 1 27  ? 9.301   9.728   8.807   1.00 14.89 ? 27  VAL A O   1 
ATOM   212  C  CB  . VAL A 1 27  ? 10.918  7.843   11.009  1.00 15.53 ? 27  VAL A CB  1 
ATOM   213  C  CG1 . VAL A 1 27  ? 10.930  6.967   12.251  1.00 15.94 ? 27  VAL A CG1 1 
ATOM   214  C  CG2 . VAL A 1 27  ? 11.005  6.988   9.757   1.00 14.79 ? 27  VAL A CG2 1 
ATOM   215  N  N   . PRO A 1 28  ? 10.536  10.930  10.275  1.00 15.12 ? 28  PRO A N   1 
ATOM   216  C  CA  . PRO A 1 28  ? 10.738  12.037  9.339   1.00 15.54 ? 28  PRO A CA  1 
ATOM   217  C  C   . PRO A 1 28  ? 11.562  11.676  8.093   1.00 15.85 ? 28  PRO A C   1 
ATOM   218  O  O   . PRO A 1 28  ? 11.334  12.253  7.032   1.00 16.16 ? 28  PRO A O   1 
ATOM   219  C  CB  . PRO A 1 28  ? 11.475  13.089  10.185  1.00 15.69 ? 28  PRO A CB  1 
ATOM   220  C  CG  . PRO A 1 28  ? 12.034  12.340  11.339  1.00 15.37 ? 28  PRO A CG  1 
ATOM   221  C  CD  . PRO A 1 28  ? 11.059  11.249  11.618  1.00 15.30 ? 28  PRO A CD  1 
ATOM   222  N  N   . GLU A 1 29  ? 12.500  10.738  8.226   1.00 16.51 ? 29  GLU A N   1 
ATOM   223  C  CA  . GLU A 1 29  ? 13.365  10.338  7.105   1.00 17.20 ? 29  GLU A CA  1 
ATOM   224  C  C   . GLU A 1 29  ? 12.557  9.762   5.943   1.00 16.80 ? 29  GLU A C   1 
ATOM   225  O  O   . GLU A 1 29  ? 13.003  9.794   4.791   1.00 16.90 ? 29  GLU A O   1 
ATOM   226  C  CB  . GLU A 1 29  ? 14.429  9.328   7.562   1.00 17.85 ? 29  GLU A CB  1 
ATOM   227  C  CG  . GLU A 1 29  ? 13.868  7.975   7.990   1.00 20.94 ? 29  GLU A CG  1 
ATOM   228  C  CD  . GLU A 1 29  ? 14.831  7.149   8.817   1.00 24.98 ? 29  GLU A CD  1 
ATOM   229  O  OE1 . GLU A 1 29  ? 15.738  6.518   8.230   1.00 27.66 ? 29  GLU A OE1 1 
ATOM   230  O  OE2 . GLU A 1 29  ? 14.663  7.108   10.056  1.00 26.91 ? 29  GLU A OE2 1 
ATOM   231  N  N   . ALA A 1 30  ? 11.369  9.254   6.262   1.00 16.14 ? 30  ALA A N   1 
ATOM   232  C  CA  . ALA A 1 30  ? 10.503  8.589   5.296   1.00 15.69 ? 30  ALA A CA  1 
ATOM   233  C  C   . ALA A 1 30  ? 9.430   9.512   4.722   1.00 15.52 ? 30  ALA A C   1 
ATOM   234  O  O   . ALA A 1 30  ? 8.615   9.087   3.905   1.00 15.28 ? 30  ALA A O   1 
ATOM   235  C  CB  . ALA A 1 30  ? 9.859   7.368   5.935   1.00 15.72 ? 30  ALA A CB  1 
ATOM   236  N  N   . ALA A 1 31  ? 9.424   10.772  5.150   1.00 15.17 ? 31  ALA A N   1 
ATOM   237  C  CA  . ALA A 1 31  ? 8.405   11.721  4.710   1.00 15.21 ? 31  ALA A CA  1 
ATOM   238  C  C   . ALA A 1 31  ? 8.631   12.194  3.280   1.00 15.53 ? 31  ALA A C   1 
ATOM   239  O  O   . ALA A 1 31  ? 9.732   12.635  2.934   1.00 15.83 ? 31  ALA A O   1 
ATOM   240  C  CB  . ALA A 1 31  ? 8.349   12.925  5.657   1.00 14.98 ? 31  ALA A CB  1 
ATOM   241  N  N   . HIS A 1 32  ? 7.591   12.093  2.455   1.00 15.48 ? 32  HIS A N   1 
ATOM   242  C  CA  . HIS A 1 32  ? 7.574   12.755  1.154   1.00 16.05 ? 32  HIS A CA  1 
ATOM   243  C  C   . HIS A 1 32  ? 6.807   14.071  1.257   1.00 16.24 ? 32  HIS A C   1 
ATOM   244  O  O   . HIS A 1 32  ? 7.211   15.083  0.683   1.00 17.45 ? 32  HIS A O   1 
ATOM   245  C  CB  . HIS A 1 32  ? 6.957   11.871  0.068   1.00 16.18 ? 32  HIS A CB  1 
ATOM   246  C  CG  . HIS A 1 32  ? 6.903   12.536  -1.272  1.00 17.04 ? 32  HIS A CG  1 
ATOM   247  N  ND1 . HIS A 1 32  ? 5.763   13.140  -1.757  1.00 18.70 ? 32  HIS A ND1 1 
ATOM   248  C  CD2 . HIS A 1 32  ? 7.861   12.733  -2.207  1.00 18.53 ? 32  HIS A CD2 1 
ATOM   249  C  CE1 . HIS A 1 32  ? 6.019   13.666  -2.942  1.00 18.26 ? 32  HIS A CE1 1 
ATOM   250  N  NE2 . HIS A 1 32  ? 7.282   13.429  -3.240  1.00 19.10 ? 32  HIS A NE2 1 
ATOM   251  N  N   . ASN A 1 33  ? 5.689   14.035  1.977   1.00 16.10 ? 33  ASN A N   1 
ATOM   252  C  CA  . ASN A 1 33  ? 4.926   15.234  2.307   1.00 16.00 ? 33  ASN A CA  1 
ATOM   253  C  C   . ASN A 1 33  ? 4.640   15.258  3.799   1.00 15.40 ? 33  ASN A C   1 
ATOM   254  O  O   . ASN A 1 33  ? 4.652   14.216  4.453   1.00 14.72 ? 33  ASN A O   1 
ATOM   255  C  CB  . ASN A 1 33  ? 3.611   15.279  1.531   1.00 16.84 ? 33  ASN A CB  1 
ATOM   256  C  CG  . ASN A 1 33  ? 3.799   15.649  0.065   1.00 18.46 ? 33  ASN A CG  1 
ATOM   257  O  OD1 . ASN A 1 33  ? 2.972   15.307  -0.769  1.00 22.71 ? 33  ASN A OD1 1 
ATOM   258  N  ND2 . ASN A 1 33  ? 4.881   16.355  -0.250  1.00 22.28 ? 33  ASN A ND2 1 
ATOM   259  N  N   . GLY A 1 34  ? 4.380   16.442  4.338   1.00 15.06 ? 34  GLY A N   1 
ATOM   260  C  CA  . GLY A 1 34  ? 4.172   16.582  5.776   1.00 14.95 ? 34  GLY A CA  1 
ATOM   261  C  C   . GLY A 1 34  ? 5.440   16.279  6.553   1.00 14.79 ? 34  GLY A C   1 
ATOM   262  O  O   . GLY A 1 34  ? 6.548   16.374  6.021   1.00 15.23 ? 34  GLY A O   1 
ATOM   263  N  N   . ALA A 1 35  ? 5.275   15.899  7.815   1.00 14.49 ? 35  ALA A N   1 
ATOM   264  C  CA  . ALA A 1 35  ? 6.407   15.698  8.709   1.00 14.06 ? 35  ALA A CA  1 
ATOM   265  C  C   . ALA A 1 35  ? 6.870   14.249  8.827   1.00 13.84 ? 35  ALA A C   1 
ATOM   266  O  O   . ALA A 1 35  ? 7.996   13.993  9.252   1.00 14.29 ? 35  ALA A O   1 
ATOM   267  C  CB  . ALA A 1 35  ? 6.085   16.254  10.087  1.00 14.29 ? 35  ALA A CB  1 
ATOM   268  N  N   . LEU A 1 36  ? 6.005   13.306  8.455   1.00 13.23 ? 36  LEU A N   1 
ATOM   269  C  CA  . LEU A 1 36  ? 6.284   11.892  8.676   1.00 12.84 ? 36  LEU A CA  1 
ATOM   270  C  C   . LEU A 1 36  ? 6.009   11.058  7.444   1.00 12.47 ? 36  LEU A C   1 
ATOM   271  O  O   . LEU A 1 36  ? 5.206   11.430  6.602   1.00 12.33 ? 36  LEU A O   1 
ATOM   272  C  CB  . LEU A 1 36  ? 5.435   11.346  9.834   1.00 12.99 ? 36  LEU A CB  1 
ATOM   273  C  CG  . LEU A 1 36  ? 5.658   11.915  11.240  1.00 13.26 ? 36  LEU A CG  1 
ATOM   274  C  CD1 . LEU A 1 36  ? 4.566   11.437  12.185  1.00 13.99 ? 36  LEU A CD1 1 
ATOM   275  C  CD2 . LEU A 1 36  ? 7.033   11.531  11.767  1.00 13.97 ? 36  LEU A CD2 1 
ATOM   276  N  N   . GLY A 1 37  ? 6.689   9.922   7.364   1.00 12.14 ? 37  GLY A N   1 
ATOM   277  C  CA  . GLY A 1 37  ? 6.356   8.889   6.389   1.00 11.97 ? 37  GLY A CA  1 
ATOM   278  C  C   . GLY A 1 37  ? 6.517   7.539   7.050   1.00 12.01 ? 37  GLY A C   1 
ATOM   279  O  O   . GLY A 1 37  ? 6.946   7.458   8.208   1.00 12.14 ? 37  GLY A O   1 
ATOM   280  N  N   . LEU A 1 38  ? 6.160   6.478   6.333   1.00 11.93 ? 38  LEU A N   1 
ATOM   281  C  CA  . LEU A 1 38  ? 6.325   5.129   6.852   1.00 11.91 ? 38  LEU A CA  1 
ATOM   282  C  C   . LEU A 1 38  ? 7.660   4.535   6.423   1.00 12.34 ? 38  LEU A C   1 
ATOM   283  O  O   . LEU A 1 38  ? 7.961   4.465   5.234   1.00 12.01 ? 38  LEU A O   1 
ATOM   284  C  CB  . LEU A 1 38  ? 5.181   4.219   6.388   1.00 11.93 ? 38  LEU A CB  1 
ATOM   285  C  CG  . LEU A 1 38  ? 5.321   2.742   6.786   1.00 12.38 ? 38  LEU A CG  1 
ATOM   286  C  CD1 . LEU A 1 38  ? 5.308   2.582   8.296   1.00 13.54 ? 38  LEU A CD1 1 
ATOM   287  C  CD2 . LEU A 1 38  ? 4.233   1.889   6.156   1.00 13.07 ? 38  LEU A CD2 1 
ATOM   288  N  N   . LYS A 1 39  ? 8.450   4.103   7.404   1.00 12.77 ? 39  LYS A N   1 
ATOM   289  C  CA  . LYS A 1 39  ? 9.654   3.327   7.144   1.00 13.58 ? 39  LYS A CA  1 
ATOM   290  C  C   . LYS A 1 39  ? 9.373   1.863   7.433   1.00 13.75 ? 39  LYS A C   1 
ATOM   291  O  O   . LYS A 1 39  ? 8.927   1.517   8.528   1.00 13.92 ? 39  LYS A O   1 
ATOM   292  C  CB  . LYS A 1 39  ? 10.814  3.826   8.015   1.00 13.82 ? 39  LYS A CB  1 
ATOM   293  C  CG  . LYS A 1 39  ? 12.119  3.048   7.855   1.00 15.44 ? 39  LYS A CG  1 
ATOM   294  C  CD  . LYS A 1 39  ? 13.173  3.577   8.826   1.00 17.93 ? 39  LYS A CD  1 
ATOM   295  C  CE  . LYS A 1 39  ? 14.516  2.894   8.631   1.00 20.00 ? 39  LYS A CE  1 
ATOM   296  N  NZ  . LYS A 1 39  ? 15.562  3.522   9.499   1.00 22.61 ? 39  LYS A NZ  1 
ATOM   297  N  N   . ILE A 1 40  ? 9.610   1.010   6.440   1.00 14.00 ? 40  ILE A N   1 
ATOM   298  C  CA  . ILE A 1 40  ? 9.603   -0.432  6.657   1.00 14.67 ? 40  ILE A CA  1 
ATOM   299  C  C   . ILE A 1 40  ? 11.061  -0.885  6.619   1.00 15.14 ? 40  ILE A C   1 
ATOM   300  O  O   . ILE A 1 40  ? 11.730  -0.777  5.591   1.00 15.13 ? 40  ILE A O   1 
ATOM   301  C  CB  . ILE A 1 40  ? 8.731   -1.199  5.623   1.00 14.43 ? 40  ILE A CB  1 
ATOM   302  C  CG1 . ILE A 1 40  ? 7.339   -0.562  5.496   1.00 14.74 ? 40  ILE A CG1 1 
ATOM   303  C  CG2 . ILE A 1 40  ? 8.614   -2.680  6.013   1.00 14.87 ? 40  ILE A CG2 1 
ATOM   304  C  CD1 . ILE A 1 40  ? 6.466   -1.168  4.399   1.00 14.33 ? 40  ILE A CD1 1 
ATOM   305  N  N   . GLY A 1 41  ? 11.553  -1.358  7.764   1.00 15.86 ? 41  GLY A N   1 
ATOM   306  C  CA  . GLY A 1 41  ? 12.970  -1.678  7.928   1.00 16.78 ? 41  GLY A CA  1 
ATOM   307  C  C   . GLY A 1 41  ? 13.463  -2.812  7.049   1.00 17.22 ? 41  GLY A C   1 
ATOM   308  O  O   . GLY A 1 41  ? 12.776  -3.815  6.872   1.00 17.49 ? 41  GLY A O   1 
ATOM   309  N  N   . GLY A 1 42  ? 14.669  -2.657  6.511   1.00 18.08 ? 42  GLY A N   1 
ATOM   310  C  CA  . GLY A 1 42  ? 15.246  -3.650  5.604   1.00 19.11 ? 42  GLY A CA  1 
ATOM   311  C  C   . GLY A 1 42  ? 15.675  -4.940  6.279   1.00 19.92 ? 42  GLY A C   1 
ATOM   312  O  O   . GLY A 1 42  ? 15.620  -5.055  7.505   1.00 20.08 ? 42  GLY A O   1 
ATOM   313  N  N   . GLY A 1 43  ? 16.079  -5.918  5.469   1.00 20.62 ? 43  GLY A N   1 
ATOM   314  C  CA  . GLY A 1 43  ? 16.674  -7.155  5.982   1.00 21.65 ? 43  GLY A CA  1 
ATOM   315  C  C   . GLY A 1 43  ? 15.780  -8.381  6.024   1.00 22.23 ? 43  GLY A C   1 
ATOM   316  O  O   . GLY A 1 43  ? 16.276  -9.510  6.070   1.00 22.80 ? 43  GLY A O   1 
ATOM   317  N  N   . LYS A 1 44  ? 14.467  -8.159  6.030   1.00 22.25 ? 44  LYS A N   1 
ATOM   318  C  CA  . LYS A 1 44  ? 13.466  -9.231  6.003   1.00 22.23 ? 44  LYS A CA  1 
ATOM   319  C  C   . LYS A 1 44  ? 12.194  -8.727  5.324   1.00 21.60 ? 44  LYS A C   1 
ATOM   320  O  O   . LYS A 1 44  ? 11.946  -7.519  5.301   1.00 21.73 ? 44  LYS A O   1 
ATOM   321  C  CB  . LYS A 1 44  ? 13.144  -9.720  7.420   1.00 22.68 ? 44  LYS A CB  1 
ATOM   322  C  CG  . LYS A 1 44  ? 12.476  -8.682  8.322   1.00 24.15 ? 44  LYS A CG  1 
ATOM   323  C  CD  . LYS A 1 44  ? 12.057  -9.295  9.645   1.00 26.46 ? 44  LYS A CD  1 
ATOM   324  C  CE  . LYS A 1 44  ? 11.205  -8.336  10.454  1.00 27.70 ? 44  LYS A CE  1 
ATOM   325  N  NZ  . LYS A 1 44  ? 10.760  -8.960  11.732  1.00 28.98 ? 44  LYS A NZ  1 
ATOM   326  N  N   . ALA A 1 45  ? 11.392  -9.645  4.784   1.00 20.81 ? 45  ALA A N   1 
ATOM   327  C  CA  . ALA A 1 45  ? 10.109  -9.284  4.182   1.00 20.05 ? 45  ALA A CA  1 
ATOM   328  C  C   . ALA A 1 45  ? 9.141   -8.827  5.268   1.00 19.45 ? 45  ALA A C   1 
ATOM   329  O  O   . ALA A 1 45  ? 9.007   -9.482  6.301   1.00 19.77 ? 45  ALA A O   1 
ATOM   330  C  CB  . ALA A 1 45  ? 9.528   -10.457 3.395   1.00 20.01 ? 45  ALA A CB  1 
ATOM   331  N  N   . ALA A 1 46  ? 8.485   -7.690  5.044   1.00 18.55 ? 46  ALA A N   1 
ATOM   332  C  CA  . ALA A 1 46  ? 7.585   -7.119  6.042   1.00 17.78 ? 46  ALA A CA  1 
ATOM   333  C  C   . ALA A 1 46  ? 6.601   -6.154  5.413   1.00 17.45 ? 46  ALA A C   1 
ATOM   334  O  O   . ALA A 1 46  ? 6.844   -5.623  4.328   1.00 16.97 ? 46  ALA A O   1 
ATOM   335  C  CB  . ALA A 1 46  ? 8.378   -6.409  7.137   1.00 17.81 ? 46  ALA A CB  1 
ATOM   336  N  N   . GLY A 1 47  ? 5.493   -5.930  6.107   1.00 17.14 ? 47  GLY A N   1 
ATOM   337  C  CA  . GLY A 1 47  ? 4.511   -4.962  5.663   1.00 16.67 ? 47  GLY A CA  1 
ATOM   338  C  C   . GLY A 1 47  ? 3.412   -4.695  6.660   1.00 16.32 ? 47  GLY A C   1 
ATOM   339  O  O   . GLY A 1 47  ? 3.487   -5.086  7.829   1.00 16.40 ? 47  GLY A O   1 
ATOM   340  N  N   . GLY A 1 48  ? 2.384   -4.010  6.180   1.00 15.92 ? 48  GLY A N   1 
ATOM   341  C  CA  . GLY A 1 48  ? 1.237   -3.649  6.991   1.00 15.41 ? 48  GLY A CA  1 
ATOM   342  C  C   . GLY A 1 48  ? 0.102   -3.246  6.084   1.00 15.23 ? 48  GLY A C   1 
ATOM   343  O  O   . GLY A 1 48  ? 0.230   -3.279  4.863   1.00 14.80 ? 48  GLY A O   1 
ATOM   344  N  N   . GLY A 1 49  ? -1.021  -2.868  6.675   1.00 15.19 ? 49  GLY A N   1 
ATOM   345  C  CA  . GLY A 1 49  ? -2.168  -2.509  5.866   1.00 15.74 ? 49  GLY A CA  1 
ATOM   346  C  C   . GLY A 1 49  ? -3.399  -2.161  6.657   1.00 16.18 ? 49  GLY A C   1 
ATOM   347  O  O   . GLY A 1 49  ? -3.342  -1.986  7.877   1.00 16.03 ? 49  GLY A O   1 
ATOM   348  N  N   . GLN A 1 50  ? -4.513  -2.048  5.945   1.00 16.78 ? 50  GLN A N   1 
ATOM   349  C  CA  . GLN A 1 50  ? -5.796  -1.752  6.569   1.00 17.86 ? 50  GLN A CA  1 
ATOM   350  C  C   . GLN A 1 50  ? -6.950  -2.263  5.715   1.00 18.74 ? 50  GLN A C   1 
ATOM   351  O  O   . GLN A 1 50  ? -6.836  -2.360  4.490   1.00 18.45 ? 50  GLN A O   1 
ATOM   352  C  CB  . GLN A 1 50  ? -5.939  -0.247  6.853   1.00 18.15 ? 50  GLN A CB  1 
ATOM   353  C  CG  . GLN A 1 50  ? -5.733  0.666   5.655   1.00 18.15 ? 50  GLN A CG  1 
ATOM   354  C  CD  . GLN A 1 50  ? -5.917  2.136   5.999   1.00 17.29 ? 50  GLN A CD  1 
ATOM   355  O  OE1 . GLN A 1 50  ? -6.963  2.717   5.728   1.00 18.26 ? 50  GLN A OE1 1 
ATOM   356  N  NE2 . GLN A 1 50  ? -4.900  2.741   6.603   1.00 16.29 ? 50  GLN A NE2 1 
ATOM   357  N  N   . ASP A 1 51  ? -8.049  -2.614  6.376   1.00 19.69 ? 51  ASP A N   1 
ATOM   358  C  CA  . ASP A 1 51  ? -9.276  -2.995  5.691   1.00 21.12 ? 51  ASP A CA  1 
ATOM   359  C  C   . ASP A 1 51  ? -9.948  -1.753  5.129   1.00 21.55 ? 51  ASP A C   1 
ATOM   360  O  O   . ASP A 1 51  ? -10.059 -0.732  5.814   1.00 21.79 ? 51  ASP A O   1 
ATOM   361  C  CB  . ASP A 1 51  ? -10.241 -3.694  6.652   1.00 21.59 ? 51  ASP A CB  1 
ATOM   362  C  CG  . ASP A 1 51  ? -9.769  -5.072  7.064   1.00 23.25 ? 51  ASP A CG  1 
ATOM   363  O  OD1 . ASP A 1 51  ? -8.895  -5.657  6.386   1.00 25.31 ? 51  ASP A OD1 1 
ATOM   364  O  OD2 . ASP A 1 51  ? -10.288 -5.577  8.082   1.00 26.80 ? 51  ASP A OD2 1 
ATOM   365  N  N   . ILE A 1 52  ? -10.381 -1.837  3.876   1.00 22.07 ? 52  ILE A N   1 
ATOM   366  C  CA  . ILE A 1 52  ? -11.123 -0.744  3.260   1.00 22.70 ? 52  ILE A CA  1 
ATOM   367  C  C   . ILE A 1 52  ? -12.376 -1.269  2.558   1.00 23.01 ? 52  ILE A C   1 
ATOM   368  O  O   . ILE A 1 52  ? -12.286 -1.898  1.504   1.00 22.68 ? 52  ILE A O   1 
ATOM   369  C  CB  . ILE A 1 52  ? -10.244 0.104   2.300   1.00 22.88 ? 52  ILE A CB  1 
ATOM   370  C  CG1 . ILE A 1 52  ? -9.037  0.682   3.053   1.00 23.16 ? 52  ILE A CG1 1 
ATOM   371  C  CG2 . ILE A 1 52  ? -11.074 1.231   1.673   1.00 23.24 ? 52  ILE A CG2 1 
ATOM   372  C  CD1 . ILE A 1 52  ? -8.001  1.360   2.192   1.00 23.98 ? 52  ILE A CD1 1 
ATOM   373  N  N   . PRO A 1 53  ? -13.557 -1.020  3.153   1.00 23.75 ? 53  PRO A N   1 
ATOM   374  C  CA  . PRO A 1 53  ? -14.803 -1.386  2.490   1.00 23.85 ? 53  PRO A CA  1 
ATOM   375  C  C   . PRO A 1 53  ? -14.968 -0.585  1.201   1.00 23.75 ? 53  PRO A C   1 
ATOM   376  O  O   . PRO A 1 53  ? -15.022 0.642   1.238   1.00 24.39 ? 53  PRO A O   1 
ATOM   377  C  CB  . PRO A 1 53  ? -15.877 -0.993  3.511   1.00 23.91 ? 53  PRO A CB  1 
ATOM   378  C  CG  . PRO A 1 53  ? -15.227 0.032   4.383   1.00 24.37 ? 53  PRO A CG  1 
ATOM   379  C  CD  . PRO A 1 53  ? -13.791 -0.386  4.463   1.00 23.88 ? 53  PRO A CD  1 
ATOM   380  N  N   . LEU A 1 54  ? -15.012 -1.284  0.074   1.00 23.56 ? 54  LEU A N   1 
ATOM   381  C  CA  . LEU A 1 54  ? -15.172 -0.642  -1.223  1.00 23.28 ? 54  LEU A CA  1 
ATOM   382  C  C   . LEU A 1 54  ? -16.579 -0.874  -1.749  1.00 23.29 ? 54  LEU A C   1 
ATOM   383  O  O   . LEU A 1 54  ? -17.220 -1.871  -1.406  1.00 23.35 ? 54  LEU A O   1 
ATOM   384  C  CB  . LEU A 1 54  ? -14.141 -1.175  -2.225  1.00 23.21 ? 54  LEU A CB  1 
ATOM   385  C  CG  . LEU A 1 54  ? -12.649 -0.973  -1.941  1.00 23.20 ? 54  LEU A CG  1 
ATOM   386  C  CD1 . LEU A 1 54  ? -11.828 -1.649  -3.021  1.00 23.34 ? 54  LEU A CD1 1 
ATOM   387  C  CD2 . LEU A 1 54  ? -12.291 0.503   -1.845  1.00 23.24 ? 54  LEU A CD2 1 
ATOM   388  N  N   . LYS A 1 55  ? -17.054 0.054   -2.574  1.00 23.11 ? 55  LYS A N   1 
ATOM   389  C  CA  . LYS A 1 55  ? -18.351 -0.080  -3.227  1.00 23.13 ? 55  LYS A CA  1 
ATOM   390  C  C   . LYS A 1 55  ? -18.240 -1.070  -4.383  1.00 22.89 ? 55  LYS A C   1 
ATOM   391  O  O   . LYS A 1 55  ? -17.205 -1.127  -5.051  1.00 22.68 ? 55  LYS A O   1 
ATOM   392  C  CB  . LYS A 1 55  ? -18.837 1.274   -3.755  1.00 23.24 ? 55  LYS A CB  1 
ATOM   393  C  CG  . LYS A 1 55  ? -19.058 2.347   -2.699  1.00 24.04 ? 55  LYS A CG  1 
ATOM   394  C  CD  . LYS A 1 55  ? -19.382 3.684   -3.358  1.00 26.12 ? 55  LYS A CD  1 
ATOM   395  C  CE  . LYS A 1 55  ? -19.549 4.792   -2.334  1.00 27.50 ? 55  LYS A CE  1 
ATOM   396  N  NZ  . LYS A 1 55  ? -19.803 6.107   -2.991  1.00 28.60 ? 55  LYS A NZ  1 
ATOM   397  N  N   . PRO A 1 56  ? -19.299 -1.867  -4.618  1.00 22.45 ? 56  PRO A N   1 
ATOM   398  C  CA  . PRO A 1 56  ? -19.320 -2.752  -5.780  1.00 22.27 ? 56  PRO A CA  1 
ATOM   399  C  C   . PRO A 1 56  ? -19.505 -1.968  -7.077  1.00 21.68 ? 56  PRO A C   1 
ATOM   400  O  O   . PRO A 1 56  ? -20.002 -0.840  -7.042  1.00 21.93 ? 56  PRO A O   1 
ATOM   401  C  CB  . PRO A 1 56  ? -20.543 -3.639  -5.520  1.00 22.37 ? 56  PRO A CB  1 
ATOM   402  C  CG  . PRO A 1 56  ? -21.420 -2.822  -4.658  1.00 22.79 ? 56  PRO A CG  1 
ATOM   403  C  CD  . PRO A 1 56  ? -20.504 -2.031  -3.782  1.00 22.90 ? 56  PRO A CD  1 
ATOM   404  N  N   . ASN A 1 57  ? -19.101 -2.566  -8.200  1.00 21.23 ? 57  ASN A N   1 
ATOM   405  C  CA  . ASN A 1 57  ? -19.226 -1.958  -9.534  1.00 20.92 ? 57  ASN A CA  1 
ATOM   406  C  C   . ASN A 1 57  ? -18.714 -0.519  -9.585  1.00 20.17 ? 57  ASN A C   1 
ATOM   407  O  O   . ASN A 1 57  ? -19.339 0.356   -10.192 1.00 20.45 ? 57  ASN A O   1 
ATOM   408  C  CB  . ASN A 1 57  ? -20.682 -1.997  -10.028 1.00 21.43 ? 57  ASN A CB  1 
ATOM   409  C  CG  . ASN A 1 57  ? -21.315 -3.367  -9.900  1.00 22.56 ? 57  ASN A CG  1 
ATOM   410  O  OD1 . ASN A 1 57  ? -22.308 -3.532  -9.190  1.00 25.23 ? 57  ASN A OD1 1 
ATOM   411  N  ND2 . ASN A 1 57  ? -20.758 -4.352  -10.593 1.00 24.05 ? 57  ASN A ND2 1 
ATOM   412  N  N   . THR A 1 58  ? -17.577 -0.277  -8.938  1.00 19.00 ? 58  THR A N   1 
ATOM   413  C  CA  . THR A 1 58  ? -17.059 1.076   -8.793  1.00 17.96 ? 58  THR A CA  1 
ATOM   414  C  C   . THR A 1 58  ? -15.601 1.125   -9.229  1.00 16.67 ? 58  THR A C   1 
ATOM   415  O  O   . THR A 1 58  ? -14.833 0.201   -8.968  1.00 16.57 ? 58  THR A O   1 
ATOM   416  C  CB  . THR A 1 58  ? -17.247 1.592   -7.348  1.00 18.04 ? 58  THR A CB  1 
ATOM   417  O  OG1 . THR A 1 58  ? -18.645 1.584   -7.026  1.00 19.56 ? 58  THR A OG1 1 
ATOM   418  C  CG2 . THR A 1 58  ? -16.729 3.013   -7.185  1.00 18.63 ? 58  THR A CG2 1 
ATOM   419  N  N   . THR A 1 59  ? -15.243 2.202   -9.921  1.00 15.47 ? 59  THR A N   1 
ATOM   420  C  CA  . THR A 1 59  ? -13.897 2.384   -10.434 1.00 14.42 ? 59  THR A CA  1 
ATOM   421  C  C   . THR A 1 59  ? -13.082 3.233   -9.458  1.00 13.59 ? 59  THR A C   1 
ATOM   422  O  O   . THR A 1 59  ? -13.525 4.296   -9.018  1.00 13.47 ? 59  THR A O   1 
ATOM   423  C  CB  . THR A 1 59  ? -13.932 3.019   -11.838 1.00 14.33 ? 59  THR A CB  1 
ATOM   424  O  OG1 . THR A 1 59  ? -14.631 2.142   -12.732 1.00 15.02 ? 59  THR A OG1 1 
ATOM   425  C  CG2 . THR A 1 59  ? -12.541 3.227   -12.373 1.00 14.32 ? 59  THR A CG2 1 
ATOM   426  N  N   . TYR A 1 60  ? -11.895 2.732   -9.122  1.00 12.76 ? 60  TYR A N   1 
ATOM   427  C  CA  . TYR A 1 60  ? -11.015 3.365   -8.151  1.00 12.42 ? 60  TYR A CA  1 
ATOM   428  C  C   . TYR A 1 60  ? -9.632  3.574   -8.713  1.00 12.07 ? 60  TYR A C   1 
ATOM   429  O  O   . TYR A 1 60  ? -9.171  2.822   -9.568  1.00 12.06 ? 60  TYR A O   1 
ATOM   430  C  CB  . TYR A 1 60  ? -10.866 2.481   -6.909  1.00 12.35 ? 60  TYR A CB  1 
ATOM   431  C  CG  . TYR A 1 60  ? -12.089 2.428   -6.030  1.00 12.98 ? 60  TYR A CG  1 
ATOM   432  C  CD1 . TYR A 1 60  ? -12.288 3.378   -5.028  1.00 12.85 ? 60  TYR A CD1 1 
ATOM   433  C  CD2 . TYR A 1 60  ? -13.034 1.420   -6.189  1.00 13.92 ? 60  TYR A CD2 1 
ATOM   434  C  CE1 . TYR A 1 60  ? -13.415 3.329   -4.207  1.00 14.68 ? 60  TYR A CE1 1 
ATOM   435  C  CE2 . TYR A 1 60  ? -14.158 1.358   -5.376  1.00 15.01 ? 60  TYR A CE2 1 
ATOM   436  C  CZ  . TYR A 1 60  ? -14.341 2.317   -4.391  1.00 15.19 ? 60  TYR A CZ  1 
ATOM   437  O  OH  . TYR A 1 60  ? -15.460 2.268   -3.586  1.00 16.97 ? 60  TYR A OH  1 
ATOM   438  N  N   . ILE A 1 61  ? -8.969  4.599   -8.198  1.00 11.71 ? 61  ILE A N   1 
ATOM   439  C  CA  . ILE A 1 61  ? -7.550  4.777   -8.412  1.00 12.16 ? 61  ILE A CA  1 
ATOM   440  C  C   . ILE A 1 61  ? -6.809  4.416   -7.135  1.00 11.52 ? 61  ILE A C   1 
ATOM   441  O  O   . ILE A 1 61  ? -7.253  4.753   -6.042  1.00 12.18 ? 61  ILE A O   1 
ATOM   442  C  CB  . ILE A 1 61  ? -7.226  6.224   -8.819  1.00 12.10 ? 61  ILE A CB  1 
ATOM   443  C  CG1 . ILE A 1 61  ? -7.851  6.548   -10.179 1.00 13.86 ? 61  ILE A CG1 1 
ATOM   444  C  CG2 . ILE A 1 61  ? -5.750  6.445   -8.842  1.00 14.25 ? 61  ILE A CG2 1 
ATOM   445  C  CD1 . ILE A 1 61  ? -7.698  5.463   -11.211 1.00 18.53 ? 61  ILE A CD1 1 
ATOM   446  N  N   . LEU A 1 62  ? -5.692  3.713   -7.299  1.00 10.79 ? 62  LEU A N   1 
ATOM   447  C  CA  . LEU A 1 62  ? -4.755  3.420   -6.224  1.00 10.88 ? 62  LEU A CA  1 
ATOM   448  C  C   . LEU A 1 62  ? -3.411  4.036   -6.581  1.00 10.73 ? 62  LEU A C   1 
ATOM   449  O  O   . LEU A 1 62  ? -2.887  3.780   -7.665  1.00 10.98 ? 62  LEU A O   1 
ATOM   450  C  CB  . LEU A 1 62  ? -4.600  1.904   -6.061  1.00 10.79 ? 62  LEU A CB  1 
ATOM   451  C  CG  . LEU A 1 62  ? -3.550  1.400   -5.063  1.00 10.79 ? 62  LEU A CG  1 
ATOM   452  C  CD1 . LEU A 1 62  ? -3.974  1.670   -3.619  1.00 10.96 ? 62  LEU A CD1 1 
ATOM   453  C  CD2 . LEU A 1 62  ? -3.284  -0.086  -5.273  1.00 10.99 ? 62  LEU A CD2 1 
ATOM   454  N  N   . GLY A 1 63  ? -2.855  4.831   -5.671  1.00 10.46 ? 63  GLY A N   1 
ATOM   455  C  CA  . GLY A 1 63  ? -1.555  5.472   -5.895  1.00 10.05 ? 63  GLY A CA  1 
ATOM   456  C  C   . GLY A 1 63  ? -0.762  5.604   -4.613  1.00 9.75  ? 63  GLY A C   1 
ATOM   457  O  O   . GLY A 1 63  ? -1.321  5.521   -3.514  1.00 10.02 ? 63  GLY A O   1 
ATOM   458  N  N   . ALA A 1 64  ? 0.549   5.788   -4.751  1.00 9.26  ? 64  ALA A N   1 
ATOM   459  C  CA  . ALA A 1 64  ? 1.428   5.982   -3.599  1.00 9.14  ? 64  ALA A CA  1 
ATOM   460  C  C   . ALA A 1 64  ? 2.765   6.530   -4.048  1.00 9.20  ? 64  ALA A C   1 
ATOM   461  O  O   . ALA A 1 64  ? 3.159   6.353   -5.207  1.00 9.00  ? 64  ALA A O   1 
ATOM   462  C  CB  . ALA A 1 64  ? 1.645   4.656   -2.854  1.00 9.84  ? 64  ALA A CB  1 
ATOM   463  N  N   . TRP A 1 65  ? 3.444   7.190   -3.117  1.00 9.37  ? 65  TRP A N   1 
ATOM   464  C  CA  . TRP A 1 65  ? 4.839   7.598   -3.265  1.00 9.80  ? 65  TRP A CA  1 
ATOM   465  C  C   . TRP A 1 65  ? 5.724   6.623   -2.499  1.00 10.11 ? 65  TRP A C   1 
ATOM   466  O  O   . TRP A 1 65  ? 5.428   6.288   -1.347  1.00 9.65  ? 65  TRP A O   1 
ATOM   467  C  CB  . TRP A 1 65  ? 5.049   8.982   -2.657  1.00 10.03 ? 65  TRP A CB  1 
ATOM   468  C  CG  . TRP A 1 65  ? 4.523   10.119  -3.467  1.00 10.95 ? 65  TRP A CG  1 
ATOM   469  C  CD1 . TRP A 1 65  ? 3.312   10.733  -3.328  1.00 13.47 ? 65  TRP A CD1 1 
ATOM   470  C  CD2 . TRP A 1 65  ? 5.209   10.807  -4.520  1.00 11.99 ? 65  TRP A CD2 1 
ATOM   471  N  NE1 . TRP A 1 65  ? 3.193   11.757  -4.243  1.00 13.38 ? 65  TRP A NE1 1 
ATOM   472  C  CE2 . TRP A 1 65  ? 4.344   11.824  -4.986  1.00 12.87 ? 65  TRP A CE2 1 
ATOM   473  C  CE3 . TRP A 1 65  ? 6.473   10.665  -5.113  1.00 12.03 ? 65  TRP A CE3 1 
ATOM   474  C  CZ2 . TRP A 1 65  ? 4.701   12.694  -6.025  1.00 12.72 ? 65  TRP A CZ2 1 
ATOM   475  C  CZ3 . TRP A 1 65  ? 6.824   11.528  -6.146  1.00 12.63 ? 65  TRP A CZ3 1 
ATOM   476  C  CH2 . TRP A 1 65  ? 5.942   12.531  -6.586  1.00 12.52 ? 65  TRP A CH2 1 
ATOM   477  N  N   . ALA A 1 66  ? 6.823   6.187   -3.114  1.00 10.25 ? 66  ALA A N   1 
ATOM   478  C  CA  . ALA A 1 66  ? 7.759   5.296   -2.423  1.00 10.55 ? 66  ALA A CA  1 
ATOM   479  C  C   . ALA A 1 66  ? 9.184   5.456   -2.912  1.00 10.96 ? 66  ALA A C   1 
ATOM   480  O  O   . ALA A 1 66  ? 9.420   5.916   -4.026  1.00 11.16 ? 66  ALA A O   1 
ATOM   481  C  CB  . ALA A 1 66  ? 7.312   3.830   -2.535  1.00 10.79 ? 66  ALA A CB  1 
ATOM   482  N  N   . LYS A 1 67  ? 10.129  5.080   -2.054  1.00 11.52 ? 67  LYS A N   1 
ATOM   483  C  CA  . LYS A 1 67  ? 11.529  4.914   -2.439  1.00 12.67 ? 67  LYS A CA  1 
ATOM   484  C  C   . LYS A 1 67  ? 12.235  4.003   -1.447  1.00 12.76 ? 67  LYS A C   1 
ATOM   485  O  O   . LYS A 1 67  ? 11.898  3.975   -0.261  1.00 12.23 ? 67  LYS A O   1 
ATOM   486  C  CB  . LYS A 1 67  ? 12.262  6.259   -2.542  1.00 13.41 ? 67  LYS A CB  1 
ATOM   487  C  CG  . LYS A 1 67  ? 12.382  7.031   -1.237  1.00 15.17 ? 67  LYS A CG  1 
ATOM   488  C  CD  . LYS A 1 67  ? 13.328  8.228   -1.358  1.00 17.83 ? 67  LYS A CD  1 
ATOM   489  C  CE  . LYS A 1 67  ? 14.768  7.851   -1.063  1.00 19.68 ? 67  LYS A CE  1 
ATOM   490  N  NZ  . LYS A 1 67  ? 15.658  9.033   -1.208  1.00 21.15 ? 67  LYS A NZ  1 
ATOM   491  N  N   . PHE A 1 68  ? 13.206  3.251   -1.949  1.00 12.92 ? 68  PHE A N   1 
ATOM   492  C  CA  . PHE A 1 68  ? 14.139  2.527   -1.099  1.00 13.59 ? 68  PHE A CA  1 
ATOM   493  C  C   . PHE A 1 68  ? 15.336  3.433   -0.838  1.00 14.24 ? 68  PHE A C   1 
ATOM   494  O  O   . PHE A 1 68  ? 15.675  4.266   -1.680  1.00 14.73 ? 68  PHE A O   1 
ATOM   495  C  CB  . PHE A 1 68  ? 14.617  1.262   -1.805  1.00 13.53 ? 68  PHE A CB  1 
ATOM   496  C  CG  . PHE A 1 68  ? 13.640  0.123   -1.756  1.00 12.72 ? 68  PHE A CG  1 
ATOM   497  C  CD1 . PHE A 1 68  ? 13.618  -0.745  -0.663  1.00 12.66 ? 68  PHE A CD1 1 
ATOM   498  C  CD2 . PHE A 1 68  ? 12.760  -0.101  -2.809  1.00 12.20 ? 68  PHE A CD2 1 
ATOM   499  C  CE1 . PHE A 1 68  ? 12.727  -1.816  -0.613  1.00 12.00 ? 68  PHE A CE1 1 
ATOM   500  C  CE2 . PHE A 1 68  ? 11.868  -1.171  -2.775  1.00 12.04 ? 68  PHE A CE2 1 
ATOM   501  C  CZ  . PHE A 1 68  ? 11.850  -2.031  -1.676  1.00 12.00 ? 68  PHE A CZ  1 
ATOM   502  N  N   . ASP A 1 69  ? 15.989  3.262   0.309   1.00 15.17 ? 69  ASP A N   1 
ATOM   503  C  CA  . ASP A 1 69  ? 17.152  4.100   0.627   1.00 16.16 ? 69  ASP A CA  1 
ATOM   504  C  C   . ASP A 1 69  ? 18.479  3.545   0.096   1.00 16.52 ? 69  ASP A C   1 
ATOM   505  O  O   . ASP A 1 69  ? 19.535  4.160   0.284   1.00 17.02 ? 69  ASP A O   1 
ATOM   506  C  CB  . ASP A 1 69  ? 17.219  4.421   2.128   1.00 16.59 ? 69  ASP A CB  1 
ATOM   507  C  CG  . ASP A 1 69  ? 17.691  3.249   2.976   1.00 17.72 ? 69  ASP A CG  1 
ATOM   508  O  OD1 . ASP A 1 69  ? 17.797  2.104   2.480   1.00 18.65 ? 69  ASP A OD1 1 
ATOM   509  O  OD2 . ASP A 1 69  ? 17.952  3.487   4.172   1.00 19.98 ? 69  ASP A OD2 1 
ATOM   510  N  N   . SER A 1 70  ? 18.405  2.382   -0.548  1.00 16.74 ? 70  SER A N   1 
ATOM   511  C  CA  . SER A 1 70  ? 19.547  1.703   -1.167  1.00 17.28 ? 70  SER A CA  1 
ATOM   512  C  C   . SER A 1 70  ? 18.976  0.769   -2.236  1.00 17.04 ? 70  SER A C   1 
ATOM   513  O  O   . SER A 1 70  ? 17.780  0.482   -2.205  1.00 16.85 ? 70  SER A O   1 
ATOM   514  C  CB  . SER A 1 70  ? 20.320  0.905   -0.116  1.00 17.33 ? 70  SER A CB  1 
ATOM   515  O  OG  . SER A 1 70  ? 21.516  0.382   -0.666  1.00 19.87 ? 70  SER A OG  1 
ATOM   516  N  N   . LYS A 1 71  ? 19.790  0.295   -3.183  1.00 17.02 ? 71  LYS A N   1 
ATOM   517  C  CA  . LYS A 1 71  ? 19.243  -0.580  -4.238  1.00 17.00 ? 71  LYS A CA  1 
ATOM   518  C  C   . LYS A 1 71  ? 18.674  -1.882  -3.658  1.00 16.28 ? 71  LYS A C   1 
ATOM   519  O  O   . LYS A 1 71  ? 19.366  -2.597  -2.932  1.00 16.16 ? 71  LYS A O   1 
ATOM   520  C  CB  . LYS A 1 71  ? 20.242  -0.875  -5.373  1.00 17.80 ? 71  LYS A CB  1 
ATOM   521  C  CG  . LYS A 1 71  ? 19.525  -1.332  -6.660  1.00 19.05 ? 71  LYS A CG  1 
ATOM   522  C  CD  . LYS A 1 71  ? 20.446  -1.830  -7.759  1.00 22.10 ? 71  LYS A CD  1 
ATOM   523  C  CE  . LYS A 1 71  ? 19.622  -2.346  -8.939  1.00 22.82 ? 71  LYS A CE  1 
ATOM   524  N  NZ  . LYS A 1 71  ? 20.443  -3.044  -9.972  1.00 24.08 ? 71  LYS A NZ  1 
ATOM   525  N  N   . PRO A 1 72  ? 17.396  -2.175  -3.960  1.00 15.58 ? 72  PRO A N   1 
ATOM   526  C  CA  . PRO A 1 72  ? 16.771  -3.394  -3.466  1.00 15.21 ? 72  PRO A CA  1 
ATOM   527  C  C   . PRO A 1 72  ? 17.047  -4.598  -4.369  1.00 15.22 ? 72  PRO A C   1 
ATOM   528  O  O   . PRO A 1 72  ? 17.475  -4.437  -5.517  1.00 15.42 ? 72  PRO A O   1 
ATOM   529  C  CB  . PRO A 1 72  ? 15.279  -3.044  -3.497  1.00 15.13 ? 72  PRO A CB  1 
ATOM   530  C  CG  . PRO A 1 72  ? 15.153  -2.110  -4.644  1.00 15.08 ? 72  PRO A CG  1 
ATOM   531  C  CD  . PRO A 1 72  ? 16.436  -1.320  -4.690  1.00 15.65 ? 72  PRO A CD  1 
ATOM   532  N  N   . ALA A 1 73  ? 16.803  -5.791  -3.835  1.00 15.13 ? 73  ALA A N   1 
ATOM   533  C  CA  . ALA A 1 73  ? 16.852  -7.022  -4.615  1.00 15.38 ? 73  ALA A CA  1 
ATOM   534  C  C   . ALA A 1 73  ? 15.488  -7.298  -5.238  1.00 15.36 ? 73  ALA A C   1 
ATOM   535  O  O   . ALA A 1 73  ? 15.390  -7.656  -6.419  1.00 15.55 ? 73  ALA A O   1 
ATOM   536  C  CB  . ALA A 1 73  ? 17.284  -8.182  -3.736  1.00 15.42 ? 73  ALA A CB  1 
ATOM   537  N  N   . GLY A 1 74  ? 14.441  -7.114  -4.433  1.00 15.25 ? 74  GLY A N   1 
ATOM   538  C  CA  . GLY A 1 74  ? 13.062  -7.326  -4.860  1.00 14.76 ? 74  GLY A CA  1 
ATOM   539  C  C   . GLY A 1 74  ? 12.330  -6.008  -4.994  1.00 14.35 ? 74  GLY A C   1 
ATOM   540  O  O   . GLY A 1 74  ? 12.873  -5.037  -5.524  1.00 14.60 ? 74  GLY A O   1 
ATOM   541  N  N   . THR A 1 75  ? 11.086  -5.979  -4.520  1.00 13.73 ? 75  THR A N   1 
ATOM   542  C  CA  . THR A 1 75  ? 10.233  -4.802  -4.679  1.00 13.46 ? 75  THR A CA  1 
ATOM   543  C  C   . THR A 1 75  ? 9.495   -4.435  -3.399  1.00 12.70 ? 75  THR A C   1 
ATOM   544  O  O   . THR A 1 75  ? 9.467   -5.198  -2.435  1.00 13.00 ? 75  THR A O   1 
ATOM   545  C  CB  . THR A 1 75  ? 9.158   -5.020  -5.767  1.00 13.44 ? 75  THR A CB  1 
ATOM   546  O  OG1 . THR A 1 75  ? 8.314   -6.119  -5.397  1.00 15.01 ? 75  THR A OG1 1 
ATOM   547  C  CG2 . THR A 1 75  ? 9.796   -5.289  -7.134  1.00 14.20 ? 75  THR A CG2 1 
ATOM   548  N  N   . PHE A 1 76  ? 8.901   -3.246  -3.413  1.00 11.96 ? 76  PHE A N   1 
ATOM   549  C  CA  . PHE A 1 76  ? 7.876   -2.864  -2.459  1.00 11.50 ? 76  PHE A CA  1 
ATOM   550  C  C   . PHE A 1 76  ? 6.578   -2.737  -3.235  1.00 11.36 ? 76  PHE A C   1 
ATOM   551  O  O   . PHE A 1 76  ? 6.536   -2.084  -4.281  1.00 11.29 ? 76  PHE A O   1 
ATOM   552  C  CB  . PHE A 1 76  ? 8.204   -1.528  -1.802  1.00 11.05 ? 76  PHE A CB  1 
ATOM   553  C  CG  . PHE A 1 76  ? 7.032   -0.905  -1.085  1.00 10.74 ? 76  PHE A CG  1 
ATOM   554  C  CD1 . PHE A 1 76  ? 6.509   -1.498  0.063   1.00 10.51 ? 76  PHE A CD1 1 
ATOM   555  C  CD2 . PHE A 1 76  ? 6.444   0.260   -1.568  1.00 9.86  ? 76  PHE A CD2 1 
ATOM   556  C  CE1 . PHE A 1 76  ? 5.414   -0.934  0.725   1.00 10.69 ? 76  PHE A CE1 1 
ATOM   557  C  CE2 . PHE A 1 76  ? 5.356   0.835   -0.910  1.00 10.56 ? 76  PHE A CE2 1 
ATOM   558  C  CZ  . PHE A 1 76  ? 4.842   0.238   0.238   1.00 11.20 ? 76  PHE A CZ  1 
ATOM   559  N  N   . ASP A 1 77  ? 5.522   -3.360  -2.720  1.00 11.23 ? 77  ASP A N   1 
ATOM   560  C  CA  . ASP A 1 77  ? 4.251   -3.418  -3.430  1.00 11.70 ? 77  ASP A CA  1 
ATOM   561  C  C   . ASP A 1 77  ? 3.145   -2.725  -2.652  1.00 11.30 ? 77  ASP A C   1 
ATOM   562  O  O   . ASP A 1 77  ? 3.032   -2.895  -1.436  1.00 11.77 ? 77  ASP A O   1 
ATOM   563  C  CB  . ASP A 1 77  ? 3.844   -4.873  -3.695  1.00 12.02 ? 77  ASP A CB  1 
ATOM   564  C  CG  . ASP A 1 77  ? 4.946   -5.690  -4.359  1.00 14.29 ? 77  ASP A CG  1 
ATOM   565  O  OD1 . ASP A 1 77  ? 5.816   -5.101  -5.029  1.00 14.51 ? 77  ASP A OD1 1 
ATOM   566  O  OD2 . ASP A 1 77  ? 4.930   -6.932  -4.215  1.00 16.85 ? 77  ASP A OD2 1 
ATOM   567  N  N   . VAL A 1 78  ? 2.336   -1.946  -3.368  1.00 10.95 ? 78  VAL A N   1 
ATOM   568  C  CA  . VAL A 1 78  ? 1.114   -1.367  -2.831  1.00 11.09 ? 78  VAL A CA  1 
ATOM   569  C  C   . VAL A 1 78  ? -0.034  -2.092  -3.522  1.00 11.27 ? 78  VAL A C   1 
ATOM   570  O  O   . VAL A 1 78  ? -0.111  -2.117  -4.756  1.00 11.50 ? 78  VAL A O   1 
ATOM   571  C  CB  . VAL A 1 78  ? 1.048   0.153   -3.078  1.00 10.68 ? 78  VAL A CB  1 
ATOM   572  C  CG1 . VAL A 1 78  ? -0.273  0.730   -2.578  1.00 11.54 ? 78  VAL A CG1 1 
ATOM   573  C  CG2 . VAL A 1 78  ? 2.217   0.849   -2.396  1.00 10.85 ? 78  VAL A CG2 1 
ATOM   574  N  N   . VAL A 1 79  ? -0.909  -2.697  -2.722  1.00 11.56 ? 79  VAL A N   1 
ATOM   575  C  CA  . VAL A 1 79  ? -1.843  -3.703  -3.224  1.00 12.28 ? 79  VAL A CA  1 
ATOM   576  C  C   . VAL A 1 79  ? -3.245  -3.503  -2.673  1.00 12.18 ? 79  VAL A C   1 
ATOM   577  O  O   . VAL A 1 79  ? -3.415  -3.228  -1.484  1.00 12.82 ? 79  VAL A O   1 
ATOM   578  C  CB  . VAL A 1 79  ? -1.379  -5.138  -2.844  1.00 12.56 ? 79  VAL A CB  1 
ATOM   579  C  CG1 . VAL A 1 79  ? -2.184  -6.190  -3.598  1.00 13.44 ? 79  VAL A CG1 1 
ATOM   580  C  CG2 . VAL A 1 79  ? 0.106   -5.314  -3.114  1.00 13.21 ? 79  VAL A CG2 1 
ATOM   581  N  N   . VAL A 1 80  ? -4.240  -3.635  -3.547  1.00 12.25 ? 80  VAL A N   1 
ATOM   582  C  CA  . VAL A 1 80  ? -5.616  -3.852  -3.104  1.00 12.71 ? 80  VAL A CA  1 
ATOM   583  C  C   . VAL A 1 80  ? -5.958  -5.298  -3.452  1.00 13.01 ? 80  VAL A C   1 
ATOM   584  O  O   . VAL A 1 80  ? -5.801  -5.728  -4.601  1.00 13.30 ? 80  VAL A O   1 
ATOM   585  C  CB  . VAL A 1 80  ? -6.625  -2.860  -3.733  1.00 12.62 ? 80  VAL A CB  1 
ATOM   586  C  CG1 . VAL A 1 80  ? -8.062  -3.260  -3.380  1.00 13.54 ? 80  VAL A CG1 1 
ATOM   587  C  CG2 . VAL A 1 80  ? -6.349  -1.440  -3.247  1.00 12.83 ? 80  VAL A CG2 1 
ATOM   588  N  N   . GLN A 1 81  ? -6.395  -6.047  -2.447  1.00 13.59 ? 81  GLN A N   1 
ATOM   589  C  CA  . GLN A 1 81  ? -6.640  -7.475  -2.608  1.00 14.24 ? 81  GLN A CA  1 
ATOM   590  C  C   . GLN A 1 81  ? -7.955  -7.889  -1.969  1.00 14.66 ? 81  GLN A C   1 
ATOM   591  O  O   . GLN A 1 81  ? -8.328  -7.383  -0.908  1.00 15.01 ? 81  GLN A O   1 
ATOM   592  C  CB  . GLN A 1 81  ? -5.473  -8.286  -2.029  1.00 13.92 ? 81  GLN A CB  1 
ATOM   593  C  CG  . GLN A 1 81  ? -5.112  -7.954  -0.575  1.00 14.21 ? 81  GLN A CG  1 
ATOM   594  C  CD  . GLN A 1 81  ? -3.753  -8.500  -0.168  1.00 14.79 ? 81  GLN A CD  1 
ATOM   595  O  OE1 . GLN A 1 81  ? -2.945  -8.870  -1.012  1.00 15.47 ? 81  GLN A OE1 1 
ATOM   596  N  NE2 . GLN A 1 81  ? -3.494  -8.536  1.135   1.00 16.00 ? 81  GLN A NE2 1 
ATOM   597  N  N   . TYR A 1 82  ? -8.649  -8.811  -2.632  1.00 15.51 ? 82  TYR A N   1 
ATOM   598  C  CA  . TYR A 1 82  ? -9.948  -9.316  -2.169  1.00 16.58 ? 82  TYR A CA  1 
ATOM   599  C  C   . TYR A 1 82  ? -10.347 -10.551 -2.967  1.00 17.49 ? 82  TYR A C   1 
ATOM   600  O  O   . TYR A 1 82  ? -9.790  -10.816 -4.031  1.00 16.99 ? 82  TYR A O   1 
ATOM   601  C  CB  . TYR A 1 82  ? -11.044 -8.235  -2.287  1.00 16.33 ? 82  TYR A CB  1 
ATOM   602  C  CG  . TYR A 1 82  ? -11.139 -7.601  -3.661  1.00 16.27 ? 82  TYR A CG  1 
ATOM   603  C  CD1 . TYR A 1 82  ? -11.888 -8.193  -4.677  1.00 15.94 ? 82  TYR A CD1 1 
ATOM   604  C  CD2 . TYR A 1 82  ? -10.471 -6.409  -3.947  1.00 16.36 ? 82  TYR A CD2 1 
ATOM   605  C  CE1 . TYR A 1 82  ? -11.970 -7.616  -5.940  1.00 16.48 ? 82  TYR A CE1 1 
ATOM   606  C  CE2 . TYR A 1 82  ? -10.546 -5.827  -5.207  1.00 16.42 ? 82  TYR A CE2 1 
ATOM   607  C  CZ  . TYR A 1 82  ? -11.294 -6.433  -6.197  1.00 17.19 ? 82  TYR A CZ  1 
ATOM   608  O  OH  . TYR A 1 82  ? -11.373 -5.863  -7.444  1.00 17.84 ? 82  TYR A OH  1 
ATOM   609  N  N   . HIS A 1 83  ? -11.317 -11.299 -2.449  1.00 19.12 ? 83  HIS A N   1 
ATOM   610  C  CA  . HIS A 1 83  ? -11.877 -12.434 -3.171  1.00 20.93 ? 83  HIS A CA  1 
ATOM   611  C  C   . HIS A 1 83  ? -13.085 -11.996 -3.989  1.00 22.16 ? 83  HIS A C   1 
ATOM   612  O  O   . HIS A 1 83  ? -13.809 -11.087 -3.590  1.00 21.98 ? 83  HIS A O   1 
ATOM   613  C  CB  . HIS A 1 83  ? -12.315 -13.529 -2.195  1.00 21.18 ? 83  HIS A CB  1 
ATOM   614  C  CG  . HIS A 1 83  ? -11.196 -14.101 -1.382  1.00 21.67 ? 83  HIS A CG  1 
ATOM   615  N  ND1 . HIS A 1 83  ? -10.541 -15.261 -1.731  1.00 23.45 ? 83  HIS A ND1 1 
ATOM   616  C  CD2 . HIS A 1 83  ? -10.623 -13.677 -0.231  1.00 22.16 ? 83  HIS A CD2 1 
ATOM   617  C  CE1 . HIS A 1 83  ? -9.611  -15.526 -0.831  1.00 22.63 ? 83  HIS A CE1 1 
ATOM   618  N  NE2 . HIS A 1 83  ? -9.641  -14.582 0.092   1.00 23.53 ? 83  HIS A NE2 1 
ATOM   619  N  N   . LEU A 1 84  ? -13.289 -12.642 -5.134  1.00 23.73 ? 84  LEU A N   1 
ATOM   620  C  CA  . LEU A 1 84  ? -14.553 -12.535 -5.858  1.00 25.71 ? 84  LEU A CA  1 
ATOM   621  C  C   . LEU A 1 84  ? -15.581 -13.401 -5.126  1.00 27.10 ? 84  LEU A C   1 
ATOM   622  O  O   . LEU A 1 84  ? -15.209 -14.331 -4.405  1.00 27.04 ? 84  LEU A O   1 
ATOM   623  C  CB  . LEU A 1 84  ? -14.392 -12.982 -7.316  1.00 25.61 ? 84  LEU A CB  1 
ATOM   624  C  CG  . LEU A 1 84  ? -13.322 -12.291 -8.177  1.00 25.95 ? 84  LEU A CG  1 
ATOM   625  C  CD1 . LEU A 1 84  ? -13.296 -12.870 -9.584  1.00 26.61 ? 84  LEU A CD1 1 
ATOM   626  C  CD2 . LEU A 1 84  ? -13.504 -10.772 -8.223  1.00 26.52 ? 84  LEU A CD2 1 
ATOM   627  N  N   . LYS A 1 85  ? -16.863 -13.076 -5.283  1.00 29.00 ? 85  LYS A N   1 
ATOM   628  C  CA  . LYS A 1 85  ? -17.926 -13.832 -4.619  1.00 30.81 ? 85  LYS A CA  1 
ATOM   629  C  C   . LYS A 1 85  ? -18.570 -14.813 -5.588  1.00 31.73 ? 85  LYS A C   1 
ATOM   630  O  O   . LYS A 1 85  ? -19.710 -14.631 -6.031  1.00 32.20 ? 85  LYS A O   1 
ATOM   631  C  CB  . LYS A 1 85  ? -18.964 -12.901 -3.974  1.00 30.98 ? 85  LYS A CB  1 
ATOM   632  C  CG  . LYS A 1 85  ? -19.994 -13.594 -3.068  1.00 32.08 ? 85  LYS A CG  1 
ATOM   633  C  CD  . LYS A 1 85  ? -19.349 -14.306 -1.877  1.00 33.65 ? 85  LYS A CD  1 
ATOM   634  C  CE  . LYS A 1 85  ? -20.386 -15.011 -1.012  1.00 34.71 ? 85  LYS A CE  1 
ATOM   635  N  NZ  . LYS A 1 85  ? -21.307 -14.051 -0.336  1.00 35.53 ? 85  LYS A NZ  1 
ATOM   636  N  N   . ASP A 1 86  ? -17.808 -15.850 -5.916  1.00 32.72 ? 86  ASP A N   1 
ATOM   637  C  CA  . ASP A 1 86  ? -18.266 -16.929 -6.780  1.00 33.58 ? 86  ASP A CA  1 
ATOM   638  C  C   . ASP A 1 86  ? -18.124 -18.274 -6.065  1.00 33.82 ? 86  ASP A C   1 
ATOM   639  O  O   . ASP A 1 86  ? -17.861 -18.320 -4.861  1.00 33.91 ? 86  ASP A O   1 
ATOM   640  C  CB  . ASP A 1 86  ? -17.506 -16.917 -8.120  1.00 33.83 ? 86  ASP A CB  1 
ATOM   641  C  CG  . ASP A 1 86  ? -16.024 -16.571 -7.967  1.00 34.58 ? 86  ASP A CG  1 
ATOM   642  O  OD1 . ASP A 1 86  ? -15.421 -16.126 -8.967  1.00 35.66 ? 86  ASP A OD1 1 
ATOM   643  O  OD2 . ASP A 1 86  ? -15.459 -16.738 -6.863  1.00 35.65 ? 86  ASP A OD2 1 
ATOM   644  N  N   . ALA A 1 87  ? -18.299 -19.363 -6.809  1.00 34.16 ? 87  ALA A N   1 
ATOM   645  C  CA  . ALA A 1 87  ? -18.208 -20.709 -6.248  1.00 34.45 ? 87  ALA A CA  1 
ATOM   646  C  C   . ALA A 1 87  ? -16.810 -21.040 -5.715  1.00 34.55 ? 87  ALA A C   1 
ATOM   647  O  O   . ALA A 1 87  ? -16.655 -21.949 -4.897  1.00 34.91 ? 87  ALA A O   1 
ATOM   648  C  CB  . ALA A 1 87  ? -18.643 -21.743 -7.284  1.00 34.55 ? 87  ALA A CB  1 
ATOM   649  N  N   . ASN A 1 88  ? -15.807 -20.288 -6.166  1.00 34.42 ? 88  ASN A N   1 
ATOM   650  C  CA  . ASN A 1 88  ? -14.410 -20.586 -5.848  1.00 34.15 ? 88  ASN A CA  1 
ATOM   651  C  C   . ASN A 1 88  ? -13.731 -19.586 -4.920  1.00 33.69 ? 88  ASN A C   1 
ATOM   652  O  O   . ASN A 1 88  ? -12.664 -19.876 -4.371  1.00 33.87 ? 88  ASN A O   1 
ATOM   653  C  CB  . ASN A 1 88  ? -13.589 -20.709 -7.137  1.00 34.44 ? 88  ASN A CB  1 
ATOM   654  C  CG  . ASN A 1 88  ? -14.225 -21.638 -8.150  1.00 34.74 ? 88  ASN A CG  1 
ATOM   655  O  OD1 . ASN A 1 88  ? -14.220 -21.358 -9.347  1.00 35.69 ? 88  ASN A OD1 1 
ATOM   656  N  ND2 . ASN A 1 88  ? -14.781 -22.747 -7.675  1.00 35.34 ? 88  ASN A ND2 1 
ATOM   657  N  N   . ASN A 1 89  ? -14.350 -18.418 -4.745  1.00 32.99 ? 89  ASN A N   1 
ATOM   658  C  CA  . ASN A 1 89  ? -13.708 -17.289 -4.063  1.00 32.11 ? 89  ASN A CA  1 
ATOM   659  C  C   . ASN A 1 89  ? -12.324 -16.996 -4.649  1.00 31.07 ? 89  ASN A C   1 
ATOM   660  O  O   . ASN A 1 89  ? -11.323 -16.967 -3.923  1.00 31.22 ? 89  ASN A O   1 
ATOM   661  C  CB  . ASN A 1 89  ? -13.633 -17.517 -2.543  1.00 32.43 ? 89  ASN A CB  1 
ATOM   662  C  CG  . ASN A 1 89  ? -14.806 -16.905 -1.798  1.00 33.29 ? 89  ASN A CG  1 
ATOM   663  O  OD1 . ASN A 1 89  ? -15.950 -16.952 -2.256  1.00 34.75 ? 89  ASN A OD1 1 
ATOM   664  N  ND2 . ASN A 1 89  ? -14.526 -16.331 -0.633  1.00 34.03 ? 89  ASN A ND2 1 
ATOM   665  N  N   . THR A 1 90  ? -12.284 -16.811 -5.971  1.00 29.51 ? 90  THR A N   1 
ATOM   666  C  CA  . THR A 1 90  ? -11.069 -16.434 -6.698  1.00 27.65 ? 90  THR A CA  1 
ATOM   667  C  C   . THR A 1 90  ? -10.465 -15.198 -6.048  1.00 25.92 ? 90  THR A C   1 
ATOM   668  O  O   . THR A 1 90  ? -11.184 -14.269 -5.690  1.00 26.08 ? 90  THR A O   1 
ATOM   669  C  CB  . THR A 1 90  ? -11.378 -16.140 -8.193  1.00 27.76 ? 90  THR A CB  1 
ATOM   670  O  OG1 . THR A 1 90  ? -11.630 -17.370 -8.883  1.00 28.41 ? 90  THR A OG1 1 
ATOM   671  C  CG2 . THR A 1 90  ? -10.225 -15.416 -8.879  1.00 27.69 ? 90  THR A CG2 1 
ATOM   672  N  N   . TYR A 1 91  ? -9.145  -15.206 -5.889  1.00 23.60 ? 91  TYR A N   1 
ATOM   673  C  CA  . TYR A 1 91  ? -8.434  -14.113 -5.239  1.00 21.38 ? 91  TYR A CA  1 
ATOM   674  C  C   . TYR A 1 91  ? -7.818  -13.192 -6.283  1.00 19.84 ? 91  TYR A C   1 
ATOM   675  O  O   . TYR A 1 91  ? -7.158  -13.653 -7.216  1.00 19.74 ? 91  TYR A O   1 
ATOM   676  C  CB  . TYR A 1 91  ? -7.359  -14.683 -4.320  1.00 21.35 ? 91  TYR A CB  1 
ATOM   677  C  CG  . TYR A 1 91  ? -6.812  -13.729 -3.281  1.00 20.78 ? 91  TYR A CG  1 
ATOM   678  C  CD1 . TYR A 1 91  ? -7.658  -13.062 -2.393  1.00 20.06 ? 91  TYR A CD1 1 
ATOM   679  C  CD2 . TYR A 1 91  ? -5.439  -13.528 -3.158  1.00 20.51 ? 91  TYR A CD2 1 
ATOM   680  C  CE1 . TYR A 1 91  ? -7.145  -12.200 -1.425  1.00 20.46 ? 91  TYR A CE1 1 
ATOM   681  C  CE2 . TYR A 1 91  ? -4.920  -12.674 -2.200  1.00 20.34 ? 91  TYR A CE2 1 
ATOM   682  C  CZ  . TYR A 1 91  ? -5.773  -12.013 -1.337  1.00 20.28 ? 91  TYR A CZ  1 
ATOM   683  O  OH  . TYR A 1 91  ? -5.253  -11.175 -0.381  1.00 21.46 ? 91  TYR A OH  1 
ATOM   684  N  N   . VAL A 1 92  ? -8.053  -11.890 -6.120  1.00 18.46 ? 92  VAL A N   1 
ATOM   685  C  CA  A VAL A 1 92  ? -7.502  -10.909 -7.052  0.60 17.76 ? 92  VAL A CA  1 
ATOM   686  C  CA  B VAL A 1 92  ? -7.569  -10.866 -7.048  0.40 17.64 ? 92  VAL A CA  1 
ATOM   687  C  C   . VAL A 1 92  ? -6.647  -9.881  -6.323  1.00 16.96 ? 92  VAL A C   1 
ATOM   688  O  O   . VAL A 1 92  ? -6.943  -9.479  -5.191  1.00 16.89 ? 92  VAL A O   1 
ATOM   689  C  CB  A VAL A 1 92  ? -8.586  -10.211 -7.924  0.60 17.82 ? 92  VAL A CB  1 
ATOM   690  C  CB  B VAL A 1 92  ? -8.758  -10.089 -7.683  0.40 17.66 ? 92  VAL A CB  1 
ATOM   691  C  CG1 A VAL A 1 92  ? -9.263  -11.212 -8.854  0.60 18.01 ? 92  VAL A CG1 1 
ATOM   692  C  CG1 B VAL A 1 92  ? -8.271  -9.031  -8.665  0.40 17.66 ? 92  VAL A CG1 1 
ATOM   693  C  CG2 A VAL A 1 92  ? -9.609  -9.511  -7.067  0.60 18.07 ? 92  VAL A CG2 1 
ATOM   694  C  CG2 B VAL A 1 92  ? -9.722  -11.045 -8.375  0.40 17.50 ? 92  VAL A CG2 1 
ATOM   695  N  N   . GLN A 1 93  ? -5.553  -9.496  -6.975  1.00 16.09 ? 93  GLN A N   1 
ATOM   696  C  CA  . GLN A 1 93  ? -4.636  -8.493  -6.435  1.00 15.02 ? 93  GLN A CA  1 
ATOM   697  C  C   . GLN A 1 93  ? -4.337  -7.429  -7.484  1.00 14.45 ? 93  GLN A C   1 
ATOM   698  O  O   . GLN A 1 93  ? -3.878  -7.746  -8.584  1.00 14.84 ? 93  GLN A O   1 
ATOM   699  C  CB  . GLN A 1 93  ? -3.329  -9.143  -5.977  1.00 14.92 ? 93  GLN A CB  1 
ATOM   700  C  CG  . GLN A 1 93  ? -3.483  -10.189 -4.885  1.00 15.02 ? 93  GLN A CG  1 
ATOM   701  C  CD  . GLN A 1 93  ? -2.151  -10.659 -4.355  1.00 15.78 ? 93  GLN A CD  1 
ATOM   702  O  OE1 . GLN A 1 93  ? -1.782  -10.351 -3.221  1.00 17.11 ? 93  GLN A OE1 1 
ATOM   703  N  NE2 . GLN A 1 93  ? -1.412  -11.393 -5.173  1.00 15.78 ? 93  GLN A NE2 1 
ATOM   704  N  N   . HIS A 1 94  ? -4.601  -6.170  -7.135  1.00 13.55 ? 94  HIS A N   1 
ATOM   705  C  CA  . HIS A 1 94  ? -4.238  -5.036  -7.981  1.00 13.01 ? 94  HIS A CA  1 
ATOM   706  C  C   . HIS A 1 94  ? -2.950  -4.473  -7.404  1.00 12.68 ? 94  HIS A C   1 
ATOM   707  O  O   . HIS A 1 94  ? -2.943  -3.951  -6.289  1.00 12.55 ? 94  HIS A O   1 
ATOM   708  C  CB  . HIS A 1 94  ? -5.357  -3.989  -7.986  1.00 13.19 ? 94  HIS A CB  1 
ATOM   709  C  CG  . HIS A 1 94  ? -6.707  -4.554  -8.304  1.00 13.57 ? 94  HIS A CG  1 
ATOM   710  N  ND1 . HIS A 1 94  ? -7.031  -5.053  -9.547  1.00 14.85 ? 94  HIS A ND1 1 
ATOM   711  C  CD2 . HIS A 1 94  ? -7.809  -4.715  -7.535  1.00 14.19 ? 94  HIS A CD2 1 
ATOM   712  C  CE1 . HIS A 1 94  ? -8.280  -5.488  -9.533  1.00 14.22 ? 94  HIS A CE1 1 
ATOM   713  N  NE2 . HIS A 1 94  ? -8.775  -5.293  -8.325  1.00 14.67 ? 94  HIS A NE2 1 
ATOM   714  N  N   . ILE A 1 95  ? -1.860  -4.605  -8.157  1.00 12.13 ? 95  ILE A N   1 
ATOM   715  C  CA  . ILE A 1 95  ? -0.524  -4.406  -7.596  1.00 12.09 ? 95  ILE A CA  1 
ATOM   716  C  C   . ILE A 1 95  ? 0.254   -3.274  -8.264  1.00 11.82 ? 95  ILE A C   1 
ATOM   717  O  O   . ILE A 1 95  ? 0.358   -3.221  -9.492  1.00 12.05 ? 95  ILE A O   1 
ATOM   718  C  CB  . ILE A 1 95  ? 0.321   -5.705  -7.702  1.00 12.18 ? 95  ILE A CB  1 
ATOM   719  C  CG1 . ILE A 1 95  ? -0.378  -6.881  -7.012  1.00 12.92 ? 95  ILE A CG1 1 
ATOM   720  C  CG2 . ILE A 1 95  ? 1.717   -5.485  -7.112  1.00 13.10 ? 95  ILE A CG2 1 
ATOM   721  C  CD1 . ILE A 1 95  ? 0.147   -8.259  -7.452  1.00 13.73 ? 95  ILE A CD1 1 
ATOM   722  N  N   . LEU A 1 96  ? 0.792   -2.376  -7.437  1.00 11.74 ? 96  LEU A N   1 
ATOM   723  C  CA  . LEU A 1 96  ? 1.826   -1.436  -7.860  1.00 11.70 ? 96  LEU A CA  1 
ATOM   724  C  C   . LEU A 1 96  ? 3.171   -1.925  -7.343  1.00 11.53 ? 96  LEU A C   1 
ATOM   725  O  O   . LEU A 1 96  ? 3.306   -2.207  -6.151  1.00 12.11 ? 96  LEU A O   1 
ATOM   726  C  CB  . LEU A 1 96  ? 1.556   -0.039  -7.304  1.00 11.60 ? 96  LEU A CB  1 
ATOM   727  C  CG  . LEU A 1 96  ? 0.298   0.694   -7.772  1.00 12.00 ? 96  LEU A CG  1 
ATOM   728  C  CD1 . LEU A 1 96  ? 0.026   1.903   -6.885  1.00 12.73 ? 96  LEU A CD1 1 
ATOM   729  C  CD2 . LEU A 1 96  ? 0.428   1.107   -9.231  1.00 13.28 ? 96  LEU A CD2 1 
ATOM   730  N  N   . ASN A 1 97  ? 4.157   -2.035  -8.234  1.00 11.57 ? 97  ASN A N   1 
ATOM   731  C  CA  . ASN A 1 97  ? 5.505   -2.464  -7.855  1.00 11.74 ? 97  ASN A CA  1 
ATOM   732  C  C   . ASN A 1 97  ? 6.481   -1.295  -7.880  1.00 11.39 ? 97  ASN A C   1 
ATOM   733  O  O   . ASN A 1 97  ? 6.536   -0.557  -8.864  1.00 11.48 ? 97  ASN A O   1 
ATOM   734  C  CB  . ASN A 1 97  ? 6.019   -3.561  -8.797  1.00 12.19 ? 97  ASN A CB  1 
ATOM   735  C  CG  . ASN A 1 97  ? 5.175   -4.820  -8.757  1.00 12.80 ? 97  ASN A CG  1 
ATOM   736  O  OD1 . ASN A 1 97  ? 5.105   -5.509  -7.736  1.00 16.20 ? 97  ASN A OD1 1 
ATOM   737  N  ND2 . ASN A 1 97  ? 4.549   -5.142  -9.880  1.00 14.73 ? 97  ASN A ND2 1 
ATOM   738  N  N   . PHE A 1 98  ? 7.241   -1.139  -6.794  1.00 11.29 ? 98  PHE A N   1 
ATOM   739  C  CA  . PHE A 1 98  ? 8.286   -0.114  -6.682  1.00 11.42 ? 98  PHE A CA  1 
ATOM   740  C  C   . PHE A 1 98  ? 9.649   -0.758  -6.417  1.00 11.85 ? 98  PHE A C   1 
ATOM   741  O  O   . PHE A 1 98  ? 9.760   -1.676  -5.607  1.00 11.94 ? 98  PHE A O   1 
ATOM   742  C  CB  . PHE A 1 98  ? 8.002   0.836   -5.505  1.00 11.03 ? 98  PHE A CB  1 
ATOM   743  C  CG  . PHE A 1 98  ? 6.747   1.661   -5.639  1.00 10.79 ? 98  PHE A CG  1 
ATOM   744  C  CD1 . PHE A 1 98  ? 6.819   2.992   -6.049  1.00 9.87  ? 98  PHE A CD1 1 
ATOM   745  C  CD2 . PHE A 1 98  ? 5.502   1.128   -5.303  1.00 10.67 ? 98  PHE A CD2 1 
ATOM   746  C  CE1 . PHE A 1 98  ? 5.669   3.776   -6.148  1.00 10.61 ? 98  PHE A CE1 1 
ATOM   747  C  CE2 . PHE A 1 98  ? 4.343   1.904   -5.397  1.00 10.68 ? 98  PHE A CE2 1 
ATOM   748  C  CZ  . PHE A 1 98  ? 4.431   3.232   -5.823  1.00 10.52 ? 98  PHE A CZ  1 
ATOM   749  N  N   . ASN A 1 99  ? 10.685  -0.260  -7.084  1.00 12.62 ? 99  ASN A N   1 
ATOM   750  C  CA  . ASN A 1 99  ? 12.062  -0.634  -6.739  1.00 13.37 ? 99  ASN A CA  1 
ATOM   751  C  C   . ASN A 1 99  ? 13.023  0.546   -6.851  1.00 13.62 ? 99  ASN A C   1 
ATOM   752  O  O   . ASN A 1 99  ? 14.242  0.374   -6.822  1.00 14.13 ? 99  ASN A O   1 
ATOM   753  C  CB  . ASN A 1 99  ? 12.545  -1.811  -7.597  1.00 13.84 ? 99  ASN A CB  1 
ATOM   754  C  CG  . ASN A 1 99  ? 12.714  -1.449  -9.065  1.00 15.04 ? 99  ASN A CG  1 
ATOM   755  O  OD1 . ASN A 1 99  ? 12.357  -0.355  -9.511  1.00 15.13 ? 99  ASN A OD1 1 
ATOM   756  N  ND2 . ASN A 1 99  ? 13.265  -2.383  -9.830  1.00 18.88 ? 99  ASN A ND2 1 
ATOM   757  N  N   . GLU A 1 100 ? 12.457  1.745   -6.959  1.00 13.77 ? 100 GLU A N   1 
ATOM   758  C  CA  . GLU A 1 100 ? 13.227  2.957   -7.207  1.00 13.95 ? 100 GLU A CA  1 
ATOM   759  C  C   . GLU A 1 100 ? 13.928  3.467   -5.949  1.00 14.17 ? 100 GLU A C   1 
ATOM   760  O  O   . GLU A 1 100 ? 13.458  3.251   -4.829  1.00 14.02 ? 100 GLU A O   1 
ATOM   761  C  CB  . GLU A 1 100 ? 12.321  4.044   -7.798  1.00 14.03 ? 100 GLU A CB  1 
ATOM   762  C  CG  . GLU A 1 100 ? 11.830  3.769   -9.234  1.00 14.39 ? 100 GLU A CG  1 
ATOM   763  C  CD  . GLU A 1 100 ? 10.666  2.777   -9.335  1.00 14.90 ? 100 GLU A CD  1 
ATOM   764  O  OE1 . GLU A 1 100 ? 10.096  2.368   -8.299  1.00 14.50 ? 100 GLU A OE1 1 
ATOM   765  O  OE2 . GLU A 1 100 ? 10.324  2.399   -10.476 1.00 15.88 ? 100 GLU A OE2 1 
ATOM   766  N  N   . THR A 1 101 ? 15.065  4.130   -6.147  1.00 14.56 ? 101 THR A N   1 
ATOM   767  C  CA  . THR A 1 101 ? 15.811  4.732   -5.043  1.00 15.34 ? 101 THR A CA  1 
ATOM   768  C  C   . THR A 1 101 ? 15.662  6.262   -5.000  1.00 15.50 ? 101 THR A C   1 
ATOM   769  O  O   . THR A 1 101 ? 16.320  6.942   -4.207  1.00 16.06 ? 101 THR A O   1 
ATOM   770  C  CB  . THR A 1 101 ? 17.303  4.335   -5.087  1.00 15.33 ? 101 THR A CB  1 
ATOM   771  O  OG1 . THR A 1 101 ? 17.823  4.608   -6.390  1.00 17.17 ? 101 THR A OG1 1 
ATOM   772  C  CG2 . THR A 1 101 ? 17.468  2.848   -4.783  1.00 15.77 ? 101 THR A CG2 1 
ATOM   773  N  N   . ASP A 1 102 ? 14.791  6.790   -5.856  1.00 15.43 ? 102 ASP A N   1 
ATOM   774  C  CA  . ASP A 1 102 ? 14.348  8.182   -5.778  1.00 15.17 ? 102 ASP A CA  1 
ATOM   775  C  C   . ASP A 1 102 ? 12.844  8.168   -5.549  1.00 14.13 ? 102 ASP A C   1 
ATOM   776  O  O   . ASP A 1 102 ? 12.170  7.226   -5.970  1.00 14.01 ? 102 ASP A O   1 
ATOM   777  C  CB  . ASP A 1 102 ? 14.649  8.932   -7.078  1.00 16.08 ? 102 ASP A CB  1 
ATOM   778  C  CG  . ASP A 1 102 ? 16.122  8.928   -7.439  1.00 18.74 ? 102 ASP A CG  1 
ATOM   779  O  OD1 . ASP A 1 102 ? 16.969  9.172   -6.553  1.00 22.28 ? 102 ASP A OD1 1 
ATOM   780  O  OD2 . ASP A 1 102 ? 16.427  8.697   -8.628  1.00 24.06 ? 102 ASP A OD2 1 
ATOM   781  N  N   . TRP A 1 103 ? 12.318  9.198   -4.889  1.00 13.10 ? 103 TRP A N   1 
ATOM   782  C  CA  . TRP A 1 103 ? 10.877  9.289   -4.654  1.00 12.47 ? 103 TRP A CA  1 
ATOM   783  C  C   . TRP A 1 103 ? 10.112  9.138   -5.963  1.00 12.19 ? 103 TRP A C   1 
ATOM   784  O  O   . TRP A 1 103 ? 10.331  9.893   -6.918  1.00 12.57 ? 103 TRP A O   1 
ATOM   785  C  CB  . TRP A 1 103 ? 10.517  10.611  -3.976  1.00 12.12 ? 103 TRP A CB  1 
ATOM   786  C  CG  . TRP A 1 103 ? 10.690  10.604  -2.489  1.00 12.71 ? 103 TRP A CG  1 
ATOM   787  C  CD1 . TRP A 1 103 ? 11.601  11.324  -1.763  1.00 13.29 ? 103 TRP A CD1 1 
ATOM   788  C  CD2 . TRP A 1 103 ? 9.922   9.854   -1.535  1.00 12.31 ? 103 TRP A CD2 1 
ATOM   789  N  NE1 . TRP A 1 103 ? 11.452  11.060  -0.424  1.00 13.58 ? 103 TRP A NE1 1 
ATOM   790  C  CE2 . TRP A 1 103 ? 10.429  10.163  -0.255  1.00 13.14 ? 103 TRP A CE2 1 
ATOM   791  C  CE3 . TRP A 1 103 ? 8.856   8.949   -1.640  1.00 12.00 ? 103 TRP A CE3 1 
ATOM   792  C  CZ2 . TRP A 1 103 ? 9.908   9.598   0.913   1.00 12.83 ? 103 TRP A CZ2 1 
ATOM   793  C  CZ3 . TRP A 1 103 ? 8.337   8.392   -0.482  1.00 12.26 ? 103 TRP A CZ3 1 
ATOM   794  C  CH2 . TRP A 1 103 ? 8.861   8.722   0.781   1.00 12.92 ? 103 TRP A CH2 1 
ATOM   795  N  N   . THR A 1 104 ? 9.221   8.151   -5.998  1.00 11.77 ? 104 THR A N   1 
ATOM   796  C  CA  . THR A 1 104 ? 8.500   7.809   -7.213  1.00 11.39 ? 104 THR A CA  1 
ATOM   797  C  C   . THR A 1 104 ? 7.017   7.668   -6.914  1.00 10.95 ? 104 THR A C   1 
ATOM   798  O  O   . THR A 1 104 ? 6.643   7.040   -5.916  1.00 11.14 ? 104 THR A O   1 
ATOM   799  C  CB  . THR A 1 104 ? 9.035   6.501   -7.813  1.00 11.56 ? 104 THR A CB  1 
ATOM   800  O  OG1 . THR A 1 104 ? 10.440  6.642   -8.055  1.00 12.30 ? 104 THR A OG1 1 
ATOM   801  C  CG2 . THR A 1 104 ? 8.345   6.169   -9.134  1.00 11.80 ? 104 THR A CG2 1 
ATOM   802  N  N   . TYR A 1 105 ? 6.191   8.286   -7.758  1.00 10.73 ? 105 TYR A N   1 
ATOM   803  C  CA  A TYR A 1 105 ? 4.741   8.115   -7.681  0.60 10.64 ? 105 TYR A CA  1 
ATOM   804  C  CA  B TYR A 1 105 ? 4.750   8.112   -7.674  0.40 10.37 ? 105 TYR A CA  1 
ATOM   805  C  C   . TYR A 1 105 ? 4.257   7.155   -8.758  1.00 10.57 ? 105 TYR A C   1 
ATOM   806  O  O   . TYR A 1 105 ? 4.627   7.280   -9.935  1.00 10.91 ? 105 TYR A O   1 
ATOM   807  C  CB  A TYR A 1 105 ? 3.998   9.454   -7.809  0.60 10.78 ? 105 TYR A CB  1 
ATOM   808  C  CB  B TYR A 1 105 ? 4.024   9.458   -7.768  0.40 10.21 ? 105 TYR A CB  1 
ATOM   809  C  CG  A TYR A 1 105 ? 2.490   9.285   -7.886  0.60 11.24 ? 105 TYR A CG  1 
ATOM   810  C  CG  B TYR A 1 105 ? 2.564   9.351   -7.399  0.40 9.31  ? 105 TYR A CG  1 
ATOM   811  C  CD1 A TYR A 1 105 ? 1.723   9.133   -6.732  0.60 13.16 ? 105 TYR A CD1 1 
ATOM   812  C  CD1 B TYR A 1 105 ? 2.164   9.335   -6.071  0.40 8.58  ? 105 TYR A CD1 1 
ATOM   813  C  CD2 A TYR A 1 105 ? 1.836   9.244   -9.119  0.60 11.63 ? 105 TYR A CD2 1 
ATOM   814  C  CD2 B TYR A 1 105 ? 1.590   9.245   -8.378  0.40 8.95  ? 105 TYR A CD2 1 
ATOM   815  C  CE1 A TYR A 1 105 ? 0.340   8.961   -6.804  0.60 12.74 ? 105 TYR A CE1 1 
ATOM   816  C  CE1 B TYR A 1 105 ? 0.828   9.225   -5.728  0.40 8.08  ? 105 TYR A CE1 1 
ATOM   817  C  CE2 A TYR A 1 105 ? 0.456   9.073   -9.200  0.60 12.29 ? 105 TYR A CE2 1 
ATOM   818  C  CE2 B TYR A 1 105 ? 0.259   9.132   -8.048  0.40 8.74  ? 105 TYR A CE2 1 
ATOM   819  C  CZ  A TYR A 1 105 ? -0.283  8.933   -8.041  0.60 13.00 ? 105 TYR A CZ  1 
ATOM   820  C  CZ  B TYR A 1 105 ? -0.119  9.120   -6.725  0.40 8.64  ? 105 TYR A CZ  1 
ATOM   821  O  OH  A TYR A 1 105 ? -1.646  8.765   -8.122  0.60 13.79 ? 105 TYR A OH  1 
ATOM   822  O  OH  B TYR A 1 105 ? -1.450  9.011   -6.410  0.40 8.73  ? 105 TYR A OH  1 
ATOM   823  N  N   . LYS A 1 106 ? 3.426   6.197   -8.350  1.00 10.39 ? 106 LYS A N   1 
ATOM   824  C  CA  . LYS A 1 106 ? 2.798   5.258   -9.278  1.00 10.77 ? 106 LYS A CA  1 
ATOM   825  C  C   . LYS A 1 106 ? 1.323   5.134   -8.957  1.00 11.48 ? 106 LYS A C   1 
ATOM   826  O  O   . LYS A 1 106 ? 0.904   5.303   -7.807  1.00 10.84 ? 106 LYS A O   1 
ATOM   827  C  CB  . LYS A 1 106 ? 3.470   3.885   -9.236  1.00 10.88 ? 106 LYS A CB  1 
ATOM   828  C  CG  . LYS A 1 106 ? 4.932   3.922   -9.630  1.00 11.02 ? 106 LYS A CG  1 
ATOM   829  C  CD  . LYS A 1 106 ? 5.539   2.542   -9.736  1.00 11.67 ? 106 LYS A CD  1 
ATOM   830  C  CE  . LYS A 1 106 ? 7.044   2.665   -9.935  1.00 12.46 ? 106 LYS A CE  1 
ATOM   831  N  NZ  . LYS A 1 106 ? 7.675   1.408   -10.435 1.00 12.77 ? 106 LYS A NZ  1 
ATOM   832  N  N   . GLN A 1 107 ? 0.539   4.834   -9.984  1.00 12.10 ? 107 GLN A N   1 
ATOM   833  C  CA  A GLN A 1 107 ? -0.901  4.722   -9.825  0.60 12.69 ? 107 GLN A CA  1 
ATOM   834  C  CA  B GLN A 1 107 ? -0.912  4.782   -9.858  0.40 12.74 ? 107 GLN A CA  1 
ATOM   835  C  C   . GLN A 1 107 ? -1.492  3.715   -10.791 1.00 13.06 ? 107 GLN A C   1 
ATOM   836  O  O   . GLN A 1 107 ? -0.950  3.472   -11.873 1.00 14.32 ? 107 GLN A O   1 
ATOM   837  C  CB  A GLN A 1 107 ? -1.553  6.070   -10.067 0.60 12.65 ? 107 GLN A CB  1 
ATOM   838  C  CB  B GLN A 1 107 ? -1.494  6.174   -10.161 0.40 12.76 ? 107 GLN A CB  1 
ATOM   839  C  CG  A GLN A 1 107 ? -1.355  6.557   -11.489 0.60 12.55 ? 107 GLN A CG  1 
ATOM   840  C  CG  B GLN A 1 107 ? -2.917  6.412   -9.685  0.40 12.73 ? 107 GLN A CG  1 
ATOM   841  C  CD  A GLN A 1 107 ? -2.156  7.784   -11.789 0.60 12.99 ? 107 GLN A CD  1 
ATOM   842  C  CD  B GLN A 1 107 ? -3.275  7.893   -9.542  0.40 13.23 ? 107 GLN A CD  1 
ATOM   843  O  OE1 A GLN A 1 107 ? -2.830  8.324   -10.914 0.60 13.00 ? 107 GLN A OE1 1 
ATOM   844  O  OE1 B GLN A 1 107 ? -2.862  8.558   -8.592  0.40 12.57 ? 107 GLN A OE1 1 
ATOM   845  N  NE2 A GLN A 1 107 ? -2.092  8.239   -13.032 0.60 13.40 ? 107 GLN A NE2 1 
ATOM   846  N  NE2 B GLN A 1 107 ? -4.080  8.400   -10.471 0.40 14.60 ? 107 GLN A NE2 1 
ATOM   847  N  N   . LEU A 1 108 ? -2.594  3.098   -10.377 1.00 13.00 ? 108 LEU A N   1 
ATOM   848  C  CA  . LEU A 1 108 ? -3.332  2.180   -11.238 1.00 12.92 ? 108 LEU A CA  1 
ATOM   849  C  C   . LEU A 1 108 ? -4.832  2.437   -11.106 1.00 13.29 ? 108 LEU A C   1 
ATOM   850  O  O   . LEU A 1 108 ? -5.267  3.171   -10.218 1.00 13.13 ? 108 LEU A O   1 
ATOM   851  C  CB  . LEU A 1 108 ? -2.980  0.712   -10.954 1.00 12.99 ? 108 LEU A CB  1 
ATOM   852  C  CG  . LEU A 1 108 ? -3.236  0.091   -9.576  1.00 12.16 ? 108 LEU A CG  1 
ATOM   853  C  CD1 . LEU A 1 108 ? -4.720  -0.108  -9.294  1.00 12.93 ? 108 LEU A CD1 1 
ATOM   854  C  CD2 . LEU A 1 108 ? -2.511  -1.240  -9.459  1.00 12.28 ? 108 LEU A CD2 1 
ATOM   855  N  N   . LEU A 1 109 ? -5.595  1.842   -12.019 1.00 13.87 ? 109 LEU A N   1 
ATOM   856  C  CA  . LEU A 1 109 ? -7.049  1.912   -12.047 1.00 14.89 ? 109 LEU A CA  1 
ATOM   857  C  C   . LEU A 1 109 ? -7.598  0.497   -11.918 1.00 14.48 ? 109 LEU A C   1 
ATOM   858  O  O   . LEU A 1 109 ? -7.048  -0.437  -12.504 1.00 14.83 ? 109 LEU A O   1 
ATOM   859  C  CB  . LEU A 1 109 ? -7.499  2.512   -13.390 1.00 15.54 ? 109 LEU A CB  1 
ATOM   860  C  CG  . LEU A 1 109 ? -8.969  2.436   -13.801 1.00 18.72 ? 109 LEU A CG  1 
ATOM   861  C  CD1 . LEU A 1 109 ? -9.738  3.493   -13.056 1.00 20.88 ? 109 LEU A CD1 1 
ATOM   862  C  CD2 . LEU A 1 109 ? -9.124  2.622   -15.288 1.00 21.06 ? 109 LEU A CD2 1 
ATOM   863  N  N   . PHE A 1 110 ? -8.675  0.334   -11.156 1.00 14.18 ? 110 PHE A N   1 
ATOM   864  C  CA  . PHE A 1 110 ? -9.398  -0.949  -11.137 1.00 14.08 ? 110 PHE A CA  1 
ATOM   865  C  C   . PHE A 1 110 ? -10.884 -0.747  -10.903 1.00 14.51 ? 110 PHE A C   1 
ATOM   866  O  O   . PHE A 1 110 ? -11.301 0.264   -10.344 1.00 13.85 ? 110 PHE A O   1 
ATOM   867  C  CB  . PHE A 1 110 ? -8.808  -1.932  -10.108 1.00 14.19 ? 110 PHE A CB  1 
ATOM   868  C  CG  . PHE A 1 110 ? -9.012  -1.520  -8.673  1.00 13.26 ? 110 PHE A CG  1 
ATOM   869  C  CD1 . PHE A 1 110 ? -10.100 -2.000  -7.942  1.00 13.05 ? 110 PHE A CD1 1 
ATOM   870  C  CD2 . PHE A 1 110 ? -8.112  -0.660  -8.044  1.00 13.39 ? 110 PHE A CD2 1 
ATOM   871  C  CE1 . PHE A 1 110 ? -10.291 -1.624  -6.615  1.00 13.36 ? 110 PHE A CE1 1 
ATOM   872  C  CE2 . PHE A 1 110 ? -8.289  -0.278  -6.715  1.00 13.65 ? 110 PHE A CE2 1 
ATOM   873  C  CZ  . PHE A 1 110 ? -9.385  -0.761  -5.995  1.00 13.91 ? 110 PHE A CZ  1 
ATOM   874  N  N   . THR A 1 111 ? -11.676 -1.721  -11.343 1.00 15.15 ? 111 THR A N   1 
ATOM   875  C  CA  . THR A 1 111 ? -13.115 -1.695  -11.125 1.00 16.18 ? 111 THR A CA  1 
ATOM   876  C  C   . THR A 1 111 ? -13.528 -2.922  -10.321 1.00 16.67 ? 111 THR A C   1 
ATOM   877  O  O   . THR A 1 111 ? -13.176 -4.055  -10.658 1.00 17.16 ? 111 THR A O   1 
ATOM   878  C  CB  . THR A 1 111 ? -13.889 -1.605  -12.457 1.00 16.04 ? 111 THR A CB  1 
ATOM   879  O  OG1 . THR A 1 111 ? -13.436 -0.460  -13.190 1.00 16.66 ? 111 THR A OG1 1 
ATOM   880  C  CG2 . THR A 1 111 ? -15.393 -1.469  -12.206 1.00 16.68 ? 111 THR A CG2 1 
ATOM   881  N  N   . THR A 1 112 ? -14.257 -2.672  -9.243  1.00 17.25 ? 112 THR A N   1 
ATOM   882  C  CA  . THR A 1 112 ? -14.671 -3.722  -8.320  1.00 18.05 ? 112 THR A CA  1 
ATOM   883  C  C   . THR A 1 112 ? -15.803 -4.563  -8.913  1.00 19.20 ? 112 THR A C   1 
ATOM   884  O  O   . THR A 1 112 ? -16.555 -4.079  -9.762  1.00 19.33 ? 112 THR A O   1 
ATOM   885  C  CB  . THR A 1 112 ? -15.121 -3.127  -6.980  1.00 17.77 ? 112 THR A CB  1 
ATOM   886  O  OG1 . THR A 1 112 ? -16.122 -2.132  -7.213  1.00 17.52 ? 112 THR A OG1 1 
ATOM   887  C  CG2 . THR A 1 112 ? -13.937 -2.494  -6.244  1.00 17.38 ? 112 THR A CG2 1 
ATOM   888  N  N   . PRO A 1 113 ? -15.919 -5.830  -8.469  1.00 20.22 ? 113 PRO A N   1 
ATOM   889  C  CA  . PRO A 1 113 ? -16.985 -6.716  -8.933  1.00 21.16 ? 113 PRO A CA  1 
ATOM   890  C  C   . PRO A 1 113 ? -18.355 -6.316  -8.383  1.00 22.20 ? 113 PRO A C   1 
ATOM   891  O  O   . PRO A 1 113 ? -18.453 -5.412  -7.552  1.00 22.00 ? 113 PRO A O   1 
ATOM   892  C  CB  . PRO A 1 113 ? -16.569 -8.074  -8.365  1.00 21.22 ? 113 PRO A CB  1 
ATOM   893  C  CG  . PRO A 1 113 ? -15.818 -7.739  -7.126  1.00 20.69 ? 113 PRO A CG  1 
ATOM   894  C  CD  . PRO A 1 113 ? -15.035 -6.508  -7.501  1.00 20.30 ? 113 PRO A CD  1 
ATOM   895  N  N   . ASP A 1 114 ? -19.400 -6.996  -8.850  1.00 23.42 ? 114 ASP A N   1 
ATOM   896  C  CA  . ASP A 1 114 ? -20.758 -6.788  -8.354  1.00 24.67 ? 114 ASP A CA  1 
ATOM   897  C  C   . ASP A 1 114 ? -20.902 -7.237  -6.896  1.00 24.91 ? 114 ASP A C   1 
ATOM   898  O  O   . ASP A 1 114 ? -21.614 -6.605  -6.112  1.00 25.11 ? 114 ASP A O   1 
ATOM   899  C  CB  . ASP A 1 114 ? -21.763 -7.524  -9.246  1.00 25.10 ? 114 ASP A CB  1 
ATOM   900  C  CG  . ASP A 1 114 ? -23.200 -7.339  -8.792  1.00 26.62 ? 114 ASP A CG  1 
ATOM   901  O  OD1 . ASP A 1 114 ? -23.667 -6.181  -8.721  1.00 28.32 ? 114 ASP A OD1 1 
ATOM   902  O  OD2 . ASP A 1 114 ? -23.866 -8.360  -8.511  1.00 28.80 ? 114 ASP A OD2 1 
ATOM   903  N  N   . VAL A 1 115 ? -20.231 -8.334  -6.547  1.00 25.30 ? 115 VAL A N   1 
ATOM   904  C  CA  . VAL A 1 115 ? -20.233 -8.852  -5.178  1.00 25.72 ? 115 VAL A CA  1 
ATOM   905  C  C   . VAL A 1 115 ? -18.810 -9.236  -4.762  1.00 25.47 ? 115 VAL A C   1 
ATOM   906  O  O   . VAL A 1 115 ? -18.059 -9.809  -5.558  1.00 25.69 ? 115 VAL A O   1 
ATOM   907  C  CB  . VAL A 1 115 ? -21.176 -10.083 -5.011  1.00 25.87 ? 115 VAL A CB  1 
ATOM   908  C  CG1 . VAL A 1 115 ? -21.565 -10.263 -3.549  1.00 26.39 ? 115 VAL A CG1 1 
ATOM   909  C  CG2 . VAL A 1 115 ? -22.438 -9.945  -5.864  1.00 26.21 ? 115 VAL A CG2 1 
ATOM   910  N  N   . PHE A 1 116 ? -18.454 -8.908  -3.521  1.00 25.55 ? 116 PHE A N   1 
ATOM   911  C  CA  . PHE A 1 116 ? -17.148 -9.251  -2.950  1.00 25.37 ? 116 PHE A CA  1 
ATOM   912  C  C   . PHE A 1 116 ? -17.204 -10.571 -2.190  1.00 25.41 ? 116 PHE A C   1 
ATOM   913  O  O   . PHE A 1 116 ? -18.174 -10.840 -1.481  1.00 25.63 ? 116 PHE A O   1 
ATOM   914  C  CB  . PHE A 1 116 ? -16.679 -8.164  -1.977  1.00 25.36 ? 116 PHE A CB  1 
ATOM   915  C  CG  . PHE A 1 116 ? -16.393 -6.838  -2.622  1.00 25.22 ? 116 PHE A CG  1 
ATOM   916  C  CD1 . PHE A 1 116 ? -15.138 -6.570  -3.165  1.00 25.04 ? 116 PHE A CD1 1 
ATOM   917  C  CD2 . PHE A 1 116 ? -17.368 -5.847  -2.660  1.00 25.33 ? 116 PHE A CD2 1 
ATOM   918  C  CE1 . PHE A 1 116 ? -14.869 -5.336  -3.754  1.00 24.99 ? 116 PHE A CE1 1 
ATOM   919  C  CE2 . PHE A 1 116 ? -17.108 -4.610  -3.247  1.00 25.57 ? 116 PHE A CE2 1 
ATOM   920  C  CZ  . PHE A 1 116 ? -15.854 -4.356  -3.790  1.00 24.91 ? 116 PHE A CZ  1 
ATOM   921  N  N   . GLY A 1 117 ? -16.158 -11.382 -2.336  1.00 25.29 ? 117 GLY A N   1 
ATOM   922  C  CA  . GLY A 1 117 ? -16.006 -12.617 -1.562  1.00 24.93 ? 117 GLY A CA  1 
ATOM   923  C  C   . GLY A 1 117 ? -15.428 -12.375 -0.179  1.00 24.79 ? 117 GLY A C   1 
ATOM   924  O  O   . GLY A 1 117 ? -15.635 -13.168 0.740   1.00 25.03 ? 117 GLY A O   1 
ATOM   925  N  N   . SER A 1 118 ? -14.689 -11.275 -0.037  1.00 24.29 ? 118 SER A N   1 
ATOM   926  C  CA  . SER A 1 118 ? -14.120 -10.859 1.246   1.00 23.92 ? 118 SER A CA  1 
ATOM   927  C  C   . SER A 1 118 ? -13.959 -9.341  1.265   1.00 23.50 ? 118 SER A C   1 
ATOM   928  O  O   . SER A 1 118 ? -14.066 -8.696  0.224   1.00 23.58 ? 118 SER A O   1 
ATOM   929  C  CB  . SER A 1 118 ? -12.766 -11.533 1.478   1.00 23.95 ? 118 SER A CB  1 
ATOM   930  O  OG  . SER A 1 118 ? -11.833 -11.158 0.478   1.00 23.65 ? 118 SER A OG  1 
ATOM   931  N  N   . THR A 1 119 ? -13.700 -8.781  2.446   1.00 23.13 ? 119 THR A N   1 
ATOM   932  C  CA  . THR A 1 119 ? -13.462 -7.342  2.587   1.00 22.66 ? 119 THR A CA  1 
ATOM   933  C  C   . THR A 1 119 ? -12.105 -6.968  1.988   1.00 21.62 ? 119 THR A C   1 
ATOM   934  O  O   . THR A 1 119 ? -11.078 -7.539  2.377   1.00 21.82 ? 119 THR A O   1 
ATOM   935  C  CB  . THR A 1 119 ? -13.526 -6.886  4.062   1.00 22.82 ? 119 THR A CB  1 
ATOM   936  O  OG1 . THR A 1 119 ? -14.823 -7.176  4.597   1.00 24.55 ? 119 THR A OG1 1 
ATOM   937  C  CG2 . THR A 1 119 ? -13.267 -5.387  4.188   1.00 23.28 ? 119 THR A CG2 1 
ATOM   938  N  N   . PRO A 1 120 ? -12.095 -6.021  1.029   1.00 20.80 ? 120 PRO A N   1 
ATOM   939  C  CA  . PRO A 1 120 ? -10.832 -5.587  0.442   1.00 19.74 ? 120 PRO A CA  1 
ATOM   940  C  C   . PRO A 1 120 ? -9.825  -5.123  1.488   1.00 18.90 ? 120 PRO A C   1 
ATOM   941  O  O   . PRO A 1 120 ? -10.187 -4.495  2.488   1.00 18.62 ? 120 PRO A O   1 
ATOM   942  C  CB  . PRO A 1 120 ? -11.242 -4.424  -0.461  1.00 19.85 ? 120 PRO A CB  1 
ATOM   943  C  CG  . PRO A 1 120 ? -12.632 -4.754  -0.861  1.00 20.53 ? 120 PRO A CG  1 
ATOM   944  C  CD  . PRO A 1 120 ? -13.248 -5.400  0.351   1.00 20.65 ? 120 PRO A CD  1 
ATOM   945  N  N   . GLU A 1 121 ? -8.566  -5.463  1.245   1.00 17.68 ? 121 GLU A N   1 
ATOM   946  C  CA  . GLU A 1 121 ? -7.479  -5.061  2.102   1.00 17.28 ? 121 GLU A CA  1 
ATOM   947  C  C   . GLU A 1 121 ? -6.488  -4.269  1.273   1.00 16.38 ? 121 GLU A C   1 
ATOM   948  O  O   . GLU A 1 121 ? -6.166  -4.650  0.145   1.00 15.98 ? 121 GLU A O   1 
ATOM   949  C  CB  . GLU A 1 121 ? -6.796  -6.294  2.692   1.00 17.66 ? 121 GLU A CB  1 
ATOM   950  C  CG  . GLU A 1 121 ? -5.724  -5.996  3.726   1.00 19.72 ? 121 GLU A CG  1 
ATOM   951  C  CD  . GLU A 1 121 ? -5.181  -7.253  4.375   1.00 22.34 ? 121 GLU A CD  1 
ATOM   952  O  OE1 . GLU A 1 121 ? -4.860  -8.219  3.644   1.00 23.93 ? 121 GLU A OE1 1 
ATOM   953  O  OE2 . GLU A 1 121 ? -5.077  -7.277  5.620   1.00 23.87 ? 121 GLU A OE2 1 
ATOM   954  N  N   . LEU A 1 122 ? -6.039  -3.157  1.837   1.00 15.50 ? 122 LEU A N   1 
ATOM   955  C  CA  . LEU A 1 122 ? -4.921  -2.417  1.290   1.00 15.11 ? 122 LEU A CA  1 
ATOM   956  C  C   . LEU A 1 122 ? -3.668  -2.914  1.988   1.00 14.76 ? 122 LEU A C   1 
ATOM   957  O  O   . LEU A 1 122 ? -3.549  -2.800  3.207   1.00 15.28 ? 122 LEU A O   1 
ATOM   958  C  CB  . LEU A 1 122 ? -5.109  -0.916  1.526   1.00 15.04 ? 122 LEU A CB  1 
ATOM   959  C  CG  . LEU A 1 122 ? -3.918  -0.001  1.238   1.00 15.81 ? 122 LEU A CG  1 
ATOM   960  C  CD1 . LEU A 1 122 ? -3.662  0.089   -0.253  1.00 16.82 ? 122 LEU A CD1 1 
ATOM   961  C  CD2 . LEU A 1 122 ? -4.147  1.376   1.826   1.00 16.62 ? 122 LEU A CD2 1 
ATOM   962  N  N   . ALA A 1 123 ? -2.742  -3.473  1.217   1.00 14.22 ? 123 ALA A N   1 
ATOM   963  C  CA  . ALA A 1 123 ? -1.493  -3.967  1.776   1.00 13.96 ? 123 ALA A CA  1 
ATOM   964  C  C   . ALA A 1 123 ? -0.298  -3.181  1.256   1.00 13.55 ? 123 ALA A C   1 
ATOM   965  O  O   . ALA A 1 123 ? -0.201  -2.888  0.064   1.00 13.61 ? 123 ALA A O   1 
ATOM   966  C  CB  . ALA A 1 123 ? -1.327  -5.453  1.484   1.00 14.31 ? 123 ALA A CB  1 
ATOM   967  N  N   . LEU A 1 124 ? 0.585   -2.817  2.178   1.00 13.29 ? 124 LEU A N   1 
ATOM   968  C  CA  . LEU A 1 124 ? 1.880   -2.250  1.843   1.00 13.02 ? 124 LEU A CA  1 
ATOM   969  C  C   . LEU A 1 124 ? 2.893   -3.343  2.145   1.00 13.40 ? 124 LEU A C   1 
ATOM   970  O  O   . LEU A 1 124 ? 3.211   -3.595  3.307   1.00 14.01 ? 124 LEU A O   1 
ATOM   971  C  CB  . LEU A 1 124 ? 2.148   -1.006  2.691   1.00 13.08 ? 124 LEU A CB  1 
ATOM   972  C  CG  . LEU A 1 124 ? 1.052   0.066   2.714   1.00 12.71 ? 124 LEU A CG  1 
ATOM   973  C  CD1 . LEU A 1 124 ? 1.431   1.192   3.656   1.00 12.53 ? 124 LEU A CD1 1 
ATOM   974  C  CD2 . LEU A 1 124 ? 0.751   0.610   1.311   1.00 13.45 ? 124 LEU A CD2 1 
ATOM   975  N  N   . TRP A 1 125 ? 3.375   -4.006  1.099   1.00 13.36 ? 125 TRP A N   1 
ATOM   976  C  CA  . TRP A 1 125 ? 4.181   -5.214  1.264   1.00 13.85 ? 125 TRP A CA  1 
ATOM   977  C  C   . TRP A 1 125 ? 5.591   -5.056  0.708   1.00 13.61 ? 125 TRP A C   1 
ATOM   978  O  O   . TRP A 1 125 ? 5.797   -4.999  -0.507  1.00 13.32 ? 125 TRP A O   1 
ATOM   979  C  CB  . TRP A 1 125 ? 3.484   -6.430  0.636   1.00 14.40 ? 125 TRP A CB  1 
ATOM   980  C  CG  . TRP A 1 125 ? 4.254   -7.706  0.823   1.00 15.87 ? 125 TRP A CG  1 
ATOM   981  C  CD1 . TRP A 1 125 ? 4.834   -8.467  -0.154  1.00 17.36 ? 125 TRP A CD1 1 
ATOM   982  C  CD2 . TRP A 1 125 ? 4.557   -8.352  2.069   1.00 17.70 ? 125 TRP A CD2 1 
ATOM   983  N  NE1 . TRP A 1 125 ? 5.468   -9.554  0.407   1.00 17.99 ? 125 TRP A NE1 1 
ATOM   984  C  CE2 . TRP A 1 125 ? 5.315   -9.506  1.767   1.00 18.37 ? 125 TRP A CE2 1 
ATOM   985  C  CE3 . TRP A 1 125 ? 4.253   -8.072  3.409   1.00 19.01 ? 125 TRP A CE3 1 
ATOM   986  C  CZ2 . TRP A 1 125 ? 5.775   -10.380 2.760   1.00 19.13 ? 125 TRP A CZ2 1 
ATOM   987  C  CZ3 . TRP A 1 125 ? 4.716   -8.939  4.394   1.00 20.02 ? 125 TRP A CZ3 1 
ATOM   988  C  CH2 . TRP A 1 125 ? 5.465   -10.079 4.062   1.00 19.56 ? 125 TRP A CH2 1 
ATOM   989  N  N   . LYS A 1 126 ? 6.556   -4.986  1.620   1.00 13.69 ? 126 LYS A N   1 
ATOM   990  C  CA  . LYS A 1 126 ? 7.961   -4.887  1.246   1.00 14.13 ? 126 LYS A CA  1 
ATOM   991  C  C   . LYS A 1 126 ? 8.559   -6.294  1.235   1.00 14.63 ? 126 LYS A C   1 
ATOM   992  O  O   . LYS A 1 126 ? 9.200   -6.715  2.201   1.00 14.44 ? 126 LYS A O   1 
ATOM   993  C  CB  . LYS A 1 126 ? 8.712   -3.968  2.214   1.00 14.11 ? 126 LYS A CB  1 
ATOM   994  C  CG  . LYS A 1 126 ? 10.165  -3.682  1.827   1.00 14.47 ? 126 LYS A CG  1 
ATOM   995  C  CD  . LYS A 1 126 ? 11.003  -3.307  3.050   1.00 14.12 ? 126 LYS A CD  1 
ATOM   996  C  CE  . LYS A 1 126 ? 11.155  -4.479  4.014   1.00 15.58 ? 126 LYS A CE  1 
ATOM   997  N  NZ  . LYS A 1 126 ? 11.839  -5.641  3.380   1.00 17.04 ? 126 LYS A NZ  1 
ATOM   998  N  N   . GLY A 1 127 ? 8.332   -7.011  0.136   1.00 15.04 ? 127 GLY A N   1 
ATOM   999  C  CA  . GLY A 1 127 ? 8.832   -8.379  -0.026  1.00 15.90 ? 127 GLY A CA  1 
ATOM   1000 C  C   . GLY A 1 127 ? 10.336  -8.476  -0.190  1.00 16.57 ? 127 GLY A C   1 
ATOM   1001 O  O   . GLY A 1 127 ? 10.920  -9.540  0.033   1.00 16.85 ? 127 GLY A O   1 
ATOM   1002 N  N   . ASP A 1 128 ? 10.964  -7.363  -0.566  1.00 16.83 ? 128 ASP A N   1 
ATOM   1003 C  CA  . ASP A 1 128 ? 12.421  -7.281  -0.704  1.00 17.26 ? 128 ASP A CA  1 
ATOM   1004 C  C   . ASP A 1 128 ? 13.131  -7.766  0.557   1.00 17.75 ? 128 ASP A C   1 
ATOM   1005 O  O   . ASP A 1 128 ? 12.699  -7.469  1.670   1.00 17.71 ? 128 ASP A O   1 
ATOM   1006 C  CB  . ASP A 1 128 ? 12.839  -5.841  -1.008  1.00 17.11 ? 128 ASP A CB  1 
ATOM   1007 C  CG  . ASP A 1 128 ? 14.348  -5.660  -1.035  1.00 17.23 ? 128 ASP A CG  1 
ATOM   1008 O  OD1 . ASP A 1 128 ? 15.014  -6.275  -1.891  1.00 16.74 ? 128 ASP A OD1 1 
ATOM   1009 O  OD2 . ASP A 1 128 ? 14.872  -4.900  -0.199  1.00 18.18 ? 128 ASP A OD2 1 
ATOM   1010 N  N   . THR A 1 129 ? 14.218  -8.514  0.371   1.00 18.52 ? 129 THR A N   1 
ATOM   1011 C  CA  . THR A 1 129 ? 14.998  -9.036  1.495   1.00 19.35 ? 129 THR A CA  1 
ATOM   1012 C  C   . THR A 1 129 ? 16.417  -8.459  1.563   1.00 19.24 ? 129 THR A C   1 
ATOM   1013 O  O   . THR A 1 129 ? 17.252  -8.943  2.335   1.00 19.66 ? 129 THR A O   1 
ATOM   1014 C  CB  . THR A 1 129 ? 15.067  -10.580 1.479   1.00 19.64 ? 129 THR A CB  1 
ATOM   1015 O  OG1 . THR A 1 129 ? 15.550  -11.021 0.206   1.00 20.77 ? 129 THR A OG1 1 
ATOM   1016 C  CG2 . THR A 1 129 ? 13.689  -11.185 1.750   1.00 20.24 ? 129 THR A CG2 1 
ATOM   1017 N  N   . SER A 1 130 ? 16.684  -7.424  0.768   1.00 18.97 ? 130 SER A N   1 
ATOM   1018 C  CA  . SER A 1 130 ? 17.961  -6.717  0.838   1.00 18.75 ? 130 SER A CA  1 
ATOM   1019 C  C   . SER A 1 130 ? 18.039  -5.867  2.106   1.00 18.78 ? 130 SER A C   1 
ATOM   1020 O  O   . SER A 1 130 ? 17.065  -5.768  2.862   1.00 18.52 ? 130 SER A O   1 
ATOM   1021 C  CB  . SER A 1 130 ? 18.178  -5.851  -0.411  1.00 18.88 ? 130 SER A CB  1 
ATOM   1022 O  OG  . SER A 1 130 ? 17.482  -4.616  -0.304  1.00 18.80 ? 130 SER A OG  1 
ATOM   1023 N  N   . LYS A 1 131 ? 19.196  -5.250  2.334   1.00 18.52 ? 131 LYS A N   1 
ATOM   1024 C  CA  . LYS A 1 131 ? 19.387  -4.378  3.491   1.00 18.54 ? 131 LYS A CA  1 
ATOM   1025 C  C   . LYS A 1 131 ? 18.623  -3.053  3.368   1.00 18.06 ? 131 LYS A C   1 
ATOM   1026 O  O   . LYS A 1 131 ? 18.465  -2.334  4.357   1.00 18.40 ? 131 LYS A O   1 
ATOM   1027 C  CB  . LYS A 1 131 ? 20.877  -4.111  3.725   1.00 18.83 ? 131 LYS A CB  1 
ATOM   1028 C  CG  . LYS A 1 131 ? 21.512  -3.132  2.745   1.00 19.74 ? 131 LYS A CG  1 
ATOM   1029 C  CD  . LYS A 1 131 ? 22.992  -2.940  3.026   1.00 21.10 ? 131 LYS A CD  1 
ATOM   1030 C  CE  . LYS A 1 131 ? 23.232  -2.028  4.226   1.00 22.35 ? 131 LYS A CE  1 
ATOM   1031 N  NZ  . LYS A 1 131 ? 24.686  -1.759  4.412   1.00 22.85 ? 131 LYS A NZ  1 
ATOM   1032 N  N   . ALA A 1 132 ? 18.157  -2.741  2.159   1.00 17.63 ? 132 ALA A N   1 
ATOM   1033 C  CA  . ALA A 1 132 ? 17.494  -1.463  1.884   1.00 16.89 ? 132 ALA A CA  1 
ATOM   1034 C  C   . ALA A 1 132 ? 16.248  -1.237  2.738   1.00 16.45 ? 132 ALA A C   1 
ATOM   1035 O  O   . ALA A 1 132 ? 15.402  -2.126  2.877   1.00 16.56 ? 132 ALA A O   1 
ATOM   1036 C  CB  . ALA A 1 132 ? 17.140  -1.357  0.408   1.00 16.95 ? 132 ALA A CB  1 
ATOM   1037 N  N   . ASN A 1 133 ? 16.149  -0.035  3.298   1.00 15.79 ? 133 ASN A N   1 
ATOM   1038 C  CA  . ASN A 1 133 ? 14.930  0.406   3.968   1.00 15.49 ? 133 ASN A CA  1 
ATOM   1039 C  C   . ASN A 1 133 ? 13.935  0.965   2.951   1.00 14.53 ? 133 ASN A C   1 
ATOM   1040 O  O   . ASN A 1 133 ? 14.314  1.557   1.926   1.00 15.80 ? 133 ASN A O   1 
ATOM   1041 C  CB  . ASN A 1 133 ? 15.241  1.464   5.031   1.00 15.67 ? 133 ASN A CB  1 
ATOM   1042 C  CG  . ASN A 1 133 ? 16.219  0.972   6.083   1.00 16.62 ? 133 ASN A CG  1 
ATOM   1043 O  OD1 . ASN A 1 133 ? 17.348  1.455   6.161   1.00 19.96 ? 133 ASN A OD1 1 
ATOM   1044 N  ND2 . ASN A 1 133 ? 15.794  0.007   6.887   1.00 16.94 ? 133 ASN A ND2 1 
ATOM   1045 N  N   . LEU A 1 134 ? 12.655  0.781   3.238   1.00 13.50 ? 134 LEU A N   1 
ATOM   1046 C  CA  . LEU A 1 134 ? 11.612  1.274   2.353   1.00 12.56 ? 134 LEU A CA  1 
ATOM   1047 C  C   . LEU A 1 134 ? 10.878  2.453   2.979   1.00 12.15 ? 134 LEU A C   1 
ATOM   1048 O  O   . LEU A 1 134 ? 10.435  2.373   4.122   1.00 12.32 ? 134 LEU A O   1 
ATOM   1049 C  CB  . LEU A 1 134 ? 10.635  0.143   2.013   1.00 12.41 ? 134 LEU A CB  1 
ATOM   1050 C  CG  . LEU A 1 134 ? 9.474   0.409   1.044   1.00 11.81 ? 134 LEU A CG  1 
ATOM   1051 C  CD1 . LEU A 1 134 ? 8.304   1.131   1.739   1.00 12.00 ? 134 LEU A CD1 1 
ATOM   1052 C  CD2 . LEU A 1 134 ? 9.938   1.152   -0.213  1.00 12.22 ? 134 LEU A CD2 1 
ATOM   1053 N  N   . TYR A 1 135 ? 10.763  3.542   2.221   1.00 11.43 ? 135 TYR A N   1 
ATOM   1054 C  CA  . TYR A 1 135 ? 9.943   4.691   2.608   1.00 11.32 ? 135 TYR A CA  1 
ATOM   1055 C  C   . TYR A 1 135 ? 8.696   4.756   1.734   1.00 10.77 ? 135 TYR A C   1 
ATOM   1056 O  O   . TYR A 1 135 ? 8.785   4.661   0.505   1.00 10.80 ? 135 TYR A O   1 
ATOM   1057 C  CB  . TYR A 1 135 ? 10.721  6.005   2.466   1.00 11.74 ? 135 TYR A CB  1 
ATOM   1058 C  CG  . TYR A 1 135 ? 12.062  6.066   3.168   1.00 12.97 ? 135 TYR A CG  1 
ATOM   1059 C  CD1 . TYR A 1 135 ? 12.305  5.357   4.344   1.00 14.89 ? 135 TYR A CD1 1 
ATOM   1060 C  CD2 . TYR A 1 135 ? 13.076  6.875   2.667   1.00 15.46 ? 135 TYR A CD2 1 
ATOM   1061 C  CE1 . TYR A 1 135 ? 13.542  5.433   4.990   1.00 16.54 ? 135 TYR A CE1 1 
ATOM   1062 C  CE2 . TYR A 1 135 ? 14.310  6.961   3.304   1.00 16.37 ? 135 TYR A CE2 1 
ATOM   1063 C  CZ  . TYR A 1 135 ? 14.531  6.236   4.461   1.00 17.43 ? 135 TYR A CZ  1 
ATOM   1064 O  OH  . TYR A 1 135 ? 15.751  6.319   5.094   1.00 19.43 ? 135 TYR A OH  1 
ATOM   1065 N  N   . VAL A 1 136 ? 7.536   4.905   2.365   1.00 10.22 ? 136 VAL A N   1 
ATOM   1066 C  CA  . VAL A 1 136 ? 6.281   5.093   1.635   1.00 9.92  ? 136 VAL A CA  1 
ATOM   1067 C  C   . VAL A 1 136 ? 5.462   6.192   2.307   1.00 10.33 ? 136 VAL A C   1 
ATOM   1068 O  O   . VAL A 1 136 ? 5.485   6.336   3.531   1.00 10.31 ? 136 VAL A O   1 
ATOM   1069 C  CB  . VAL A 1 136 ? 5.484   3.750   1.475   1.00 9.57  ? 136 VAL A CB  1 
ATOM   1070 C  CG1 . VAL A 1 136 ? 5.174   3.117   2.824   1.00 9.80  ? 136 VAL A CG1 1 
ATOM   1071 C  CG2 . VAL A 1 136 ? 4.198   3.952   0.669   1.00 10.72 ? 136 VAL A CG2 1 
ATOM   1072 N  N   . ASP A 1 137 ? 4.773   6.988   1.496   1.00 10.19 ? 137 ASP A N   1 
ATOM   1073 C  CA  . ASP A 1 137 ? 3.989   8.110   2.000   1.00 10.72 ? 137 ASP A CA  1 
ATOM   1074 C  C   . ASP A 1 137 ? 2.876   8.420   1.009   1.00 11.22 ? 137 ASP A C   1 
ATOM   1075 O  O   . ASP A 1 137 ? 2.947   8.021   -0.164  1.00 10.95 ? 137 ASP A O   1 
ATOM   1076 C  CB  . ASP A 1 137 ? 4.905   9.330   2.193   1.00 10.80 ? 137 ASP A CB  1 
ATOM   1077 C  CG  . ASP A 1 137 ? 4.349   10.362  3.176   1.00 11.53 ? 137 ASP A CG  1 
ATOM   1078 O  OD1 . ASP A 1 137 ? 3.279   10.146  3.780   1.00 12.09 ? 137 ASP A OD1 1 
ATOM   1079 O  OD2 . ASP A 1 137 ? 5.007   11.412  3.359   1.00 12.11 ? 137 ASP A OD2 1 
ATOM   1080 N  N   . ASP A 1 138 ? 1.839   9.104   1.493   1.00 11.74 ? 138 ASP A N   1 
ATOM   1081 C  CA  . ASP A 1 138 ? 0.764   9.639   0.653   1.00 12.75 ? 138 ASP A CA  1 
ATOM   1082 C  C   . ASP A 1 138 ? 0.129   8.566   -0.225  1.00 12.21 ? 138 ASP A C   1 
ATOM   1083 O  O   . ASP A 1 138 ? 0.197   8.615   -1.457  1.00 12.14 ? 138 ASP A O   1 
ATOM   1084 C  CB  . ASP A 1 138 ? 1.271   10.831  -0.160  1.00 13.56 ? 138 ASP A CB  1 
ATOM   1085 C  CG  . ASP A 1 138 ? 1.841   11.913  0.724   1.00 17.31 ? 138 ASP A CG  1 
ATOM   1086 O  OD1 . ASP A 1 138 ? 1.107   12.355  1.639   1.00 19.69 ? 138 ASP A OD1 1 
ATOM   1087 O  OD2 . ASP A 1 138 ? 3.023   12.282  0.533   1.00 21.34 ? 138 ASP A OD2 1 
ATOM   1088 N  N   . VAL A 1 139 ? -0.465  7.586   0.443   1.00 12.14 ? 139 VAL A N   1 
ATOM   1089 C  CA  . VAL A 1 139 ? -1.194  6.508   -0.215  1.00 12.08 ? 139 VAL A CA  1 
ATOM   1090 C  C   . VAL A 1 139 ? -2.605  7.004   -0.547  1.00 12.75 ? 139 VAL A C   1 
ATOM   1091 O  O   . VAL A 1 139 ? -3.271  7.602   0.299   1.00 12.78 ? 139 VAL A O   1 
ATOM   1092 C  CB  . VAL A 1 139 ? -1.246  5.243   0.680   1.00 11.96 ? 139 VAL A CB  1 
ATOM   1093 C  CG1 . VAL A 1 139 ? -1.917  4.083   -0.050  1.00 12.36 ? 139 VAL A CG1 1 
ATOM   1094 C  CG2 . VAL A 1 139 ? 0.161   4.848   1.148   1.00 12.73 ? 139 VAL A CG2 1 
ATOM   1095 N  N   . TYR A 1 140 ? -3.043  6.766   -1.784  1.00 12.07 ? 140 TYR A N   1 
ATOM   1096 C  CA  . TYR A 1 140 ? -4.362  7.203   -2.248  1.00 12.24 ? 140 TYR A CA  1 
ATOM   1097 C  C   . TYR A 1 140 ? -5.198  6.017   -2.687  1.00 11.93 ? 140 TYR A C   1 
ATOM   1098 O  O   . TYR A 1 140 ? -4.713  5.141   -3.403  1.00 11.50 ? 140 TYR A O   1 
ATOM   1099 C  CB  . TYR A 1 140 ? -4.229  8.144   -3.451  1.00 12.64 ? 140 TYR A CB  1 
ATOM   1100 C  CG  . TYR A 1 140 ? -3.483  9.430   -3.193  1.00 14.78 ? 140 TYR A CG  1 
ATOM   1101 C  CD1 . TYR A 1 140 ? -4.145  10.561  -2.721  1.00 17.21 ? 140 TYR A CD1 1 
ATOM   1102 C  CD2 . TYR A 1 140 ? -2.119  9.522   -3.456  1.00 15.87 ? 140 TYR A CD2 1 
ATOM   1103 C  CE1 . TYR A 1 140 ? -3.453  11.756  -2.500  1.00 18.58 ? 140 TYR A CE1 1 
ATOM   1104 C  CE2 . TYR A 1 140 ? -1.420  10.703  -3.244  1.00 17.54 ? 140 TYR A CE2 1 
ATOM   1105 C  CZ  . TYR A 1 140 ? -2.090  11.811  -2.764  1.00 18.61 ? 140 TYR A CZ  1 
ATOM   1106 O  OH  . TYR A 1 140 ? -1.383  12.973  -2.555  1.00 20.70 ? 140 TYR A OH  1 
ATOM   1107 N  N   . LEU A 1 141 ? -6.460  5.999   -2.267  1.00 11.70 ? 141 LEU A N   1 
ATOM   1108 C  CA  . LEU A 1 141 ? -7.453  5.103   -2.836  1.00 11.81 ? 141 LEU A CA  1 
ATOM   1109 C  C   . LEU A 1 141 ? -8.715  5.928   -2.996  1.00 11.96 ? 141 LEU A C   1 
ATOM   1110 O  O   . LEU A 1 141 ? -9.368  6.266   -2.011  1.00 12.05 ? 141 LEU A O   1 
ATOM   1111 C  CB  . LEU A 1 141 ? -7.684  3.875   -1.949  1.00 12.22 ? 141 LEU A CB  1 
ATOM   1112 C  CG  . LEU A 1 141 ? -8.575  2.746   -2.476  1.00 13.44 ? 141 LEU A CG  1 
ATOM   1113 C  CD1 . LEU A 1 141 ? -8.147  2.257   -3.858  1.00 14.79 ? 141 LEU A CD1 1 
ATOM   1114 C  CD2 . LEU A 1 141 ? -8.602  1.594   -1.479  1.00 15.17 ? 141 LEU A CD2 1 
ATOM   1115 N  N   . VAL A 1 142 ? -9.030  6.271   -4.243  1.00 12.08 ? 142 VAL A N   1 
ATOM   1116 C  CA  . VAL A 1 142 ? -10.041 7.288   -4.535  1.00 12.53 ? 142 VAL A CA  1 
ATOM   1117 C  C   . VAL A 1 142 ? -11.021 6.787   -5.593  1.00 12.77 ? 142 VAL A C   1 
ATOM   1118 O  O   . VAL A 1 142 ? -10.610 6.325   -6.657  1.00 12.20 ? 142 VAL A O   1 
ATOM   1119 C  CB  . VAL A 1 142 ? -9.370  8.610   -5.018  1.00 12.45 ? 142 VAL A CB  1 
ATOM   1120 C  CG1 . VAL A 1 142 ? -10.412 9.654   -5.425  1.00 13.51 ? 142 VAL A CG1 1 
ATOM   1121 C  CG2 . VAL A 1 142 ? -8.451  9.182   -3.941  1.00 12.86 ? 142 VAL A CG2 1 
ATOM   1122 N  N   . GLU A 1 143 ? -12.317 6.888   -5.292  1.00 13.27 ? 143 GLU A N   1 
ATOM   1123 C  CA  . GLU A 1 143 ? -13.368 6.605   -6.267  1.00 14.37 ? 143 GLU A CA  1 
ATOM   1124 C  C   . GLU A 1 143 ? -13.397 7.712   -7.321  1.00 14.74 ? 143 GLU A C   1 
ATOM   1125 O  O   . GLU A 1 143 ? -13.400 8.897   -6.983  1.00 14.88 ? 143 GLU A O   1 
ATOM   1126 C  CB  . GLU A 1 143 ? -14.727 6.506   -5.565  1.00 14.66 ? 143 GLU A CB  1 
ATOM   1127 C  CG  . GLU A 1 143 ? -15.917 6.402   -6.512  1.00 16.50 ? 143 GLU A CG  1 
ATOM   1128 C  CD  . GLU A 1 143 ? -17.256 6.345   -5.793  1.00 18.78 ? 143 GLU A CD  1 
ATOM   1129 O  OE1 . GLU A 1 143 ? -17.282 6.303   -4.544  1.00 20.88 ? 143 GLU A OE1 1 
ATOM   1130 O  OE2 . GLU A 1 143 ? -18.289 6.341   -6.492  1.00 21.26 ? 143 GLU A OE2 1 
ATOM   1131 N  N   . VAL A 1 144 ? -13.401 7.320   -8.591  1.00 15.46 ? 144 VAL A N   1 
ATOM   1132 C  CA  . VAL A 1 144 ? -13.428 8.292   -9.690  1.00 16.50 ? 144 VAL A CA  1 
ATOM   1133 C  C   . VAL A 1 144 ? -14.674 8.157   -10.552 1.00 17.24 ? 144 VAL A C   1 
ATOM   1134 O  O   . VAL A 1 144 ? -15.373 7.146   -10.510 1.00 17.76 ? 144 VAL A O   1 
ATOM   1135 C  CB  . VAL A 1 144 ? -12.170 8.209   -10.593 1.00 16.44 ? 144 VAL A CB  1 
ATOM   1136 C  CG1 . VAL A 1 144 ? -10.952 8.741   -9.858  1.00 17.09 ? 144 VAL A CG1 1 
ATOM   1137 C  CG2 . VAL A 1 144 ? -11.945 6.778   -11.103 1.00 16.42 ? 144 VAL A CG2 1 
ATOM   1138 O  OXT . VAL A 1 144 ? -14.995 9.076   -11.314 1.00 17.78 ? 144 VAL A OXT 1 
HETATM 1139 C  C1  . MAN B 2 .   ? 5.163   -9.851  -10.525 1.00 22.25 ? 1   MAN B C1  1 
HETATM 1140 C  C2  . MAN B 2 .   ? 4.570   -8.791  -9.598  1.00 21.32 ? 1   MAN B C2  1 
HETATM 1141 C  C3  . MAN B 2 .   ? 4.599   -9.277  -8.152  1.00 20.51 ? 1   MAN B C3  1 
HETATM 1142 C  C4  . MAN B 2 .   ? 3.905   -10.635 -7.999  1.00 20.41 ? 1   MAN B C4  1 
HETATM 1143 C  C5  . MAN B 2 .   ? 4.461   -11.621 -9.029  1.00 21.10 ? 1   MAN B C5  1 
HETATM 1144 C  C6  . MAN B 2 .   ? 3.642   -12.909 -9.067  1.00 22.02 ? 1   MAN B C6  1 
HETATM 1145 O  O1  . MAN B 2 .   ? 6.543   -10.025 -10.279 1.00 23.61 ? 1   MAN B O1  1 
HETATM 1146 O  O2  . MAN B 2 .   ? 3.236   -8.549  -9.989  1.00 22.38 ? 1   MAN B O2  1 
HETATM 1147 O  O3  . MAN B 2 .   ? 4.016   -8.311  -7.299  1.00 19.43 ? 1   MAN B O3  1 
HETATM 1148 O  O4  . MAN B 2 .   ? 4.190   -11.158 -6.719  1.00 19.92 ? 1   MAN B O4  1 
HETATM 1149 O  O5  . MAN B 2 .   ? 4.469   -11.074 -10.339 1.00 21.67 ? 1   MAN B O5  1 
HETATM 1150 O  O6  . MAN B 2 .   ? 4.313   -13.847 -9.881  1.00 23.73 ? 1   MAN B O6  1 
HETATM 1151 C  C1  . BMA B 2 .   ? 3.079   -11.110 -5.816  1.00 19.23 ? 2   BMA B C1  1 
HETATM 1152 C  C2  . BMA B 2 .   ? 3.309   -12.169 -4.737  1.00 19.43 ? 2   BMA B C2  1 
HETATM 1153 C  C3  . BMA B 2 .   ? 2.232   -12.084 -3.659  1.00 19.68 ? 2   BMA B C3  1 
HETATM 1154 C  C4  . BMA B 2 .   ? 2.121   -10.658 -3.123  1.00 18.96 ? 2   BMA B C4  1 
HETATM 1155 C  C5  . BMA B 2 .   ? 1.905   -9.709  -4.305  1.00 18.51 ? 2   BMA B C5  1 
HETATM 1156 C  C6  . BMA B 2 .   ? 1.777   -8.248  -3.883  1.00 19.06 ? 2   BMA B C6  1 
HETATM 1157 O  O2  . BMA B 2 .   ? 4.584   -11.979 -4.164  1.00 20.64 ? 2   BMA B O2  1 
HETATM 1158 O  O3  . BMA B 2 .   ? 2.516   -12.994 -2.615  1.00 20.64 ? 2   BMA B O3  1 
HETATM 1159 O  O4  . BMA B 2 .   ? 1.025   -10.542 -2.249  1.00 17.74 ? 2   BMA B O4  1 
HETATM 1160 O  O5  . BMA B 2 .   ? 2.972   -9.829  -5.224  1.00 18.15 ? 2   BMA B O5  1 
HETATM 1161 O  O6  . BMA B 2 .   ? 2.737   -7.922  -2.908  1.00 19.24 ? 2   BMA B O6  1 
HETATM 1162 C  C1  . BMA B 2 .   ? 1.446   -10.337 -0.896  1.00 18.51 ? 3   BMA B C1  1 
HETATM 1163 C  C2  . BMA B 2 .   ? 0.300   -9.666  -0.143  1.00 18.85 ? 3   BMA B C2  1 
HETATM 1164 C  C3  . BMA B 2 .   ? 0.643   -9.520  1.331   1.00 19.46 ? 3   BMA B C3  1 
HETATM 1165 C  C4  . BMA B 2 .   ? 1.111   -10.863 1.905   1.00 20.24 ? 3   BMA B C4  1 
HETATM 1166 C  C5  . BMA B 2 .   ? 2.223   -11.477 1.051   1.00 21.12 ? 3   BMA B C5  1 
HETATM 1167 C  C6  . BMA B 2 .   ? 2.585   -12.884 1.518   1.00 23.04 ? 3   BMA B C6  1 
HETATM 1168 O  O2  . BMA B 2 .   ? -0.878  -10.432 -0.281  1.00 18.65 ? 3   BMA B O2  1 
HETATM 1169 O  O3  . BMA B 2 .   ? -0.485  -9.029  2.026   1.00 18.78 ? 3   BMA B O3  1 
HETATM 1170 O  O4  . BMA B 2 .   ? 1.627   -10.657 3.194   1.00 20.89 ? 3   BMA B O4  1 
HETATM 1171 O  O5  . BMA B 2 .   ? 1.823   -11.565 -0.299  1.00 19.30 ? 3   BMA B O5  1 
HETATM 1172 O  O6  . BMA B 2 .   ? 3.913   -13.138 1.125   1.00 26.73 ? 3   BMA B O6  1 
HETATM 1173 C  C1  . BMA B 2 .   ? 0.761   -11.237 4.178   1.00 22.06 ? 4   BMA B C1  1 
HETATM 1174 C  C2  . BMA B 2 .   ? 1.583   -11.456 5.439   1.00 22.84 ? 4   BMA B C2  1 
HETATM 1175 C  C3  . BMA B 2 .   ? 0.704   -11.890 6.606   1.00 23.58 ? 4   BMA B C3  1 
HETATM 1176 C  C4  . BMA B 2 .   ? -0.548  -11.010 6.738   1.00 24.04 ? 4   BMA B C4  1 
HETATM 1177 C  C5  . BMA B 2 .   ? -1.248  -10.897 5.384   1.00 23.21 ? 4   BMA B C5  1 
HETATM 1178 C  C6  . BMA B 2 .   ? -2.451  -9.963  5.406   1.00 22.77 ? 4   BMA B C6  1 
HETATM 1179 O  O2  . BMA B 2 .   ? 2.224   -10.248 5.773   1.00 23.06 ? 4   BMA B O2  1 
HETATM 1180 O  O3  . BMA B 2 .   ? 1.480   -11.840 7.785   1.00 23.98 ? 4   BMA B O3  1 
HETATM 1181 O  O4  . BMA B 2 .   ? -1.455  -11.582 7.650   1.00 26.07 ? 4   BMA B O4  1 
HETATM 1182 O  O5  . BMA B 2 .   ? -0.340  -10.395 4.431   1.00 21.77 ? 4   BMA B O5  1 
HETATM 1183 O  O6  . BMA B 2 .   ? -3.134  -10.073 4.178   1.00 23.54 ? 4   BMA B O6  1 
HETATM 1184 C  C1  . BMA B 2 .   ? -1.401  -10.939 8.933   1.00 28.59 ? 5   BMA B C1  1 
HETATM 1185 C  C2  . BMA B 2 .   ? -2.766  -11.078 9.598   1.00 29.86 ? 5   BMA B C2  1 
HETATM 1186 C  C3  . BMA B 2 .   ? -2.743  -10.527 11.025  1.00 30.80 ? 5   BMA B C3  1 
HETATM 1187 C  C4  . BMA B 2 .   ? -1.537  -11.026 11.822  1.00 30.98 ? 5   BMA B C4  1 
HETATM 1188 C  C5  . BMA B 2 .   ? -0.243  -10.899 11.015  1.00 30.67 ? 5   BMA B C5  1 
HETATM 1189 C  C6  . BMA B 2 .   ? 0.938   -11.552 11.727  1.00 30.93 ? 5   BMA B C6  1 
HETATM 1190 O  O2  . BMA B 2 .   ? -3.134  -12.442 9.602   1.00 30.43 ? 5   BMA B O2  1 
HETATM 1191 O  O3  . BMA B 2 .   ? -3.933  -10.884 11.694  1.00 31.55 ? 5   BMA B O3  1 
HETATM 1192 O  O4  . BMA B 2 .   ? -1.435  -10.276 13.011  1.00 31.97 ? 5   BMA B O4  1 
HETATM 1193 O  O5  . BMA B 2 .   ? -0.402  -11.514 9.751   1.00 29.55 ? 5   BMA B O5  1 
HETATM 1194 O  O6  . BMA B 2 .   ? 2.060   -11.561 10.869  1.00 31.29 ? 5   BMA B O6  1 
HETATM 1195 CA CA  . CA  C 3 .   ? 3.539   12.211  5.245   1.00 11.28 ? 200 CA  A CA  1 
HETATM 1196 S  S   . SO4 D 4 .   ? 7.220   10.652  -10.403 1.00 63.24 ? 300 SO4 A S   1 
HETATM 1197 O  O1  . SO4 D 4 .   ? 8.512   11.314  -10.245 1.00 63.12 ? 300 SO4 A O1  1 
HETATM 1198 O  O2  . SO4 D 4 .   ? 7.338   9.251   -10.018 1.00 62.67 ? 300 SO4 A O2  1 
HETATM 1199 O  O3  . SO4 D 4 .   ? 6.230   11.314  -9.560  1.00 63.22 ? 300 SO4 A O3  1 
HETATM 1200 O  O4  . SO4 D 4 .   ? 6.792   10.727  -11.798 1.00 63.10 ? 300 SO4 A O4  1 
HETATM 1201 S  S   . SO4 E 4 .   ? 14.614  11.916  -4.126  1.00 46.39 ? 301 SO4 A S   1 
HETATM 1202 O  O1  . SO4 E 4 .   ? 15.928  12.038  -4.749  1.00 46.76 ? 301 SO4 A O1  1 
HETATM 1203 O  O2  . SO4 E 4 .   ? 14.488  10.597  -3.517  1.00 46.54 ? 301 SO4 A O2  1 
HETATM 1204 O  O3  . SO4 E 4 .   ? 14.465  12.940  -3.094  1.00 46.75 ? 301 SO4 A O3  1 
HETATM 1205 O  O4  . SO4 E 4 .   ? 13.577  12.094  -5.140  1.00 46.76 ? 301 SO4 A O4  1 
HETATM 1206 O  O   . HOH F 5 .   ? 11.675  16.447  11.414  1.00 37.35 ? 600 HOH A O   1 
HETATM 1207 O  O   . HOH F 5 .   ? 17.718  8.037   3.577   1.00 41.70 ? 601 HOH A O   1 
HETATM 1208 O  O   . HOH F 5 .   ? -9.426  3.792   11.171  1.00 46.70 ? 602 HOH A O   1 
HETATM 1209 O  O   . HOH F 5 .   ? 11.296  15.015  6.929   1.00 34.82 ? 603 HOH A O   1 
HETATM 1210 O  O   . HOH F 5 .   ? -7.274  11.647  -7.281  0.50 27.37 ? 604 HOH A O   1 
HETATM 1211 O  O   . HOH F 5 .   ? 1.680   13.219  4.113   1.00 14.69 ? 605 HOH A O   1 
HETATM 1212 O  O   . HOH F 5 .   ? -1.814  11.316  7.266   1.00 16.24 ? 606 HOH A O   1 
HETATM 1213 O  O   . HOH F 5 .   ? 18.866  -3.541  -12.369 1.00 41.98 ? 607 HOH A O   1 
HETATM 1214 O  O   . HOH F 5 .   ? -13.282 11.613  -6.961  1.00 39.40 ? 608 HOH A O   1 
HETATM 1215 O  O   . HOH F 5 .   ? 2.479   14.968  11.590  1.00 16.96 ? 609 HOH A O   1 
HETATM 1216 O  O   . HOH F 5 .   ? 6.209   4.599   14.814  1.00 20.17 ? 610 HOH A O   1 
HETATM 1217 O  O   . HOH F 5 .   ? 8.017   -10.631 -3.165  1.00 38.66 ? 611 HOH A O   1 
HETATM 1218 O  O   . HOH F 5 .   ? 14.157  -4.384  2.383   1.00 19.30 ? 612 HOH A O   1 
HETATM 1219 O  O   . HOH F 5 .   ? 10.358  -9.722  -6.143  1.00 39.88 ? 613 HOH A O   1 
HETATM 1220 O  O   . HOH F 5 .   ? -6.068  11.996  7.866   1.00 38.88 ? 614 HOH A O   1 
HETATM 1221 O  O   . HOH F 5 .   ? 2.259   -6.298  -10.984 1.00 37.30 ? 615 HOH A O   1 
HETATM 1222 O  O   . HOH F 5 .   ? 16.249  -3.191  -8.031  1.00 31.50 ? 616 HOH A O   1 
HETATM 1223 O  O   . HOH F 5 .   ? 7.964   -7.989  -9.324  1.00 36.30 ? 617 HOH A O   1 
HETATM 1224 O  O   . HOH F 5 .   ? 12.733  11.110  2.479   1.00 40.61 ? 618 HOH A O   1 
HETATM 1225 O  O   . HOH F 5 .   ? 10.131  -8.640  -3.648  1.00 19.79 ? 619 HOH A O   1 
HETATM 1226 O  O   . HOH F 5 .   ? 14.246  -4.719  9.849   1.00 46.79 ? 620 HOH A O   1 
HETATM 1227 O  O   . HOH F 5 .   ? 19.668  0.750   7.805   1.00 42.84 ? 621 HOH A O   1 
HETATM 1228 O  O   . HOH F 5 .   ? -10.348 -6.537  -12.179 1.00 43.71 ? 622 HOH A O   1 
HETATM 1229 O  O   . HOH F 5 .   ? 0.222   1.037   -13.396 1.00 47.98 ? 623 HOH A O   1 
HETATM 1230 O  O   . HOH F 5 .   ? 16.469  -3.429  -10.796 1.00 43.58 ? 624 HOH A O   1 
HETATM 1231 O  O   . HOH F 5 .   ? -4.794  -8.634  7.865   1.00 39.92 ? 625 HOH A O   1 
HETATM 1232 O  O   . HOH F 5 .   ? 6.050   -9.356  -4.586  1.00 24.40 ? 626 HOH A O   1 
HETATM 1233 O  O   . HOH F 5 .   ? -1.175  -13.813 -3.676  0.50 20.26 ? 627 HOH A O   1 
HETATM 1234 O  O   . HOH F 5 .   ? 7.430   -7.344  -2.608  1.00 20.22 ? 628 HOH A O   1 
HETATM 1235 O  O   . HOH F 5 .   ? 11.111  -13.549 2.261   1.00 39.17 ? 629 HOH A O   1 
HETATM 1236 O  O   . HOH F 5 .   ? 18.114  1.909   9.654   1.00 38.60 ? 630 HOH A O   1 
HETATM 1237 O  O   . HOH F 5 .   ? 9.059   9.965   14.183  1.00 18.60 ? 631 HOH A O   1 
HETATM 1238 O  O   . HOH F 5 .   ? -3.535  14.113  1.096   1.00 49.20 ? 632 HOH A O   1 
HETATM 1239 O  O   . HOH F 5 .   ? 11.543  -8.411  -8.103  1.00 40.74 ? 633 HOH A O   1 
HETATM 1240 O  O   . HOH F 5 .   ? 4.803   -12.792 9.783   1.00 39.71 ? 634 HOH A O   1 
HETATM 1241 O  O   . HOH F 5 .   ? 5.019   0.639   16.875  1.00 42.66 ? 635 HOH A O   1 
HETATM 1242 O  O   . HOH F 5 .   ? -17.557 -9.861  1.969   1.00 47.04 ? 636 HOH A O   1 
HETATM 1243 O  O   . HOH F 5 .   ? 10.124  4.390   -12.440 1.00 35.39 ? 637 HOH A O   1 
HETATM 1244 O  O   . HOH F 5 .   ? 19.089  -11.918 1.852   1.00 45.59 ? 638 HOH A O   1 
HETATM 1245 O  O   . HOH F 5 .   ? 3.748   -1.175  -10.992 1.00 21.62 ? 639 HOH A O   1 
HETATM 1246 O  O   . HOH F 5 .   ? -1.489  8.076   18.080  1.00 48.54 ? 640 HOH A O   1 
HETATM 1247 O  O   . HOH F 5 .   ? 9.766   16.063  9.224   1.00 25.01 ? 641 HOH A O   1 
HETATM 1248 O  O   . HOH F 5 .   ? 13.855  9.602   10.672  1.00 29.47 ? 642 HOH A O   1 
HETATM 1249 O  O   . HOH F 5 .   ? 5.651   -4.989  9.575   1.00 24.99 ? 643 HOH A O   1 
HETATM 1250 O  O   . HOH F 5 .   ? 14.020  -4.827  -8.038  1.00 23.36 ? 644 HOH A O   1 
HETATM 1251 O  O   . HOH F 5 .   ? 10.897  0.821   10.639  1.00 22.56 ? 645 HOH A O   1 
HETATM 1252 O  O   . HOH F 5 .   ? 16.522  0.215   -8.160  1.00 26.59 ? 646 HOH A O   1 
HETATM 1253 O  O   . HOH F 5 .   ? 15.639  4.547   -9.023  1.00 28.27 ? 647 HOH A O   1 
HETATM 1254 O  O   . HOH F 5 .   ? 2.139   4.631   -12.558 1.00 24.70 ? 648 HOH A O   1 
HETATM 1255 O  O   . HOH F 5 .   ? -5.505  12.319  1.010   1.00 27.24 ? 649 HOH A O   1 
HETATM 1256 O  O   . HOH F 5 .   ? 2.406   5.796   16.060  1.00 27.80 ? 650 HOH A O   1 
HETATM 1257 O  O   . HOH F 5 .   ? 0.610   15.791  4.546   1.00 24.12 ? 651 HOH A O   1 
HETATM 1258 O  O   . HOH F 5 .   ? -8.162  -2.057  9.153   1.00 23.81 ? 652 HOH A O   1 
HETATM 1259 O  O   . HOH F 5 .   ? 21.316  -2.087  -1.152  1.00 26.92 ? 653 HOH A O   1 
HETATM 1260 O  O   . HOH F 5 .   ? 0.766   8.630   16.740  1.00 23.79 ? 654 HOH A O   1 
HETATM 1261 O  O   . HOH F 5 .   ? 14.254  -10.058 -2.221  1.00 29.72 ? 655 HOH A O   1 
HETATM 1262 O  O   . HOH F 5 .   ? -10.340 -3.804  -13.019 1.00 27.72 ? 656 HOH A O   1 
HETATM 1263 O  O   . HOH F 5 .   ? 12.165  -12.494 4.702   1.00 27.16 ? 657 HOH A O   1 
HETATM 1264 O  O   . HOH F 5 .   ? -12.365 -6.814  -9.714  1.00 28.58 ? 658 HOH A O   1 
HETATM 1265 O  O   . HOH F 5 .   ? -8.152  9.921   4.346   1.00 28.13 ? 659 HOH A O   1 
HETATM 1266 O  O   . HOH F 5 .   ? -7.530  9.805   7.733   1.00 26.70 ? 660 HOH A O   1 
HETATM 1267 O  O   . HOH F 5 .   ? -16.643 4.712   -10.363 1.00 29.11 ? 661 HOH A O   1 
HETATM 1268 O  O   . HOH F 5 .   ? -1.579  12.221  2.427   1.00 27.19 ? 662 HOH A O   1 
HETATM 1269 O  O   . HOH F 5 .   ? -9.808  -9.689  1.299   1.00 28.47 ? 663 HOH A O   1 
HETATM 1270 O  O   . HOH F 5 .   ? -2.354  13.247  5.080   1.00 29.93 ? 664 HOH A O   1 
HETATM 1271 O  O   . HOH F 5 .   ? -16.050 4.590   -2.422  1.00 28.68 ? 665 HOH A O   1 
HETATM 1272 O  O   . HOH F 5 .   ? -7.044  -10.283 1.492   1.00 29.96 ? 666 HOH A O   1 
HETATM 1273 O  O   . HOH F 5 .   ? -4.642  2.586   15.300  1.00 37.35 ? 667 HOH A O   1 
HETATM 1274 O  O   . HOH F 5 .   ? 9.778   -11.977 0.161   1.00 28.10 ? 668 HOH A O   1 
HETATM 1275 O  O   . HOH F 5 .   ? 7.994   -8.347  -6.743  1.00 28.15 ? 669 HOH A O   1 
HETATM 1276 O  O   . HOH F 5 .   ? -15.871 -23.983 -9.572  1.00 25.38 ? 670 HOH A O   1 
HETATM 1277 O  O   . HOH F 5 .   ? 9.487   -1.019  -10.541 1.00 28.85 ? 671 HOH A O   1 
HETATM 1278 O  O   . HOH F 5 .   ? 6.999   1.825   15.404  1.00 27.34 ? 672 HOH A O   1 
HETATM 1279 O  O   . HOH F 5 .   ? 17.788  6.200   -2.046  1.00 25.92 ? 673 HOH A O   1 
HETATM 1280 O  O   . HOH F 5 .   ? 14.055  -9.485  -7.922  1.00 30.72 ? 674 HOH A O   1 
HETATM 1281 O  O   . HOH F 5 .   ? -18.008 7.186   -11.386 1.00 28.65 ? 675 HOH A O   1 
HETATM 1282 O  O   . HOH F 5 .   ? -2.584  10.536  0.424   1.00 22.50 ? 676 HOH A O   1 
HETATM 1283 O  O   . HOH F 5 .   ? 1.360   17.393  9.016   1.00 29.22 ? 677 HOH A O   1 
HETATM 1284 O  O   . HOH F 5 .   ? 11.700  7.536   -10.254 1.00 26.51 ? 678 HOH A O   1 
HETATM 1285 O  O   . HOH F 5 .   ? 6.974   1.517   -13.199 1.00 34.47 ? 679 HOH A O   1 
HETATM 1286 O  O   . HOH F 5 .   ? 2.687   1.606   -12.411 1.00 34.36 ? 680 HOH A O   1 
HETATM 1287 O  O   . HOH F 5 .   ? 15.599  10.296  4.102   1.00 34.92 ? 681 HOH A O   1 
HETATM 1288 O  O   . HOH F 5 .   ? -17.297 2.102   -12.920 1.00 30.19 ? 682 HOH A O   1 
HETATM 1289 O  O   . HOH F 5 .   ? 5.113   6.450   -12.408 1.00 27.04 ? 683 HOH A O   1 
HETATM 1290 O  O   . HOH F 5 .   ? 7.933   16.624  3.705   1.00 34.94 ? 684 HOH A O   1 
HETATM 1291 O  O   . HOH F 5 .   ? 19.944  0.651   3.593   1.00 32.78 ? 685 HOH A O   1 
HETATM 1292 O  O   . HOH F 5 .   ? -13.407 8.021   -2.823  1.00 27.06 ? 686 HOH A O   1 
HETATM 1293 O  O   . HOH F 5 .   ? 16.530  -6.206  -9.152  1.00 31.82 ? 687 HOH A O   1 
HETATM 1294 O  O   . HOH F 5 .   ? 18.953  7.067   -6.492  1.00 28.88 ? 688 HOH A O   1 
HETATM 1295 O  O   . HOH F 5 .   ? 14.193  6.598   -10.052 1.00 37.68 ? 689 HOH A O   1 
HETATM 1296 O  O   . HOH F 5 .   ? -7.117  12.304  3.638   1.00 33.97 ? 690 HOH A O   1 
HETATM 1297 O  O   . HOH F 5 .   ? 26.191  -4.477  4.170   1.00 33.76 ? 691 HOH A O   1 
HETATM 1298 O  O   . HOH F 5 .   ? -0.401  4.233   16.424  1.00 34.35 ? 692 HOH A O   1 
HETATM 1299 O  O   . HOH F 5 .   ? 7.275   -1.837  14.361  1.00 39.37 ? 693 HOH A O   1 
HETATM 1300 O  O   . HOH F 5 .   ? 18.506  -3.408  6.870   1.00 34.98 ? 694 HOH A O   1 
HETATM 1301 O  O   . HOH F 5 .   ? -0.642  6.621   -14.960 1.00 39.03 ? 695 HOH A O   1 
HETATM 1302 O  O   . HOH F 5 .   ? -0.989  0.985   14.530  1.00 37.22 ? 696 HOH A O   1 
HETATM 1303 O  O   . HOH F 5 .   ? 12.555  4.020   13.269  1.00 37.88 ? 697 HOH A O   1 
HETATM 1304 O  O   . HOH F 5 .   ? 11.791  12.043  -7.210  1.00 33.65 ? 698 HOH A O   1 
HETATM 1305 O  O   . HOH F 5 .   ? -11.247 -0.872  -14.718 1.00 32.66 ? 699 HOH A O   1 
HETATM 1306 O  O   . HOH F 5 .   ? -16.231 -3.942  0.354   1.00 35.57 ? 700 HOH A O   1 
HETATM 1307 O  O   . HOH F 5 .   ? 9.605   14.187  -5.252  1.00 35.69 ? 701 HOH A O   1 
HETATM 1308 O  O   . HOH F 5 .   ? -19.602 -10.075 -9.620  1.00 32.94 ? 702 HOH A O   1 
HETATM 1309 O  O   . HOH F 5 .   ? 7.325   4.963   -12.956 1.00 39.80 ? 703 HOH A O   1 
HETATM 1310 O  O   . HOH F 5 .   ? -17.402 -11.413 -7.637  1.00 35.21 ? 704 HOH A O   1 
HETATM 1311 O  O   . HOH F 5 .   ? -0.880  -13.059 -1.090  1.00 26.12 ? 705 HOH A O   1 
HETATM 1312 O  O   . HOH F 5 .   ? 6.978   -11.513 -0.877  1.00 38.08 ? 706 HOH A O   1 
HETATM 1313 O  O   . HOH F 5 .   ? -13.585 -10.541 4.683   1.00 37.45 ? 707 HOH A O   1 
HETATM 1314 O  O   . HOH F 5 .   ? 4.680   18.861  2.638   1.00 36.48 ? 708 HOH A O   1 
HETATM 1315 O  O   . HOH F 5 .   ? -5.919  7.810   11.698  1.00 40.54 ? 709 HOH A O   1 
HETATM 1316 O  O   . HOH F 5 .   ? -3.692  11.922  9.089   1.00 31.82 ? 710 HOH A O   1 
HETATM 1317 O  O   . HOH F 5 .   ? 14.943  10.603  0.972   1.00 41.37 ? 711 HOH A O   1 
HETATM 1318 O  O   . HOH F 5 .   ? -7.622  0.527   9.919   1.00 37.99 ? 712 HOH A O   1 
HETATM 1319 O  O   . HOH F 5 .   ? 17.727  -12.508 -0.424  1.00 35.23 ? 713 HOH A O   1 
HETATM 1320 O  O   . HOH F 5 .   ? -17.294 -21.811 -10.411 1.00 44.28 ? 714 HOH A O   1 
HETATM 1321 O  O   . HOH F 5 .   ? 18.472  2.279   -7.972  1.00 40.27 ? 715 HOH A O   1 
HETATM 1322 O  O   . HOH F 5 .   ? -20.378 -7.660  -1.934  1.00 34.60 ? 716 HOH A O   1 
HETATM 1323 O  O   . HOH F 5 .   ? -2.438  10.228  16.693  1.00 36.28 ? 717 HOH A O   1 
HETATM 1324 O  O   . HOH F 5 .   ? 5.042   -13.327 -1.548  1.00 32.16 ? 718 HOH A O   1 
HETATM 1325 O  O   . HOH F 5 .   ? 9.179   -11.881 7.527   1.00 32.29 ? 719 HOH A O   1 
HETATM 1326 O  O   . HOH F 5 .   ? 9.579   13.731  -9.020  1.00 41.11 ? 720 HOH A O   1 
HETATM 1327 O  O   . HOH F 5 .   ? -18.272 -4.669  -11.730 1.00 31.26 ? 721 HOH A O   1 
HETATM 1328 O  O   . HOH F 5 .   ? -13.881 10.445  -4.599  1.00 34.30 ? 722 HOH A O   1 
HETATM 1329 O  O   . HOH F 5 .   ? -9.430  1.735   6.956   1.00 35.99 ? 723 HOH A O   1 
HETATM 1330 O  O   . HOH F 5 .   ? 11.841  -10.743 -3.035  1.00 40.16 ? 724 HOH A O   1 
HETATM 1331 O  O   . HOH F 5 .   ? -10.045 12.612  1.887   1.00 37.70 ? 725 HOH A O   1 
HETATM 1332 O  O   . HOH F 5 .   ? 15.115  -12.572 4.495   1.00 37.44 ? 726 HOH A O   1 
HETATM 1333 O  O   . HOH F 5 .   ? 20.311  5.408   -2.690  1.00 38.61 ? 727 HOH A O   1 
HETATM 1334 O  O   . HOH F 5 .   ? 13.658  1.209   -11.400 1.00 39.81 ? 728 HOH A O   1 
HETATM 1335 O  O   . HOH F 5 .   ? 19.634  -8.445  3.754   1.00 33.62 ? 729 HOH A O   1 
HETATM 1336 O  O   . HOH F 5 .   ? 8.152   -5.632  -10.501 1.00 35.67 ? 730 HOH A O   1 
HETATM 1337 O  O   . HOH F 5 .   ? -9.680  -7.779  4.858   1.00 33.94 ? 731 HOH A O   1 
HETATM 1338 O  O   . HOH F 5 .   ? -20.024 3.978   -7.003  1.00 38.66 ? 732 HOH A O   1 
HETATM 1339 O  O   . HOH F 5 .   ? -5.686  8.886   14.431  1.00 41.65 ? 733 HOH A O   1 
HETATM 1340 O  O   . HOH F 5 .   ? -3.084  -12.866 0.478   1.00 39.40 ? 734 HOH A O   1 
HETATM 1341 O  O   . HOH F 5 .   ? 22.059  4.773   -0.689  1.00 41.50 ? 735 HOH A O   1 
HETATM 1342 O  O   . HOH F 5 .   ? 20.282  0.873   -10.485 1.00 43.16 ? 736 HOH A O   1 
HETATM 1343 O  O   . HOH F 5 .   ? -5.386  13.318  5.527   1.00 34.94 ? 737 HOH A O   1 
HETATM 1344 O  O   . HOH F 5 .   ? 9.262   -11.138 10.419  1.00 48.87 ? 738 HOH A O   1 
HETATM 1345 O  O   . HOH F 5 .   ? -0.506  -3.696  14.480  1.00 40.99 ? 739 HOH A O   1 
HETATM 1346 O  O   . HOH F 5 .   ? 9.920   15.190  -0.956  1.00 43.82 ? 740 HOH A O   1 
HETATM 1347 O  O   . HOH F 5 .   ? -18.546 8.425   -8.439  1.00 42.47 ? 741 HOH A O   1 
# 
loop_
_pdbx_poly_seq_scheme.asym_id 
_pdbx_poly_seq_scheme.entity_id 
_pdbx_poly_seq_scheme.seq_id 
_pdbx_poly_seq_scheme.mon_id 
_pdbx_poly_seq_scheme.ndb_seq_num 
_pdbx_poly_seq_scheme.pdb_seq_num 
_pdbx_poly_seq_scheme.auth_seq_num 
_pdbx_poly_seq_scheme.pdb_mon_id 
_pdbx_poly_seq_scheme.auth_mon_id 
_pdbx_poly_seq_scheme.pdb_strand_id 
_pdbx_poly_seq_scheme.pdb_ins_code 
_pdbx_poly_seq_scheme.hetero 
A 1 1   MET 1   1   1   MET MET A . n 
A 1 2   VAL 2   2   2   VAL VAL A . n 
A 1 3   ASN 3   3   3   ASN ASN A . n 
A 1 4   MET 4   4   4   MET MET A . n 
A 1 5   VAL 5   5   5   VAL VAL A . n 
A 1 6   SER 6   6   6   SER SER A . n 
A 1 7   ASN 7   7   7   ASN ASN A . n 
A 1 8   PRO 8   8   8   PRO PRO A . n 
A 1 9   GLY 9   9   9   GLY GLY A . n 
A 1 10  PHE 10  10  10  PHE PHE A . n 
A 1 11  GLU 11  11  11  GLU GLU A . n 
A 1 12  ASP 12  12  12  ASP ASP A . n 
A 1 13  GLY 13  13  13  GLY GLY A . n 
A 1 14  LEU 14  14  14  LEU LEU A . n 
A 1 15  ASP 15  15  15  ASP ASP A . n 
A 1 16  SER 16  16  16  SER SER A . n 
A 1 17  TRP 17  17  17  TRP TRP A . n 
A 1 18  GLN 18  18  18  GLN GLN A . n 
A 1 19  ASP 19  19  19  ASP ASP A . n 
A 1 20  TRP 20  20  20  TRP TRP A . n 
A 1 21  GLN 21  21  21  GLN GLN A . n 
A 1 22  GLN 22  22  22  GLN GLN A . n 
A 1 23  ASP 23  23  23  ASP ASP A . n 
A 1 24  MET 24  24  24  MET MET A . n 
A 1 25  SER 25  25  25  SER SER A . n 
A 1 26  ALA 26  26  26  ALA ALA A . n 
A 1 27  VAL 27  27  27  VAL VAL A . n 
A 1 28  PRO 28  28  28  PRO PRO A . n 
A 1 29  GLU 29  29  29  GLU GLU A . n 
A 1 30  ALA 30  30  30  ALA ALA A . n 
A 1 31  ALA 31  31  31  ALA ALA A . n 
A 1 32  HIS 32  32  32  HIS HIS A . n 
A 1 33  ASN 33  33  33  ASN ASN A . n 
A 1 34  GLY 34  34  34  GLY GLY A . n 
A 1 35  ALA 35  35  35  ALA ALA A . n 
A 1 36  LEU 36  36  36  LEU LEU A . n 
A 1 37  GLY 37  37  37  GLY GLY A . n 
A 1 38  LEU 38  38  38  LEU LEU A . n 
A 1 39  LYS 39  39  39  LYS LYS A . n 
A 1 40  ILE 40  40  40  ILE ILE A . n 
A 1 41  GLY 41  41  41  GLY GLY A . n 
A 1 42  GLY 42  42  42  GLY GLY A . n 
A 1 43  GLY 43  43  43  GLY GLY A . n 
A 1 44  LYS 44  44  44  LYS LYS A . n 
A 1 45  ALA 45  45  45  ALA ALA A . n 
A 1 46  ALA 46  46  46  ALA ALA A . n 
A 1 47  GLY 47  47  47  GLY GLY A . n 
A 1 48  GLY 48  48  48  GLY GLY A . n 
A 1 49  GLY 49  49  49  GLY GLY A . n 
A 1 50  GLN 50  50  50  GLN GLN A . n 
A 1 51  ASP 51  51  51  ASP ASP A . n 
A 1 52  ILE 52  52  52  ILE ILE A . n 
A 1 53  PRO 53  53  53  PRO PRO A . n 
A 1 54  LEU 54  54  54  LEU LEU A . n 
A 1 55  LYS 55  55  55  LYS LYS A . n 
A 1 56  PRO 56  56  56  PRO PRO A . n 
A 1 57  ASN 57  57  57  ASN ASN A . n 
A 1 58  THR 58  58  58  THR THR A . n 
A 1 59  THR 59  59  59  THR THR A . n 
A 1 60  TYR 60  60  60  TYR TYR A . n 
A 1 61  ILE 61  61  61  ILE ILE A . n 
A 1 62  LEU 62  62  62  LEU LEU A . n 
A 1 63  GLY 63  63  63  GLY GLY A . n 
A 1 64  ALA 64  64  64  ALA ALA A . n 
A 1 65  TRP 65  65  65  TRP TRP A . n 
A 1 66  ALA 66  66  66  ALA ALA A . n 
A 1 67  LYS 67  67  67  LYS LYS A . n 
A 1 68  PHE 68  68  68  PHE PHE A . n 
A 1 69  ASP 69  69  69  ASP ASP A . n 
A 1 70  SER 70  70  70  SER SER A . n 
A 1 71  LYS 71  71  71  LYS LYS A . n 
A 1 72  PRO 72  72  72  PRO PRO A . n 
A 1 73  ALA 73  73  73  ALA ALA A . n 
A 1 74  GLY 74  74  74  GLY GLY A . n 
A 1 75  THR 75  75  75  THR THR A . n 
A 1 76  PHE 76  76  76  PHE PHE A . n 
A 1 77  ASP 77  77  77  ASP ASP A . n 
A 1 78  VAL 78  78  78  VAL VAL A . n 
A 1 79  VAL 79  79  79  VAL VAL A . n 
A 1 80  VAL 80  80  80  VAL VAL A . n 
A 1 81  GLN 81  81  81  GLN GLN A . n 
A 1 82  TYR 82  82  82  TYR TYR A . n 
A 1 83  HIS 83  83  83  HIS HIS A . n 
A 1 84  LEU 84  84  84  LEU LEU A . n 
A 1 85  LYS 85  85  85  LYS LYS A . n 
A 1 86  ASP 86  86  86  ASP ASP A . n 
A 1 87  ALA 87  87  87  ALA ALA A . n 
A 1 88  ASN 88  88  88  ASN ASN A . n 
A 1 89  ASN 89  89  89  ASN ASN A . n 
A 1 90  THR 90  90  90  THR THR A . n 
A 1 91  TYR 91  91  91  TYR TYR A . n 
A 1 92  VAL 92  92  92  VAL VAL A . n 
A 1 93  GLN 93  93  93  GLN GLN A . n 
A 1 94  HIS 94  94  94  HIS HIS A . n 
A 1 95  ILE 95  95  95  ILE ILE A . n 
A 1 96  LEU 96  96  96  LEU LEU A . n 
A 1 97  ASN 97  97  97  ASN ASN A . n 
A 1 98  PHE 98  98  98  PHE PHE A . n 
A 1 99  ASN 99  99  99  ASN ASN A . n 
A 1 100 GLU 100 100 100 GLU GLU A . n 
A 1 101 THR 101 101 101 THR THR A . n 
A 1 102 ASP 102 102 102 ASP ASP A . n 
A 1 103 TRP 103 103 103 TRP TRP A . n 
A 1 104 THR 104 104 104 THR THR A . n 
A 1 105 TYR 105 105 105 TYR TYR A . n 
A 1 106 LYS 106 106 106 LYS LYS A . n 
A 1 107 GLN 107 107 107 GLN GLN A . n 
A 1 108 LEU 108 108 108 LEU LEU A . n 
A 1 109 LEU 109 109 109 LEU LEU A . n 
A 1 110 PHE 110 110 110 PHE PHE A . n 
A 1 111 THR 111 111 111 THR THR A . n 
A 1 112 THR 112 112 112 THR THR A . n 
A 1 113 PRO 113 113 113 PRO PRO A . n 
A 1 114 ASP 114 114 114 ASP ASP A . n 
A 1 115 VAL 115 115 115 VAL VAL A . n 
A 1 116 PHE 116 116 116 PHE PHE A . n 
A 1 117 GLY 117 117 117 GLY GLY A . n 
A 1 118 SER 118 118 118 SER SER A . n 
A 1 119 THR 119 119 119 THR THR A . n 
A 1 120 PRO 120 120 120 PRO PRO A . n 
A 1 121 GLU 121 121 121 GLU GLU A . n 
A 1 122 LEU 122 122 122 LEU LEU A . n 
A 1 123 ALA 123 123 123 ALA ALA A . n 
A 1 124 LEU 124 124 124 LEU LEU A . n 
A 1 125 TRP 125 125 125 TRP TRP A . n 
A 1 126 LYS 126 126 126 LYS LYS A . n 
A 1 127 GLY 127 127 127 GLY GLY A . n 
A 1 128 ASP 128 128 128 ASP ASP A . n 
A 1 129 THR 129 129 129 THR THR A . n 
A 1 130 SER 130 130 130 SER SER A . n 
A 1 131 LYS 131 131 131 LYS LYS A . n 
A 1 132 ALA 132 132 132 ALA ALA A . n 
A 1 133 ASN 133 133 133 ASN ASN A . n 
A 1 134 LEU 134 134 134 LEU LEU A . n 
A 1 135 TYR 135 135 135 TYR TYR A . n 
A 1 136 VAL 136 136 136 VAL VAL A . n 
A 1 137 ASP 137 137 137 ASP ASP A . n 
A 1 138 ASP 138 138 138 ASP ASP A . n 
A 1 139 VAL 139 139 139 VAL VAL A . n 
A 1 140 TYR 140 140 140 TYR TYR A . n 
A 1 141 LEU 141 141 141 LEU LEU A . n 
A 1 142 VAL 142 142 142 VAL VAL A . n 
A 1 143 GLU 143 143 143 GLU GLU A . n 
A 1 144 VAL 144 144 144 VAL VAL A . n 
# 
loop_
_pdbx_nonpoly_scheme.asym_id 
_pdbx_nonpoly_scheme.entity_id 
_pdbx_nonpoly_scheme.mon_id 
_pdbx_nonpoly_scheme.ndb_seq_num 
_pdbx_nonpoly_scheme.pdb_seq_num 
_pdbx_nonpoly_scheme.auth_seq_num 
_pdbx_nonpoly_scheme.pdb_mon_id 
_pdbx_nonpoly_scheme.auth_mon_id 
_pdbx_nonpoly_scheme.pdb_strand_id 
_pdbx_nonpoly_scheme.pdb_ins_code 
C 3 CA  1   200 200 CA  CA  A . 
D 4 SO4 1   300 300 SO4 SO4 A . 
E 4 SO4 1   301 301 SO4 SO4 A . 
F 5 HOH 1   600 600 HOH HOH A . 
F 5 HOH 2   601 601 HOH HOH A . 
F 5 HOH 3   602 602 HOH HOH A . 
F 5 HOH 4   603 603 HOH HOH A . 
F 5 HOH 5   604 604 HOH HOH A . 
F 5 HOH 6   605 605 HOH HOH A . 
F 5 HOH 7   606 606 HOH HOH A . 
F 5 HOH 8   607 607 HOH HOH A . 
F 5 HOH 9   608 608 HOH HOH A . 
F 5 HOH 10  609 609 HOH HOH A . 
F 5 HOH 11  610 610 HOH HOH A . 
F 5 HOH 12  611 611 HOH HOH A . 
F 5 HOH 13  612 612 HOH HOH A . 
F 5 HOH 14  613 613 HOH HOH A . 
F 5 HOH 15  614 614 HOH HOH A . 
F 5 HOH 16  615 615 HOH HOH A . 
F 5 HOH 17  616 616 HOH HOH A . 
F 5 HOH 18  617 617 HOH HOH A . 
F 5 HOH 19  618 618 HOH HOH A . 
F 5 HOH 20  619 619 HOH HOH A . 
F 5 HOH 21  620 620 HOH HOH A . 
F 5 HOH 22  621 621 HOH HOH A . 
F 5 HOH 23  622 622 HOH HOH A . 
F 5 HOH 24  623 623 HOH HOH A . 
F 5 HOH 25  624 624 HOH HOH A . 
F 5 HOH 26  625 625 HOH HOH A . 
F 5 HOH 27  626 626 HOH HOH A . 
F 5 HOH 28  627 627 HOH HOH A . 
F 5 HOH 29  628 628 HOH HOH A . 
F 5 HOH 30  629 629 HOH HOH A . 
F 5 HOH 31  630 630 HOH HOH A . 
F 5 HOH 32  631 631 HOH HOH A . 
F 5 HOH 33  632 632 HOH HOH A . 
F 5 HOH 34  633 633 HOH HOH A . 
F 5 HOH 35  634 634 HOH HOH A . 
F 5 HOH 36  635 635 HOH HOH A . 
F 5 HOH 37  636 636 HOH HOH A . 
F 5 HOH 38  637 637 HOH HOH A . 
F 5 HOH 39  638 638 HOH HOH A . 
F 5 HOH 40  639 639 HOH HOH A . 
F 5 HOH 41  640 640 HOH HOH A . 
F 5 HOH 42  641 641 HOH HOH A . 
F 5 HOH 43  642 642 HOH HOH A . 
F 5 HOH 44  643 643 HOH HOH A . 
F 5 HOH 45  644 644 HOH HOH A . 
F 5 HOH 46  645 645 HOH HOH A . 
F 5 HOH 47  646 646 HOH HOH A . 
F 5 HOH 48  647 647 HOH HOH A . 
F 5 HOH 49  648 648 HOH HOH A . 
F 5 HOH 50  649 649 HOH HOH A . 
F 5 HOH 51  650 650 HOH HOH A . 
F 5 HOH 52  651 651 HOH HOH A . 
F 5 HOH 53  652 652 HOH HOH A . 
F 5 HOH 54  653 653 HOH HOH A . 
F 5 HOH 55  654 654 HOH HOH A . 
F 5 HOH 56  655 655 HOH HOH A . 
F 5 HOH 57  656 656 HOH HOH A . 
F 5 HOH 58  657 657 HOH HOH A . 
F 5 HOH 59  658 658 HOH HOH A . 
F 5 HOH 60  659 659 HOH HOH A . 
F 5 HOH 61  660 660 HOH HOH A . 
F 5 HOH 62  661 661 HOH HOH A . 
F 5 HOH 63  662 662 HOH HOH A . 
F 5 HOH 64  663 663 HOH HOH A . 
F 5 HOH 65  664 664 HOH HOH A . 
F 5 HOH 66  665 665 HOH HOH A . 
F 5 HOH 67  666 666 HOH HOH A . 
F 5 HOH 68  667 667 HOH HOH A . 
F 5 HOH 69  668 668 HOH HOH A . 
F 5 HOH 70  669 669 HOH HOH A . 
F 5 HOH 71  670 670 HOH HOH A . 
F 5 HOH 72  671 671 HOH HOH A . 
F 5 HOH 73  672 672 HOH HOH A . 
F 5 HOH 74  673 673 HOH HOH A . 
F 5 HOH 75  674 674 HOH HOH A . 
F 5 HOH 76  675 675 HOH HOH A . 
F 5 HOH 77  676 676 HOH HOH A . 
F 5 HOH 78  677 677 HOH HOH A . 
F 5 HOH 79  678 678 HOH HOH A . 
F 5 HOH 80  679 679 HOH HOH A . 
F 5 HOH 81  680 680 HOH HOH A . 
F 5 HOH 82  681 681 HOH HOH A . 
F 5 HOH 83  682 682 HOH HOH A . 
F 5 HOH 84  683 683 HOH HOH A . 
F 5 HOH 85  684 684 HOH HOH A . 
F 5 HOH 86  685 685 HOH HOH A . 
F 5 HOH 87  686 686 HOH HOH A . 
F 5 HOH 88  687 687 HOH HOH A . 
F 5 HOH 89  688 688 HOH HOH A . 
F 5 HOH 90  689 689 HOH HOH A . 
F 5 HOH 91  690 690 HOH HOH A . 
F 5 HOH 92  691 691 HOH HOH A . 
F 5 HOH 93  692 692 HOH HOH A . 
F 5 HOH 94  693 693 HOH HOH A . 
F 5 HOH 95  694 694 HOH HOH A . 
F 5 HOH 96  695 695 HOH HOH A . 
F 5 HOH 97  696 696 HOH HOH A . 
F 5 HOH 98  697 697 HOH HOH A . 
F 5 HOH 99  698 698 HOH HOH A . 
F 5 HOH 100 699 699 HOH HOH A . 
F 5 HOH 101 700 700 HOH HOH A . 
F 5 HOH 102 701 701 HOH HOH A . 
F 5 HOH 103 702 702 HOH HOH A . 
F 5 HOH 104 703 703 HOH HOH A . 
F 5 HOH 105 704 704 HOH HOH A . 
F 5 HOH 106 705 705 HOH HOH A . 
F 5 HOH 107 706 706 HOH HOH A . 
F 5 HOH 108 707 707 HOH HOH A . 
F 5 HOH 109 708 708 HOH HOH A . 
F 5 HOH 110 709 709 HOH HOH A . 
F 5 HOH 111 710 710 HOH HOH A . 
F 5 HOH 112 711 711 HOH HOH A . 
F 5 HOH 113 712 712 HOH HOH A . 
F 5 HOH 114 713 713 HOH HOH A . 
F 5 HOH 115 714 714 HOH HOH A . 
F 5 HOH 116 715 715 HOH HOH A . 
F 5 HOH 117 716 716 HOH HOH A . 
F 5 HOH 118 717 717 HOH HOH A . 
F 5 HOH 119 718 718 HOH HOH A . 
F 5 HOH 120 719 719 HOH HOH A . 
F 5 HOH 121 720 720 HOH HOH A . 
F 5 HOH 122 721 721 HOH HOH A . 
F 5 HOH 123 722 722 HOH HOH A . 
F 5 HOH 124 723 723 HOH HOH A . 
F 5 HOH 125 724 724 HOH HOH A . 
F 5 HOH 126 725 725 HOH HOH A . 
F 5 HOH 127 726 726 HOH HOH A . 
F 5 HOH 128 727 727 HOH HOH A . 
F 5 HOH 129 728 728 HOH HOH A . 
F 5 HOH 130 729 729 HOH HOH A . 
F 5 HOH 131 730 730 HOH HOH A . 
F 5 HOH 132 731 731 HOH HOH A . 
F 5 HOH 133 732 732 HOH HOH A . 
F 5 HOH 134 733 733 HOH HOH A . 
F 5 HOH 135 734 734 HOH HOH A . 
F 5 HOH 136 735 735 HOH HOH A . 
F 5 HOH 137 736 736 HOH HOH A . 
F 5 HOH 138 737 737 HOH HOH A . 
F 5 HOH 139 738 738 HOH HOH A . 
F 5 HOH 140 739 739 HOH HOH A . 
F 5 HOH 141 740 740 HOH HOH A . 
F 5 HOH 142 741 741 HOH HOH A . 
# 
loop_
_pdbx_struct_assembly.id 
_pdbx_struct_assembly.details 
_pdbx_struct_assembly.method_details 
_pdbx_struct_assembly.oligomeric_details 
_pdbx_struct_assembly.oligomeric_count 
1 author_defined_assembly   ?    monomeric 1 
2 software_defined_assembly PISA dimeric   2 
# 
loop_
_pdbx_struct_assembly_gen.assembly_id 
_pdbx_struct_assembly_gen.oper_expression 
_pdbx_struct_assembly_gen.asym_id_list 
1 1   A,B,C,D,E,F 
2 1,2 A,B,C,D,E,F 
# 
loop_
_pdbx_struct_assembly_prop.biol_id 
_pdbx_struct_assembly_prop.type 
_pdbx_struct_assembly_prop.value 
_pdbx_struct_assembly_prop.details 
2 'ABSA (A^2)' 2160  ? 
2 MORE         -94   ? 
2 'SSA (A^2)'  12300 ? 
# 
loop_
_pdbx_struct_oper_list.id 
_pdbx_struct_oper_list.type 
_pdbx_struct_oper_list.name 
_pdbx_struct_oper_list.symmetry_operation 
_pdbx_struct_oper_list.matrix[1][1] 
_pdbx_struct_oper_list.matrix[1][2] 
_pdbx_struct_oper_list.matrix[1][3] 
_pdbx_struct_oper_list.vector[1] 
_pdbx_struct_oper_list.matrix[2][1] 
_pdbx_struct_oper_list.matrix[2][2] 
_pdbx_struct_oper_list.matrix[2][3] 
_pdbx_struct_oper_list.vector[2] 
_pdbx_struct_oper_list.matrix[3][1] 
_pdbx_struct_oper_list.matrix[3][2] 
_pdbx_struct_oper_list.matrix[3][3] 
_pdbx_struct_oper_list.vector[3] 
1 'identity operation'         1_555 x,y,z   1.0000000000  0.0000000000  0.0000000000  0.0000000000  0.0000000000  1.0000000000  0.0000000000 0.0000000000  0.0000000000  0.0000000000 1.0000000000  0.0000000000   
2 'crystal symmetry operation' 4_555 x,-y,-z -0.5679270973 -0.5285276864 -0.6309653690 -9.8434085698 -0.5285276864 -0.3534852255 0.7718203678 17.5312189712 -0.6309653690 0.7718203678 -0.0785876772 -21.4255890725 
# 
loop_
_pdbx_struct_special_symmetry.id 
_pdbx_struct_special_symmetry.PDB_model_num 
_pdbx_struct_special_symmetry.auth_asym_id 
_pdbx_struct_special_symmetry.auth_comp_id 
_pdbx_struct_special_symmetry.auth_seq_id 
_pdbx_struct_special_symmetry.PDB_ins_code 
_pdbx_struct_special_symmetry.label_asym_id 
_pdbx_struct_special_symmetry.label_comp_id 
_pdbx_struct_special_symmetry.label_seq_id 
1 1 A HOH 604 ? F HOH . 
2 1 A HOH 627 ? F HOH . 
# 
loop_
_pdbx_struct_conn_angle.id 
_pdbx_struct_conn_angle.ptnr1_label_atom_id 
_pdbx_struct_conn_angle.ptnr1_label_alt_id 
_pdbx_struct_conn_angle.ptnr1_label_asym_id 
_pdbx_struct_conn_angle.ptnr1_label_comp_id 
_pdbx_struct_conn_angle.ptnr1_label_seq_id 
_pdbx_struct_conn_angle.ptnr1_auth_atom_id 
_pdbx_struct_conn_angle.ptnr1_auth_asym_id 
_pdbx_struct_conn_angle.ptnr1_auth_comp_id 
_pdbx_struct_conn_angle.ptnr1_auth_seq_id 
_pdbx_struct_conn_angle.ptnr1_PDB_ins_code 
_pdbx_struct_conn_angle.ptnr1_symmetry 
_pdbx_struct_conn_angle.ptnr2_label_atom_id 
_pdbx_struct_conn_angle.ptnr2_label_alt_id 
_pdbx_struct_conn_angle.ptnr2_label_asym_id 
_pdbx_struct_conn_angle.ptnr2_label_comp_id 
_pdbx_struct_conn_angle.ptnr2_label_seq_id 
_pdbx_struct_conn_angle.ptnr2_auth_atom_id 
_pdbx_struct_conn_angle.ptnr2_auth_asym_id 
_pdbx_struct_conn_angle.ptnr2_auth_comp_id 
_pdbx_struct_conn_angle.ptnr2_auth_seq_id 
_pdbx_struct_conn_angle.ptnr2_PDB_ins_code 
_pdbx_struct_conn_angle.ptnr2_symmetry 
_pdbx_struct_conn_angle.ptnr3_label_atom_id 
_pdbx_struct_conn_angle.ptnr3_label_alt_id 
_pdbx_struct_conn_angle.ptnr3_label_asym_id 
_pdbx_struct_conn_angle.ptnr3_label_comp_id 
_pdbx_struct_conn_angle.ptnr3_label_seq_id 
_pdbx_struct_conn_angle.ptnr3_auth_atom_id 
_pdbx_struct_conn_angle.ptnr3_auth_asym_id 
_pdbx_struct_conn_angle.ptnr3_auth_comp_id 
_pdbx_struct_conn_angle.ptnr3_auth_seq_id 
_pdbx_struct_conn_angle.ptnr3_PDB_ins_code 
_pdbx_struct_conn_angle.ptnr3_symmetry 
_pdbx_struct_conn_angle.value 
_pdbx_struct_conn_angle.value_esd 
1  O   ? A GLY 9   ? A GLY 9   ? 1_555 CA ? C CA . ? A CA 200 ? 1_555 OE2 ? A GLU 11  ? A GLU 11  ? 1_555 82.5  ? 
2  O   ? A GLY 9   ? A GLY 9   ? 1_555 CA ? C CA . ? A CA 200 ? 1_555 O   ? A ASN 33  ? A ASN 33  ? 1_555 164.1 ? 
3  OE2 ? A GLU 11  ? A GLU 11  ? 1_555 CA ? C CA . ? A CA 200 ? 1_555 O   ? A ASN 33  ? A ASN 33  ? 1_555 82.7  ? 
4  O   ? A GLY 9   ? A GLY 9   ? 1_555 CA ? C CA . ? A CA 200 ? 1_555 O   ? A LEU 36  ? A LEU 36  ? 1_555 85.1  ? 
5  OE2 ? A GLU 11  ? A GLU 11  ? 1_555 CA ? C CA . ? A CA 200 ? 1_555 O   ? A LEU 36  ? A LEU 36  ? 1_555 81.1  ? 
6  O   ? A ASN 33  ? A ASN 33  ? 1_555 CA ? C CA . ? A CA 200 ? 1_555 O   ? A LEU 36  ? A LEU 36  ? 1_555 98.2  ? 
7  O   ? A GLY 9   ? A GLY 9   ? 1_555 CA ? C CA . ? A CA 200 ? 1_555 OD2 ? A ASP 137 ? A ASP 137 ? 1_555 120.3 ? 
8  OE2 ? A GLU 11  ? A GLU 11  ? 1_555 CA ? C CA . ? A CA 200 ? 1_555 OD2 ? A ASP 137 ? A ASP 137 ? 1_555 152.2 ? 
9  O   ? A ASN 33  ? A ASN 33  ? 1_555 CA ? C CA . ? A CA 200 ? 1_555 OD2 ? A ASP 137 ? A ASP 137 ? 1_555 75.6  ? 
10 O   ? A LEU 36  ? A LEU 36  ? 1_555 CA ? C CA . ? A CA 200 ? 1_555 OD2 ? A ASP 137 ? A ASP 137 ? 1_555 84.9  ? 
11 O   ? A GLY 9   ? A GLY 9   ? 1_555 CA ? C CA . ? A CA 200 ? 1_555 OD1 ? A ASP 137 ? A ASP 137 ? 1_555 72.5  ? 
12 OE2 ? A GLU 11  ? A GLU 11  ? 1_555 CA ? C CA . ? A CA 200 ? 1_555 OD1 ? A ASP 137 ? A ASP 137 ? 1_555 155.0 ? 
13 O   ? A ASN 33  ? A ASN 33  ? 1_555 CA ? C CA . ? A CA 200 ? 1_555 OD1 ? A ASP 137 ? A ASP 137 ? 1_555 122.0 ? 
14 O   ? A LEU 36  ? A LEU 36  ? 1_555 CA ? C CA . ? A CA 200 ? 1_555 OD1 ? A ASP 137 ? A ASP 137 ? 1_555 98.0  ? 
15 OD2 ? A ASP 137 ? A ASP 137 ? 1_555 CA ? C CA . ? A CA 200 ? 1_555 OD1 ? A ASP 137 ? A ASP 137 ? 1_555 51.0  ? 
16 O   ? A GLY 9   ? A GLY 9   ? 1_555 CA ? C CA . ? A CA 200 ? 1_555 O   ? F HOH .   ? A HOH 605 ? 1_555 92.8  ? 
17 OE2 ? A GLU 11  ? A GLU 11  ? 1_555 CA ? C CA . ? A CA 200 ? 1_555 O   ? F HOH .   ? A HOH 605 ? 1_555 90.2  ? 
18 O   ? A ASN 33  ? A ASN 33  ? 1_555 CA ? C CA . ? A CA 200 ? 1_555 O   ? F HOH .   ? A HOH 605 ? 1_555 81.6  ? 
19 O   ? A LEU 36  ? A LEU 36  ? 1_555 CA ? C CA . ? A CA 200 ? 1_555 O   ? F HOH .   ? A HOH 605 ? 1_555 171.3 ? 
20 OD2 ? A ASP 137 ? A ASP 137 ? 1_555 CA ? C CA . ? A CA 200 ? 1_555 O   ? F HOH .   ? A HOH 605 ? 1_555 103.4 ? 
21 OD1 ? A ASP 137 ? A ASP 137 ? 1_555 CA ? C CA . ? A CA 200 ? 1_555 O   ? F HOH .   ? A HOH 605 ? 1_555 89.4  ? 
# 
loop_
_pdbx_audit_revision_history.ordinal 
_pdbx_audit_revision_history.data_content_type 
_pdbx_audit_revision_history.major_revision 
_pdbx_audit_revision_history.minor_revision 
_pdbx_audit_revision_history.revision_date 
1 'Structure model' 1 0 2010-08-25 
2 'Structure model' 1 1 2011-07-13 
3 'Structure model' 2 0 2020-07-29 
4 'Structure model' 2 1 2023-09-06 
# 
loop_
_pdbx_audit_revision_details.ordinal 
_pdbx_audit_revision_details.revision_ordinal 
_pdbx_audit_revision_details.data_content_type 
_pdbx_audit_revision_details.provider 
_pdbx_audit_revision_details.type 
_pdbx_audit_revision_details.description 
_pdbx_audit_revision_details.details 
1 1 'Structure model' repository 'Initial release' ?                          ? 
2 3 'Structure model' repository Remediation       'Carbohydrate remediation' ? 
# 
loop_
_pdbx_audit_revision_group.ordinal 
_pdbx_audit_revision_group.revision_ordinal 
_pdbx_audit_revision_group.data_content_type 
_pdbx_audit_revision_group.group 
1  2 'Structure model' 'Version format compliance' 
2  3 'Structure model' 'Atomic model'              
3  3 'Structure model' 'Data collection'           
4  3 'Structure model' 'Database references'       
5  3 'Structure model' 'Derived calculations'      
6  3 'Structure model' 'Structure summary'         
7  4 'Structure model' 'Data collection'           
8  4 'Structure model' 'Database references'       
9  4 'Structure model' 'Refinement description'    
10 4 'Structure model' 'Structure summary'         
# 
loop_
_pdbx_audit_revision_category.ordinal 
_pdbx_audit_revision_category.revision_ordinal 
_pdbx_audit_revision_category.data_content_type 
_pdbx_audit_revision_category.category 
1  3 'Structure model' atom_site                     
2  3 'Structure model' chem_comp                     
3  3 'Structure model' entity                        
4  3 'Structure model' pdbx_branch_scheme            
5  3 'Structure model' pdbx_chem_comp_identifier     
6  3 'Structure model' pdbx_entity_branch            
7  3 'Structure model' pdbx_entity_branch_descriptor 
8  3 'Structure model' pdbx_entity_branch_link       
9  3 'Structure model' pdbx_entity_branch_list       
10 3 'Structure model' pdbx_entity_nonpoly           
11 3 'Structure model' pdbx_nonpoly_scheme           
12 3 'Structure model' pdbx_struct_assembly_gen      
13 3 'Structure model' pdbx_struct_conn_angle        
14 3 'Structure model' pdbx_struct_special_symmetry  
15 3 'Structure model' struct_asym                   
16 3 'Structure model' struct_conn                   
17 3 'Structure model' struct_ref_seq_dif            
18 3 'Structure model' struct_site                   
19 3 'Structure model' struct_site_gen               
20 4 'Structure model' chem_comp                     
21 4 'Structure model' chem_comp_atom                
22 4 'Structure model' chem_comp_bond                
23 4 'Structure model' database_2                    
24 4 'Structure model' pdbx_initial_refinement_model 
# 
loop_
_pdbx_audit_revision_item.ordinal 
_pdbx_audit_revision_item.revision_ordinal 
_pdbx_audit_revision_item.data_content_type 
_pdbx_audit_revision_item.item 
1  3 'Structure model' '_atom_site.B_iso_or_equiv'                   
2  3 'Structure model' '_atom_site.Cartn_x'                          
3  3 'Structure model' '_atom_site.Cartn_y'                          
4  3 'Structure model' '_atom_site.Cartn_z'                          
5  3 'Structure model' '_atom_site.auth_asym_id'                     
6  3 'Structure model' '_atom_site.auth_atom_id'                     
7  3 'Structure model' '_atom_site.auth_comp_id'                     
8  3 'Structure model' '_atom_site.auth_seq_id'                      
9  3 'Structure model' '_atom_site.label_asym_id'                    
10 3 'Structure model' '_atom_site.label_atom_id'                    
11 3 'Structure model' '_atom_site.label_comp_id'                    
12 3 'Structure model' '_atom_site.label_entity_id'                  
13 3 'Structure model' '_atom_site.type_symbol'                      
14 3 'Structure model' '_chem_comp.name'                             
15 3 'Structure model' '_chem_comp.type'                             
16 3 'Structure model' '_pdbx_struct_assembly_gen.asym_id_list'      
17 3 'Structure model' '_pdbx_struct_conn_angle.ptnr1_auth_comp_id'  
18 3 'Structure model' '_pdbx_struct_conn_angle.ptnr1_auth_seq_id'   
19 3 'Structure model' '_pdbx_struct_conn_angle.ptnr1_label_asym_id' 
20 3 'Structure model' '_pdbx_struct_conn_angle.ptnr1_label_atom_id' 
21 3 'Structure model' '_pdbx_struct_conn_angle.ptnr1_label_comp_id' 
22 3 'Structure model' '_pdbx_struct_conn_angle.ptnr1_label_seq_id'  
23 3 'Structure model' '_pdbx_struct_conn_angle.ptnr2_label_asym_id' 
24 3 'Structure model' '_pdbx_struct_conn_angle.ptnr3_auth_comp_id'  
25 3 'Structure model' '_pdbx_struct_conn_angle.ptnr3_auth_seq_id'   
26 3 'Structure model' '_pdbx_struct_conn_angle.ptnr3_label_asym_id' 
27 3 'Structure model' '_pdbx_struct_conn_angle.ptnr3_label_atom_id' 
28 3 'Structure model' '_pdbx_struct_conn_angle.ptnr3_label_comp_id' 
29 3 'Structure model' '_pdbx_struct_conn_angle.ptnr3_label_seq_id'  
30 3 'Structure model' '_pdbx_struct_conn_angle.value'               
31 3 'Structure model' '_pdbx_struct_special_symmetry.label_asym_id' 
32 3 'Structure model' '_struct_conn.pdbx_dist_value'                
33 3 'Structure model' '_struct_conn.pdbx_leaving_atom_flag'         
34 3 'Structure model' '_struct_conn.ptnr1_auth_asym_id'             
35 3 'Structure model' '_struct_conn.ptnr1_auth_comp_id'             
36 3 'Structure model' '_struct_conn.ptnr1_auth_seq_id'              
37 3 'Structure model' '_struct_conn.ptnr1_label_asym_id'            
38 3 'Structure model' '_struct_conn.ptnr1_label_atom_id'            
39 3 'Structure model' '_struct_conn.ptnr1_label_comp_id'            
40 3 'Structure model' '_struct_conn.ptnr1_label_seq_id'             
41 3 'Structure model' '_struct_conn.ptnr2_auth_asym_id'             
42 3 'Structure model' '_struct_conn.ptnr2_auth_comp_id'             
43 3 'Structure model' '_struct_conn.ptnr2_auth_seq_id'              
44 3 'Structure model' '_struct_conn.ptnr2_label_asym_id'            
45 3 'Structure model' '_struct_conn.ptnr2_label_atom_id'            
46 3 'Structure model' '_struct_conn.ptnr2_label_comp_id'            
47 3 'Structure model' '_struct_ref_seq_dif.details'                 
48 4 'Structure model' '_chem_comp.pdbx_synonyms'                    
49 4 'Structure model' '_database_2.pdbx_DOI'                        
50 4 'Structure model' '_database_2.pdbx_database_accession'         
# 
loop_
_software.name 
_software.classification 
_software.version 
_software.citation_id 
_software.pdbx_ordinal 
MAR345dtb 'data collection' .        ? 1 
PHASER    phasing           .        ? 2 
REFMAC    refinement        5.5.0056 ? 3 
HKL-2000  'data reduction'  .        ? 4 
HKL-2000  'data scaling'    .        ? 5 
# 
loop_
_pdbx_validate_torsion.id 
_pdbx_validate_torsion.PDB_model_num 
_pdbx_validate_torsion.auth_comp_id 
_pdbx_validate_torsion.auth_asym_id 
_pdbx_validate_torsion.auth_seq_id 
_pdbx_validate_torsion.PDB_ins_code 
_pdbx_validate_torsion.label_alt_id 
_pdbx_validate_torsion.phi 
_pdbx_validate_torsion.psi 
1 1 SER A 16 ? ? 76.25   -3.70   
2 1 LYS A 85 ? ? -100.26 71.28   
3 1 ASP A 86 ? ? -123.64 -169.39 
4 1 ASN A 99 ? ? -141.77 13.30   
# 
loop_
_chem_comp_atom.comp_id 
_chem_comp_atom.atom_id 
_chem_comp_atom.type_symbol 
_chem_comp_atom.pdbx_aromatic_flag 
_chem_comp_atom.pdbx_stereo_config 
_chem_comp_atom.pdbx_ordinal 
ALA N    N  N N 1   
ALA CA   C  N S 2   
ALA C    C  N N 3   
ALA O    O  N N 4   
ALA CB   C  N N 5   
ALA OXT  O  N N 6   
ALA H    H  N N 7   
ALA H2   H  N N 8   
ALA HA   H  N N 9   
ALA HB1  H  N N 10  
ALA HB2  H  N N 11  
ALA HB3  H  N N 12  
ALA HXT  H  N N 13  
ASN N    N  N N 14  
ASN CA   C  N S 15  
ASN C    C  N N 16  
ASN O    O  N N 17  
ASN CB   C  N N 18  
ASN CG   C  N N 19  
ASN OD1  O  N N 20  
ASN ND2  N  N N 21  
ASN OXT  O  N N 22  
ASN H    H  N N 23  
ASN H2   H  N N 24  
ASN HA   H  N N 25  
ASN HB2  H  N N 26  
ASN HB3  H  N N 27  
ASN HD21 H  N N 28  
ASN HD22 H  N N 29  
ASN HXT  H  N N 30  
ASP N    N  N N 31  
ASP CA   C  N S 32  
ASP C    C  N N 33  
ASP O    O  N N 34  
ASP CB   C  N N 35  
ASP CG   C  N N 36  
ASP OD1  O  N N 37  
ASP OD2  O  N N 38  
ASP OXT  O  N N 39  
ASP H    H  N N 40  
ASP H2   H  N N 41  
ASP HA   H  N N 42  
ASP HB2  H  N N 43  
ASP HB3  H  N N 44  
ASP HD2  H  N N 45  
ASP HXT  H  N N 46  
BMA C1   C  N R 47  
BMA C2   C  N S 48  
BMA C3   C  N S 49  
BMA C4   C  N S 50  
BMA C5   C  N R 51  
BMA C6   C  N N 52  
BMA O1   O  N N 53  
BMA O2   O  N N 54  
BMA O3   O  N N 55  
BMA O4   O  N N 56  
BMA O5   O  N N 57  
BMA O6   O  N N 58  
BMA H1   H  N N 59  
BMA H2   H  N N 60  
BMA H3   H  N N 61  
BMA H4   H  N N 62  
BMA H5   H  N N 63  
BMA H61  H  N N 64  
BMA H62  H  N N 65  
BMA HO1  H  N N 66  
BMA HO2  H  N N 67  
BMA HO3  H  N N 68  
BMA HO4  H  N N 69  
BMA HO6  H  N N 70  
CA  CA   CA N N 71  
GLN N    N  N N 72  
GLN CA   C  N S 73  
GLN C    C  N N 74  
GLN O    O  N N 75  
GLN CB   C  N N 76  
GLN CG   C  N N 77  
GLN CD   C  N N 78  
GLN OE1  O  N N 79  
GLN NE2  N  N N 80  
GLN OXT  O  N N 81  
GLN H    H  N N 82  
GLN H2   H  N N 83  
GLN HA   H  N N 84  
GLN HB2  H  N N 85  
GLN HB3  H  N N 86  
GLN HG2  H  N N 87  
GLN HG3  H  N N 88  
GLN HE21 H  N N 89  
GLN HE22 H  N N 90  
GLN HXT  H  N N 91  
GLU N    N  N N 92  
GLU CA   C  N S 93  
GLU C    C  N N 94  
GLU O    O  N N 95  
GLU CB   C  N N 96  
GLU CG   C  N N 97  
GLU CD   C  N N 98  
GLU OE1  O  N N 99  
GLU OE2  O  N N 100 
GLU OXT  O  N N 101 
GLU H    H  N N 102 
GLU H2   H  N N 103 
GLU HA   H  N N 104 
GLU HB2  H  N N 105 
GLU HB3  H  N N 106 
GLU HG2  H  N N 107 
GLU HG3  H  N N 108 
GLU HE2  H  N N 109 
GLU HXT  H  N N 110 
GLY N    N  N N 111 
GLY CA   C  N N 112 
GLY C    C  N N 113 
GLY O    O  N N 114 
GLY OXT  O  N N 115 
GLY H    H  N N 116 
GLY H2   H  N N 117 
GLY HA2  H  N N 118 
GLY HA3  H  N N 119 
GLY HXT  H  N N 120 
HIS N    N  N N 121 
HIS CA   C  N S 122 
HIS C    C  N N 123 
HIS O    O  N N 124 
HIS CB   C  N N 125 
HIS CG   C  Y N 126 
HIS ND1  N  Y N 127 
HIS CD2  C  Y N 128 
HIS CE1  C  Y N 129 
HIS NE2  N  Y N 130 
HIS OXT  O  N N 131 
HIS H    H  N N 132 
HIS H2   H  N N 133 
HIS HA   H  N N 134 
HIS HB2  H  N N 135 
HIS HB3  H  N N 136 
HIS HD1  H  N N 137 
HIS HD2  H  N N 138 
HIS HE1  H  N N 139 
HIS HE2  H  N N 140 
HIS HXT  H  N N 141 
HOH O    O  N N 142 
HOH H1   H  N N 143 
HOH H2   H  N N 144 
ILE N    N  N N 145 
ILE CA   C  N S 146 
ILE C    C  N N 147 
ILE O    O  N N 148 
ILE CB   C  N S 149 
ILE CG1  C  N N 150 
ILE CG2  C  N N 151 
ILE CD1  C  N N 152 
ILE OXT  O  N N 153 
ILE H    H  N N 154 
ILE H2   H  N N 155 
ILE HA   H  N N 156 
ILE HB   H  N N 157 
ILE HG12 H  N N 158 
ILE HG13 H  N N 159 
ILE HG21 H  N N 160 
ILE HG22 H  N N 161 
ILE HG23 H  N N 162 
ILE HD11 H  N N 163 
ILE HD12 H  N N 164 
ILE HD13 H  N N 165 
ILE HXT  H  N N 166 
LEU N    N  N N 167 
LEU CA   C  N S 168 
LEU C    C  N N 169 
LEU O    O  N N 170 
LEU CB   C  N N 171 
LEU CG   C  N N 172 
LEU CD1  C  N N 173 
LEU CD2  C  N N 174 
LEU OXT  O  N N 175 
LEU H    H  N N 176 
LEU H2   H  N N 177 
LEU HA   H  N N 178 
LEU HB2  H  N N 179 
LEU HB3  H  N N 180 
LEU HG   H  N N 181 
LEU HD11 H  N N 182 
LEU HD12 H  N N 183 
LEU HD13 H  N N 184 
LEU HD21 H  N N 185 
LEU HD22 H  N N 186 
LEU HD23 H  N N 187 
LEU HXT  H  N N 188 
LYS N    N  N N 189 
LYS CA   C  N S 190 
LYS C    C  N N 191 
LYS O    O  N N 192 
LYS CB   C  N N 193 
LYS CG   C  N N 194 
LYS CD   C  N N 195 
LYS CE   C  N N 196 
LYS NZ   N  N N 197 
LYS OXT  O  N N 198 
LYS H    H  N N 199 
LYS H2   H  N N 200 
LYS HA   H  N N 201 
LYS HB2  H  N N 202 
LYS HB3  H  N N 203 
LYS HG2  H  N N 204 
LYS HG3  H  N N 205 
LYS HD2  H  N N 206 
LYS HD3  H  N N 207 
LYS HE2  H  N N 208 
LYS HE3  H  N N 209 
LYS HZ1  H  N N 210 
LYS HZ2  H  N N 211 
LYS HZ3  H  N N 212 
LYS HXT  H  N N 213 
MAN C1   C  N S 214 
MAN C2   C  N S 215 
MAN C3   C  N S 216 
MAN C4   C  N S 217 
MAN C5   C  N R 218 
MAN C6   C  N N 219 
MAN O1   O  N N 220 
MAN O2   O  N N 221 
MAN O3   O  N N 222 
MAN O4   O  N N 223 
MAN O5   O  N N 224 
MAN O6   O  N N 225 
MAN H1   H  N N 226 
MAN H2   H  N N 227 
MAN H3   H  N N 228 
MAN H4   H  N N 229 
MAN H5   H  N N 230 
MAN H61  H  N N 231 
MAN H62  H  N N 232 
MAN HO1  H  N N 233 
MAN HO2  H  N N 234 
MAN HO3  H  N N 235 
MAN HO4  H  N N 236 
MAN HO6  H  N N 237 
MET N    N  N N 238 
MET CA   C  N S 239 
MET C    C  N N 240 
MET O    O  N N 241 
MET CB   C  N N 242 
MET CG   C  N N 243 
MET SD   S  N N 244 
MET CE   C  N N 245 
MET OXT  O  N N 246 
MET H    H  N N 247 
MET H2   H  N N 248 
MET HA   H  N N 249 
MET HB2  H  N N 250 
MET HB3  H  N N 251 
MET HG2  H  N N 252 
MET HG3  H  N N 253 
MET HE1  H  N N 254 
MET HE2  H  N N 255 
MET HE3  H  N N 256 
MET HXT  H  N N 257 
PHE N    N  N N 258 
PHE CA   C  N S 259 
PHE C    C  N N 260 
PHE O    O  N N 261 
PHE CB   C  N N 262 
PHE CG   C  Y N 263 
PHE CD1  C  Y N 264 
PHE CD2  C  Y N 265 
PHE CE1  C  Y N 266 
PHE CE2  C  Y N 267 
PHE CZ   C  Y N 268 
PHE OXT  O  N N 269 
PHE H    H  N N 270 
PHE H2   H  N N 271 
PHE HA   H  N N 272 
PHE HB2  H  N N 273 
PHE HB3  H  N N 274 
PHE HD1  H  N N 275 
PHE HD2  H  N N 276 
PHE HE1  H  N N 277 
PHE HE2  H  N N 278 
PHE HZ   H  N N 279 
PHE HXT  H  N N 280 
PRO N    N  N N 281 
PRO CA   C  N S 282 
PRO C    C  N N 283 
PRO O    O  N N 284 
PRO CB   C  N N 285 
PRO CG   C  N N 286 
PRO CD   C  N N 287 
PRO OXT  O  N N 288 
PRO H    H  N N 289 
PRO HA   H  N N 290 
PRO HB2  H  N N 291 
PRO HB3  H  N N 292 
PRO HG2  H  N N 293 
PRO HG3  H  N N 294 
PRO HD2  H  N N 295 
PRO HD3  H  N N 296 
PRO HXT  H  N N 297 
SER N    N  N N 298 
SER CA   C  N S 299 
SER C    C  N N 300 
SER O    O  N N 301 
SER CB   C  N N 302 
SER OG   O  N N 303 
SER OXT  O  N N 304 
SER H    H  N N 305 
SER H2   H  N N 306 
SER HA   H  N N 307 
SER HB2  H  N N 308 
SER HB3  H  N N 309 
SER HG   H  N N 310 
SER HXT  H  N N 311 
SO4 S    S  N N 312 
SO4 O1   O  N N 313 
SO4 O2   O  N N 314 
SO4 O3   O  N N 315 
SO4 O4   O  N N 316 
THR N    N  N N 317 
THR CA   C  N S 318 
THR C    C  N N 319 
THR O    O  N N 320 
THR CB   C  N R 321 
THR OG1  O  N N 322 
THR CG2  C  N N 323 
THR OXT  O  N N 324 
THR H    H  N N 325 
THR H2   H  N N 326 
THR HA   H  N N 327 
THR HB   H  N N 328 
THR HG1  H  N N 329 
THR HG21 H  N N 330 
THR HG22 H  N N 331 
THR HG23 H  N N 332 
THR HXT  H  N N 333 
TRP N    N  N N 334 
TRP CA   C  N S 335 
TRP C    C  N N 336 
TRP O    O  N N 337 
TRP CB   C  N N 338 
TRP CG   C  Y N 339 
TRP CD1  C  Y N 340 
TRP CD2  C  Y N 341 
TRP NE1  N  Y N 342 
TRP CE2  C  Y N 343 
TRP CE3  C  Y N 344 
TRP CZ2  C  Y N 345 
TRP CZ3  C  Y N 346 
TRP CH2  C  Y N 347 
TRP OXT  O  N N 348 
TRP H    H  N N 349 
TRP H2   H  N N 350 
TRP HA   H  N N 351 
TRP HB2  H  N N 352 
TRP HB3  H  N N 353 
TRP HD1  H  N N 354 
TRP HE1  H  N N 355 
TRP HE3  H  N N 356 
TRP HZ2  H  N N 357 
TRP HZ3  H  N N 358 
TRP HH2  H  N N 359 
TRP HXT  H  N N 360 
TYR N    N  N N 361 
TYR CA   C  N S 362 
TYR C    C  N N 363 
TYR O    O  N N 364 
TYR CB   C  N N 365 
TYR CG   C  Y N 366 
TYR CD1  C  Y N 367 
TYR CD2  C  Y N 368 
TYR CE1  C  Y N 369 
TYR CE2  C  Y N 370 
TYR CZ   C  Y N 371 
TYR OH   O  N N 372 
TYR OXT  O  N N 373 
TYR H    H  N N 374 
TYR H2   H  N N 375 
TYR HA   H  N N 376 
TYR HB2  H  N N 377 
TYR HB3  H  N N 378 
TYR HD1  H  N N 379 
TYR HD2  H  N N 380 
TYR HE1  H  N N 381 
TYR HE2  H  N N 382 
TYR HH   H  N N 383 
TYR HXT  H  N N 384 
VAL N    N  N N 385 
VAL CA   C  N S 386 
VAL C    C  N N 387 
VAL O    O  N N 388 
VAL CB   C  N N 389 
VAL CG1  C  N N 390 
VAL CG2  C  N N 391 
VAL OXT  O  N N 392 
VAL H    H  N N 393 
VAL H2   H  N N 394 
VAL HA   H  N N 395 
VAL HB   H  N N 396 
VAL HG11 H  N N 397 
VAL HG12 H  N N 398 
VAL HG13 H  N N 399 
VAL HG21 H  N N 400 
VAL HG22 H  N N 401 
VAL HG23 H  N N 402 
VAL HXT  H  N N 403 
# 
loop_
_chem_comp_bond.comp_id 
_chem_comp_bond.atom_id_1 
_chem_comp_bond.atom_id_2 
_chem_comp_bond.value_order 
_chem_comp_bond.pdbx_aromatic_flag 
_chem_comp_bond.pdbx_stereo_config 
_chem_comp_bond.pdbx_ordinal 
ALA N   CA   sing N N 1   
ALA N   H    sing N N 2   
ALA N   H2   sing N N 3   
ALA CA  C    sing N N 4   
ALA CA  CB   sing N N 5   
ALA CA  HA   sing N N 6   
ALA C   O    doub N N 7   
ALA C   OXT  sing N N 8   
ALA CB  HB1  sing N N 9   
ALA CB  HB2  sing N N 10  
ALA CB  HB3  sing N N 11  
ALA OXT HXT  sing N N 12  
ASN N   CA   sing N N 13  
ASN N   H    sing N N 14  
ASN N   H2   sing N N 15  
ASN CA  C    sing N N 16  
ASN CA  CB   sing N N 17  
ASN CA  HA   sing N N 18  
ASN C   O    doub N N 19  
ASN C   OXT  sing N N 20  
ASN CB  CG   sing N N 21  
ASN CB  HB2  sing N N 22  
ASN CB  HB3  sing N N 23  
ASN CG  OD1  doub N N 24  
ASN CG  ND2  sing N N 25  
ASN ND2 HD21 sing N N 26  
ASN ND2 HD22 sing N N 27  
ASN OXT HXT  sing N N 28  
ASP N   CA   sing N N 29  
ASP N   H    sing N N 30  
ASP N   H2   sing N N 31  
ASP CA  C    sing N N 32  
ASP CA  CB   sing N N 33  
ASP CA  HA   sing N N 34  
ASP C   O    doub N N 35  
ASP C   OXT  sing N N 36  
ASP CB  CG   sing N N 37  
ASP CB  HB2  sing N N 38  
ASP CB  HB3  sing N N 39  
ASP CG  OD1  doub N N 40  
ASP CG  OD2  sing N N 41  
ASP OD2 HD2  sing N N 42  
ASP OXT HXT  sing N N 43  
BMA C1  C2   sing N N 44  
BMA C1  O1   sing N N 45  
BMA C1  O5   sing N N 46  
BMA C1  H1   sing N N 47  
BMA C2  C3   sing N N 48  
BMA C2  O2   sing N N 49  
BMA C2  H2   sing N N 50  
BMA C3  C4   sing N N 51  
BMA C3  O3   sing N N 52  
BMA C3  H3   sing N N 53  
BMA C4  C5   sing N N 54  
BMA C4  O4   sing N N 55  
BMA C4  H4   sing N N 56  
BMA C5  C6   sing N N 57  
BMA C5  O5   sing N N 58  
BMA C5  H5   sing N N 59  
BMA C6  O6   sing N N 60  
BMA C6  H61  sing N N 61  
BMA C6  H62  sing N N 62  
BMA O1  HO1  sing N N 63  
BMA O2  HO2  sing N N 64  
BMA O3  HO3  sing N N 65  
BMA O4  HO4  sing N N 66  
BMA O6  HO6  sing N N 67  
GLN N   CA   sing N N 68  
GLN N   H    sing N N 69  
GLN N   H2   sing N N 70  
GLN CA  C    sing N N 71  
GLN CA  CB   sing N N 72  
GLN CA  HA   sing N N 73  
GLN C   O    doub N N 74  
GLN C   OXT  sing N N 75  
GLN CB  CG   sing N N 76  
GLN CB  HB2  sing N N 77  
GLN CB  HB3  sing N N 78  
GLN CG  CD   sing N N 79  
GLN CG  HG2  sing N N 80  
GLN CG  HG3  sing N N 81  
GLN CD  OE1  doub N N 82  
GLN CD  NE2  sing N N 83  
GLN NE2 HE21 sing N N 84  
GLN NE2 HE22 sing N N 85  
GLN OXT HXT  sing N N 86  
GLU N   CA   sing N N 87  
GLU N   H    sing N N 88  
GLU N   H2   sing N N 89  
GLU CA  C    sing N N 90  
GLU CA  CB   sing N N 91  
GLU CA  HA   sing N N 92  
GLU C   O    doub N N 93  
GLU C   OXT  sing N N 94  
GLU CB  CG   sing N N 95  
GLU CB  HB2  sing N N 96  
GLU CB  HB3  sing N N 97  
GLU CG  CD   sing N N 98  
GLU CG  HG2  sing N N 99  
GLU CG  HG3  sing N N 100 
GLU CD  OE1  doub N N 101 
GLU CD  OE2  sing N N 102 
GLU OE2 HE2  sing N N 103 
GLU OXT HXT  sing N N 104 
GLY N   CA   sing N N 105 
GLY N   H    sing N N 106 
GLY N   H2   sing N N 107 
GLY CA  C    sing N N 108 
GLY CA  HA2  sing N N 109 
GLY CA  HA3  sing N N 110 
GLY C   O    doub N N 111 
GLY C   OXT  sing N N 112 
GLY OXT HXT  sing N N 113 
HIS N   CA   sing N N 114 
HIS N   H    sing N N 115 
HIS N   H2   sing N N 116 
HIS CA  C    sing N N 117 
HIS CA  CB   sing N N 118 
HIS CA  HA   sing N N 119 
HIS C   O    doub N N 120 
HIS C   OXT  sing N N 121 
HIS CB  CG   sing N N 122 
HIS CB  HB2  sing N N 123 
HIS CB  HB3  sing N N 124 
HIS CG  ND1  sing Y N 125 
HIS CG  CD2  doub Y N 126 
HIS ND1 CE1  doub Y N 127 
HIS ND1 HD1  sing N N 128 
HIS CD2 NE2  sing Y N 129 
HIS CD2 HD2  sing N N 130 
HIS CE1 NE2  sing Y N 131 
HIS CE1 HE1  sing N N 132 
HIS NE2 HE2  sing N N 133 
HIS OXT HXT  sing N N 134 
HOH O   H1   sing N N 135 
HOH O   H2   sing N N 136 
ILE N   CA   sing N N 137 
ILE N   H    sing N N 138 
ILE N   H2   sing N N 139 
ILE CA  C    sing N N 140 
ILE CA  CB   sing N N 141 
ILE CA  HA   sing N N 142 
ILE C   O    doub N N 143 
ILE C   OXT  sing N N 144 
ILE CB  CG1  sing N N 145 
ILE CB  CG2  sing N N 146 
ILE CB  HB   sing N N 147 
ILE CG1 CD1  sing N N 148 
ILE CG1 HG12 sing N N 149 
ILE CG1 HG13 sing N N 150 
ILE CG2 HG21 sing N N 151 
ILE CG2 HG22 sing N N 152 
ILE CG2 HG23 sing N N 153 
ILE CD1 HD11 sing N N 154 
ILE CD1 HD12 sing N N 155 
ILE CD1 HD13 sing N N 156 
ILE OXT HXT  sing N N 157 
LEU N   CA   sing N N 158 
LEU N   H    sing N N 159 
LEU N   H2   sing N N 160 
LEU CA  C    sing N N 161 
LEU CA  CB   sing N N 162 
LEU CA  HA   sing N N 163 
LEU C   O    doub N N 164 
LEU C   OXT  sing N N 165 
LEU CB  CG   sing N N 166 
LEU CB  HB2  sing N N 167 
LEU CB  HB3  sing N N 168 
LEU CG  CD1  sing N N 169 
LEU CG  CD2  sing N N 170 
LEU CG  HG   sing N N 171 
LEU CD1 HD11 sing N N 172 
LEU CD1 HD12 sing N N 173 
LEU CD1 HD13 sing N N 174 
LEU CD2 HD21 sing N N 175 
LEU CD2 HD22 sing N N 176 
LEU CD2 HD23 sing N N 177 
LEU OXT HXT  sing N N 178 
LYS N   CA   sing N N 179 
LYS N   H    sing N N 180 
LYS N   H2   sing N N 181 
LYS CA  C    sing N N 182 
LYS CA  CB   sing N N 183 
LYS CA  HA   sing N N 184 
LYS C   O    doub N N 185 
LYS C   OXT  sing N N 186 
LYS CB  CG   sing N N 187 
LYS CB  HB2  sing N N 188 
LYS CB  HB3  sing N N 189 
LYS CG  CD   sing N N 190 
LYS CG  HG2  sing N N 191 
LYS CG  HG3  sing N N 192 
LYS CD  CE   sing N N 193 
LYS CD  HD2  sing N N 194 
LYS CD  HD3  sing N N 195 
LYS CE  NZ   sing N N 196 
LYS CE  HE2  sing N N 197 
LYS CE  HE3  sing N N 198 
LYS NZ  HZ1  sing N N 199 
LYS NZ  HZ2  sing N N 200 
LYS NZ  HZ3  sing N N 201 
LYS OXT HXT  sing N N 202 
MAN C1  C2   sing N N 203 
MAN C1  O1   sing N N 204 
MAN C1  O5   sing N N 205 
MAN C1  H1   sing N N 206 
MAN C2  C3   sing N N 207 
MAN C2  O2   sing N N 208 
MAN C2  H2   sing N N 209 
MAN C3  C4   sing N N 210 
MAN C3  O3   sing N N 211 
MAN C3  H3   sing N N 212 
MAN C4  C5   sing N N 213 
MAN C4  O4   sing N N 214 
MAN C4  H4   sing N N 215 
MAN C5  C6   sing N N 216 
MAN C5  O5   sing N N 217 
MAN C5  H5   sing N N 218 
MAN C6  O6   sing N N 219 
MAN C6  H61  sing N N 220 
MAN C6  H62  sing N N 221 
MAN O1  HO1  sing N N 222 
MAN O2  HO2  sing N N 223 
MAN O3  HO3  sing N N 224 
MAN O4  HO4  sing N N 225 
MAN O6  HO6  sing N N 226 
MET N   CA   sing N N 227 
MET N   H    sing N N 228 
MET N   H2   sing N N 229 
MET CA  C    sing N N 230 
MET CA  CB   sing N N 231 
MET CA  HA   sing N N 232 
MET C   O    doub N N 233 
MET C   OXT  sing N N 234 
MET CB  CG   sing N N 235 
MET CB  HB2  sing N N 236 
MET CB  HB3  sing N N 237 
MET CG  SD   sing N N 238 
MET CG  HG2  sing N N 239 
MET CG  HG3  sing N N 240 
MET SD  CE   sing N N 241 
MET CE  HE1  sing N N 242 
MET CE  HE2  sing N N 243 
MET CE  HE3  sing N N 244 
MET OXT HXT  sing N N 245 
PHE N   CA   sing N N 246 
PHE N   H    sing N N 247 
PHE N   H2   sing N N 248 
PHE CA  C    sing N N 249 
PHE CA  CB   sing N N 250 
PHE CA  HA   sing N N 251 
PHE C   O    doub N N 252 
PHE C   OXT  sing N N 253 
PHE CB  CG   sing N N 254 
PHE CB  HB2  sing N N 255 
PHE CB  HB3  sing N N 256 
PHE CG  CD1  doub Y N 257 
PHE CG  CD2  sing Y N 258 
PHE CD1 CE1  sing Y N 259 
PHE CD1 HD1  sing N N 260 
PHE CD2 CE2  doub Y N 261 
PHE CD2 HD2  sing N N 262 
PHE CE1 CZ   doub Y N 263 
PHE CE1 HE1  sing N N 264 
PHE CE2 CZ   sing Y N 265 
PHE CE2 HE2  sing N N 266 
PHE CZ  HZ   sing N N 267 
PHE OXT HXT  sing N N 268 
PRO N   CA   sing N N 269 
PRO N   CD   sing N N 270 
PRO N   H    sing N N 271 
PRO CA  C    sing N N 272 
PRO CA  CB   sing N N 273 
PRO CA  HA   sing N N 274 
PRO C   O    doub N N 275 
PRO C   OXT  sing N N 276 
PRO CB  CG   sing N N 277 
PRO CB  HB2  sing N N 278 
PRO CB  HB3  sing N N 279 
PRO CG  CD   sing N N 280 
PRO CG  HG2  sing N N 281 
PRO CG  HG3  sing N N 282 
PRO CD  HD2  sing N N 283 
PRO CD  HD3  sing N N 284 
PRO OXT HXT  sing N N 285 
SER N   CA   sing N N 286 
SER N   H    sing N N 287 
SER N   H2   sing N N 288 
SER CA  C    sing N N 289 
SER CA  CB   sing N N 290 
SER CA  HA   sing N N 291 
SER C   O    doub N N 292 
SER C   OXT  sing N N 293 
SER CB  OG   sing N N 294 
SER CB  HB2  sing N N 295 
SER CB  HB3  sing N N 296 
SER OG  HG   sing N N 297 
SER OXT HXT  sing N N 298 
SO4 S   O1   doub N N 299 
SO4 S   O2   doub N N 300 
SO4 S   O3   sing N N 301 
SO4 S   O4   sing N N 302 
THR N   CA   sing N N 303 
THR N   H    sing N N 304 
THR N   H2   sing N N 305 
THR CA  C    sing N N 306 
THR CA  CB   sing N N 307 
THR CA  HA   sing N N 308 
THR C   O    doub N N 309 
THR C   OXT  sing N N 310 
THR CB  OG1  sing N N 311 
THR CB  CG2  sing N N 312 
THR CB  HB   sing N N 313 
THR OG1 HG1  sing N N 314 
THR CG2 HG21 sing N N 315 
THR CG2 HG22 sing N N 316 
THR CG2 HG23 sing N N 317 
THR OXT HXT  sing N N 318 
TRP N   CA   sing N N 319 
TRP N   H    sing N N 320 
TRP N   H2   sing N N 321 
TRP CA  C    sing N N 322 
TRP CA  CB   sing N N 323 
TRP CA  HA   sing N N 324 
TRP C   O    doub N N 325 
TRP C   OXT  sing N N 326 
TRP CB  CG   sing N N 327 
TRP CB  HB2  sing N N 328 
TRP CB  HB3  sing N N 329 
TRP CG  CD1  doub Y N 330 
TRP CG  CD2  sing Y N 331 
TRP CD1 NE1  sing Y N 332 
TRP CD1 HD1  sing N N 333 
TRP CD2 CE2  doub Y N 334 
TRP CD2 CE3  sing Y N 335 
TRP NE1 CE2  sing Y N 336 
TRP NE1 HE1  sing N N 337 
TRP CE2 CZ2  sing Y N 338 
TRP CE3 CZ3  doub Y N 339 
TRP CE3 HE3  sing N N 340 
TRP CZ2 CH2  doub Y N 341 
TRP CZ2 HZ2  sing N N 342 
TRP CZ3 CH2  sing Y N 343 
TRP CZ3 HZ3  sing N N 344 
TRP CH2 HH2  sing N N 345 
TRP OXT HXT  sing N N 346 
TYR N   CA   sing N N 347 
TYR N   H    sing N N 348 
TYR N   H2   sing N N 349 
TYR CA  C    sing N N 350 
TYR CA  CB   sing N N 351 
TYR CA  HA   sing N N 352 
TYR C   O    doub N N 353 
TYR C   OXT  sing N N 354 
TYR CB  CG   sing N N 355 
TYR CB  HB2  sing N N 356 
TYR CB  HB3  sing N N 357 
TYR CG  CD1  doub Y N 358 
TYR CG  CD2  sing Y N 359 
TYR CD1 CE1  sing Y N 360 
TYR CD1 HD1  sing N N 361 
TYR CD2 CE2  doub Y N 362 
TYR CD2 HD2  sing N N 363 
TYR CE1 CZ   doub Y N 364 
TYR CE1 HE1  sing N N 365 
TYR CE2 CZ   sing Y N 366 
TYR CE2 HE2  sing N N 367 
TYR CZ  OH   sing N N 368 
TYR OH  HH   sing N N 369 
TYR OXT HXT  sing N N 370 
VAL N   CA   sing N N 371 
VAL N   H    sing N N 372 
VAL N   H2   sing N N 373 
VAL CA  C    sing N N 374 
VAL CA  CB   sing N N 375 
VAL CA  HA   sing N N 376 
VAL C   O    doub N N 377 
VAL C   OXT  sing N N 378 
VAL CB  CG1  sing N N 379 
VAL CB  CG2  sing N N 380 
VAL CB  HB   sing N N 381 
VAL CG1 HG11 sing N N 382 
VAL CG1 HG12 sing N N 383 
VAL CG1 HG13 sing N N 384 
VAL CG2 HG21 sing N N 385 
VAL CG2 HG22 sing N N 386 
VAL CG2 HG23 sing N N 387 
VAL OXT HXT  sing N N 388 
# 
loop_
_pdbx_branch_scheme.asym_id 
_pdbx_branch_scheme.entity_id 
_pdbx_branch_scheme.mon_id 
_pdbx_branch_scheme.num 
_pdbx_branch_scheme.pdb_asym_id 
_pdbx_branch_scheme.pdb_mon_id 
_pdbx_branch_scheme.pdb_seq_num 
_pdbx_branch_scheme.auth_asym_id 
_pdbx_branch_scheme.auth_mon_id 
_pdbx_branch_scheme.auth_seq_num 
_pdbx_branch_scheme.hetero 
B 2 MAN 1 B MAN 1 A MAN 500 n 
B 2 BMA 2 B BMA 2 A BMA 501 n 
B 2 BMA 3 B BMA 3 A BMA 502 n 
B 2 BMA 4 B BMA 4 A BMA 503 n 
B 2 BMA 5 B BMA 5 A BMA 504 n 
# 
loop_
_pdbx_chem_comp_identifier.comp_id 
_pdbx_chem_comp_identifier.type 
_pdbx_chem_comp_identifier.program 
_pdbx_chem_comp_identifier.program_version 
_pdbx_chem_comp_identifier.identifier 
BMA 'CONDENSED IUPAC CARBOHYDRATE SYMBOL' GMML     1.0 DManpb            
BMA 'COMMON NAME'                         GMML     1.0 b-D-mannopyranose 
BMA 'IUPAC CARBOHYDRATE SYMBOL'           PDB-CARE 1.0 b-D-Manp          
BMA 'SNFG CARBOHYDRATE SYMBOL'            GMML     1.0 Man               
MAN 'CONDENSED IUPAC CARBOHYDRATE SYMBOL' GMML     1.0 DManpa            
MAN 'COMMON NAME'                         GMML     1.0 a-D-mannopyranose 
MAN 'IUPAC CARBOHYDRATE SYMBOL'           PDB-CARE 1.0 a-D-Manp          
MAN 'SNFG CARBOHYDRATE SYMBOL'            GMML     1.0 Man               
# 
_pdbx_entity_branch.entity_id   2 
_pdbx_entity_branch.type        oligosaccharide 
# 
loop_
_pdbx_entity_branch_descriptor.ordinal 
_pdbx_entity_branch_descriptor.entity_id 
_pdbx_entity_branch_descriptor.descriptor 
_pdbx_entity_branch_descriptor.type 
_pdbx_entity_branch_descriptor.program 
_pdbx_entity_branch_descriptor.program_version 
1 2 DManpb1-4DManpb1-4DManpb1-4DManpb1-4DManpa1-ROH                                              'Glycam Condensed Sequence' GMML 
1.0   
2 2 'WURCS=2.0/2,5,4/[a1122h-1a_1-5][a1122h-1b_1-5]/1-2-2-2-2/a4-b1_b4-c1_c4-d1_d4-e1'           WURCS                       
PDB2Glycan 1.1.0 
3 2 '[][a-D-Manp]{[(4+1)][b-D-Manp]{[(4+1)][b-D-Manp]{[(4+1)][b-D-Manp]{[(4+1)][b-D-Manp]{}}}}}' LINUCS                      
PDB-CARE   ?     
# 
loop_
_pdbx_entity_branch_link.link_id 
_pdbx_entity_branch_link.entity_id 
_pdbx_entity_branch_link.entity_branch_list_num_1 
_pdbx_entity_branch_link.comp_id_1 
_pdbx_entity_branch_link.atom_id_1 
_pdbx_entity_branch_link.leaving_atom_id_1 
_pdbx_entity_branch_link.entity_branch_list_num_2 
_pdbx_entity_branch_link.comp_id_2 
_pdbx_entity_branch_link.atom_id_2 
_pdbx_entity_branch_link.leaving_atom_id_2 
_pdbx_entity_branch_link.value_order 
_pdbx_entity_branch_link.details 
1 2 2 BMA C1 O1 1 MAN O4 HO4 sing ? 
2 2 3 BMA C1 O1 2 BMA O4 HO4 sing ? 
3 2 4 BMA C1 O1 3 BMA O4 HO4 sing ? 
4 2 5 BMA C1 O1 4 BMA O4 HO4 sing ? 
# 
loop_
_pdbx_entity_branch_list.entity_id 
_pdbx_entity_branch_list.comp_id 
_pdbx_entity_branch_list.num 
_pdbx_entity_branch_list.hetero 
2 MAN 1 n 
2 BMA 2 n 
2 BMA 3 n 
2 BMA 4 n 
2 BMA 5 n 
# 
loop_
_pdbx_entity_nonpoly.entity_id 
_pdbx_entity_nonpoly.name 
_pdbx_entity_nonpoly.comp_id 
3 'CALCIUM ION' CA  
4 'SULFATE ION' SO4 
5 water         HOH 
# 
_pdbx_initial_refinement_model.id               1 
_pdbx_initial_refinement_model.entity_id_list   ? 
_pdbx_initial_refinement_model.type             'experimental model' 
_pdbx_initial_refinement_model.source_name      PDB 
_pdbx_initial_refinement_model.accession_code   2ZEY 
_pdbx_initial_refinement_model.details          'pdb entry 2ZEY' 
# 
